data_9BHT
#
_entry.id   9BHT
#
_cell.length_a   1.00
_cell.length_b   1.00
_cell.length_c   1.00
_cell.angle_alpha   90.00
_cell.angle_beta   90.00
_cell.angle_gamma   90.00
#
_symmetry.space_group_name_H-M   'P 1'
#
loop_
_entity.id
_entity.type
_entity.pdbx_description
1 polymer CiSeptin-2
2 polymer CiSeptin-6
3 polymer CiSeptin-7
4 non-polymer "GUANOSINE-5'-DIPHOSPHATE"
5 non-polymer "GUANOSINE-5'-TRIPHOSPHATE"
#
loop_
_entity_poly.entity_id
_entity_poly.type
_entity_poly.pdbx_seq_one_letter_code
_entity_poly.pdbx_strand_id
1 'polypeptide(L)'
;MGSSHHHHHHSSGLVPRGSHMASMTGGQQMGRGSMEKHQLERHRSIRKNARIVSHFSPDPKYNPSEIRKKYEGYTSPASK
EREEQVKFKFTNPETPGYVGFANLPNQVHRKSVKKGFEFTLMVAGESGLGKSTLVNSLFLTDLYPERCIPPAADKITQTV
KIDASTVEIEERGVKLRLTVVDTPGYGDAINCSDCYKPIIQYIDDQFERYLHDESGLNRRHIVDNRVHSCFYFISSQGHG
LKPLDIEFMKALHNKVNIVPVLSKADSLTMPEVKRLKRRILEEIAAHEIQIYQLPDADEDEDEEFKEQTRCLKESIPFAV
VGSTQMIEVKGKKVRGRLYPWGVVEVENPDHCDFLKLRTMLITHMQDLQEVTHDLHYENFRARRLQSKDGEPANVSVDSG
SNNRALQEKEAELQRMQEMVQQMQAQIKAQSKSSPTGSKVVSHQI
;
A,F
2 'polypeptide(L)'
;MVKMEKDEAAGDYNGSVDEGMRTLNLSGHVGFDSLPDQLVNKATNQGFCFNILCIGETGLGKSTLMNTLFNTNFENEPQH
HNMPGVKLKANTYELQESNVRLKLTIVDSVGFGDQINKEESFKPVVEYINQQFENYLQEELKICRSLFSYHDTRIHACLY
FISPTGHGLKSLDLKTMKNLDNKVNIIPVIAKADIVSKGELHKFKIKIMNELVTNGVQIYQFPTDDETVAEVNASMNTHL
PFAVVGSTEEIKLGNKMVKARQYPWGTVQVENENHCDFVKLREMLVRVNMEDLREKTHTKHYELYRRSKLTEMGFIDDND
GGKNFSLQEVYESKRNDHLNELQRKEDEMRQMFVLRVKDKEGELKKSEKELHDKFDKLKKMHMEEKKKLEEKKKSLQDEI
TGFEKKRQQAETLGKEHLAMSQNKTGKKK
;
B,E
3 'polypeptide(L)'
;MVLLNQDMAQQPKALDSYVGFANLPNQLYRKSVKQGFEFTLMVVGESGLGKSTLINSLFLSDLYSNEYPGPSLRIKKTVK
VETTKVLIKENGVTLRLTIDDTPGFGDAVDNSNCWQAVINHIEKKFEDYLNAESMVTRSKLADNRVHCCLYFIAPTGHGL
KPLDVEFMKNLHDKVNIIPLIAKADTMTPEECLRFKKQIMKEIHEHKIQLYEFPECEDEEENRLNRKLKSRVPFAVVGSN
TVLEIGGRRVRGRQYPWGVAEVENIDHCDFTVLRNMLVRTHMQDLKDVTNNVHYENYRSKKLSSVTTTTMDGRSKAQTKS
PLAQMEEEKSEHMQKMKKMEMEEVFRMKVHEKKQKLQESEADLSRRHEAMKKKLEAEYAALDEKQRQYEKDKQDFEALQL
KLMEDRKSDNRTLGRKKKW
;
C,D
#
loop_
_chem_comp.id
_chem_comp.type
_chem_comp.name
_chem_comp.formula
GDP RNA linking GUANOSINE-5'-DIPHOSPHATE 'C10 H15 N5 O11 P2'
GTP non-polymer GUANOSINE-5'-TRIPHOSPHATE 'C10 H16 N5 O14 P3'
#
# COMPACT_ATOMS: atom_id res chain seq x y z
N GLY A 116 -17.57 -10.79 -120.06
CA GLY A 116 -16.19 -11.12 -120.28
C GLY A 116 -15.66 -12.21 -119.37
N PHE A 117 -14.65 -11.89 -118.58
CA PHE A 117 -14.06 -12.86 -117.66
C PHE A 117 -15.01 -13.12 -116.50
N GLU A 118 -14.77 -14.22 -115.79
CA GLU A 118 -15.63 -14.69 -114.71
C GLU A 118 -14.79 -14.91 -113.45
N PHE A 119 -14.01 -13.88 -113.09
CA PHE A 119 -13.13 -13.90 -111.93
C PHE A 119 -13.81 -14.50 -110.70
N THR A 120 -13.12 -15.45 -110.08
CA THR A 120 -13.50 -15.96 -108.77
C THR A 120 -12.74 -15.21 -107.69
N LEU A 121 -12.89 -15.60 -106.43
CA LEU A 121 -12.18 -14.94 -105.35
C LEU A 121 -12.07 -15.79 -104.08
N MET A 122 -10.85 -15.96 -103.59
CA MET A 122 -10.63 -16.47 -102.25
C MET A 122 -10.37 -15.32 -101.28
N VAL A 123 -11.11 -15.29 -100.18
CA VAL A 123 -10.84 -14.39 -99.07
C VAL A 123 -10.74 -15.22 -97.80
N ALA A 124 -9.60 -15.15 -97.13
CA ALA A 124 -9.35 -15.94 -95.94
C ALA A 124 -8.71 -15.06 -94.87
N GLY A 125 -8.89 -15.45 -93.63
CA GLY A 125 -8.32 -14.73 -92.52
C GLY A 125 -9.05 -15.03 -91.24
N GLU A 126 -8.51 -14.49 -90.15
CA GLU A 126 -9.12 -14.65 -88.84
C GLU A 126 -10.41 -13.85 -88.75
N SER A 127 -11.32 -14.31 -87.91
CA SER A 127 -12.61 -13.66 -87.76
C SER A 127 -12.44 -12.24 -87.24
N GLY A 128 -13.29 -11.34 -87.73
CA GLY A 128 -13.28 -9.96 -87.30
C GLY A 128 -12.30 -9.07 -88.02
N LEU A 129 -11.52 -9.61 -88.96
CA LEU A 129 -10.55 -8.82 -89.71
C LEU A 129 -11.18 -8.06 -90.87
N GLY A 130 -12.49 -7.87 -90.87
CA GLY A 130 -13.15 -7.09 -91.89
C GLY A 130 -13.12 -7.67 -93.29
N LYS A 131 -13.38 -8.96 -93.42
CA LYS A 131 -13.35 -9.56 -94.75
C LYS A 131 -14.62 -9.23 -95.53
N SER A 132 -15.77 -9.56 -94.95
CA SER A 132 -17.05 -9.33 -95.64
C SER A 132 -17.24 -7.84 -95.96
N THR A 133 -16.91 -6.97 -95.02
CA THR A 133 -17.03 -5.54 -95.27
C THR A 133 -16.19 -5.12 -96.47
N LEU A 134 -14.94 -5.59 -96.53
CA LEU A 134 -14.07 -5.15 -97.62
C LEU A 134 -14.51 -5.73 -98.95
N VAL A 135 -14.94 -6.98 -99.02
CA VAL A 135 -15.34 -7.53 -100.31
C VAL A 135 -16.62 -6.86 -100.80
N ASN A 136 -17.55 -6.59 -99.88
CA ASN A 136 -18.75 -5.87 -100.27
C ASN A 136 -18.46 -4.43 -100.68
N SER A 137 -17.45 -3.79 -100.08
CA SER A 137 -17.13 -2.42 -100.44
C SER A 137 -16.39 -2.34 -101.76
N LEU A 138 -15.52 -3.31 -102.03
CA LEU A 138 -14.65 -3.23 -103.21
C LEU A 138 -15.46 -3.38 -104.50
N PHE A 139 -16.34 -4.37 -104.54
CA PHE A 139 -17.16 -4.64 -105.72
C PHE A 139 -18.55 -4.03 -105.63
N LEU A 140 -18.80 -3.19 -104.62
CA LEU A 140 -20.05 -2.44 -104.48
C LEU A 140 -21.27 -3.34 -104.44
N THR A 141 -21.09 -4.64 -104.17
CA THR A 141 -22.19 -5.59 -104.12
C THR A 141 -22.01 -6.49 -102.91
N ASP A 142 -23.12 -6.88 -102.31
CA ASP A 142 -23.10 -7.73 -101.13
C ASP A 142 -22.56 -9.12 -101.43
N ILE A 162 -17.24 -23.80 -96.32
CA ILE A 162 -16.79 -22.89 -97.37
C ILE A 162 -17.99 -22.38 -98.16
N ASP A 163 -18.08 -21.06 -98.29
CA ASP A 163 -19.20 -20.40 -98.97
C ASP A 163 -18.67 -19.91 -100.31
N ALA A 164 -19.16 -20.50 -101.40
CA ALA A 164 -18.81 -20.09 -102.76
C ALA A 164 -20.02 -19.39 -103.35
N SER A 165 -20.11 -18.09 -103.13
CA SER A 165 -21.25 -17.29 -103.59
C SER A 165 -20.99 -16.77 -104.99
N THR A 166 -21.93 -17.02 -105.90
CA THR A 166 -21.82 -16.59 -107.29
C THR A 166 -22.58 -15.28 -107.46
N VAL A 167 -21.91 -14.27 -108.01
CA VAL A 167 -22.53 -12.97 -108.25
C VAL A 167 -22.40 -12.58 -109.71
N LEU A 176 -19.32 -10.20 -116.21
CA LEU A 176 -18.34 -10.53 -115.17
C LEU A 176 -19.00 -11.29 -114.03
N ARG A 177 -18.62 -12.55 -113.86
CA ARG A 177 -19.22 -13.43 -112.86
C ARG A 177 -18.23 -13.60 -111.71
N LEU A 178 -18.57 -13.02 -110.56
CA LEU A 178 -17.76 -13.18 -109.35
C LEU A 178 -18.22 -14.43 -108.60
N THR A 179 -17.27 -15.17 -108.06
CA THR A 179 -17.56 -16.29 -107.16
C THR A 179 -16.70 -16.08 -105.92
N VAL A 180 -17.24 -15.32 -104.96
CA VAL A 180 -16.52 -14.99 -103.74
C VAL A 180 -16.52 -16.22 -102.84
N VAL A 181 -15.35 -16.84 -102.70
CA VAL A 181 -15.19 -18.02 -101.86
C VAL A 181 -14.68 -17.54 -100.51
N ASP A 182 -15.60 -17.32 -99.58
CA ASP A 182 -15.28 -16.83 -98.24
C ASP A 182 -15.34 -18.03 -97.31
N THR A 183 -14.26 -18.27 -96.59
CA THR A 183 -14.22 -19.38 -95.65
C THR A 183 -14.79 -18.96 -94.30
N PRO A 184 -15.90 -19.55 -93.84
CA PRO A 184 -16.48 -19.13 -92.57
C PRO A 184 -15.64 -19.51 -91.35
N GLY A 185 -15.26 -20.77 -91.24
CA GLY A 185 -14.57 -21.27 -90.06
C GLY A 185 -13.08 -21.41 -90.28
N TYR A 186 -12.33 -20.43 -89.78
CA TYR A 186 -10.88 -20.46 -89.80
C TYR A 186 -10.33 -19.43 -88.81
N GLY A 187 -9.65 -19.89 -87.77
CA GLY A 187 -9.01 -19.02 -86.81
C GLY A 187 -9.71 -18.97 -85.46
N ASP A 188 -11.05 -18.99 -85.45
CA ASP A 188 -11.78 -18.91 -84.19
C ASP A 188 -11.85 -20.25 -83.46
N ALA A 189 -11.42 -21.33 -84.11
CA ALA A 189 -11.45 -22.65 -83.49
C ALA A 189 -10.41 -22.75 -82.39
N ILE A 190 -10.60 -23.73 -81.50
CA ILE A 190 -9.70 -23.95 -80.38
C ILE A 190 -8.32 -24.34 -80.88
N ASN A 191 -8.26 -25.28 -81.83
CA ASN A 191 -6.99 -25.69 -82.42
C ASN A 191 -7.11 -25.64 -83.93
N CYS A 192 -6.70 -24.50 -84.49
CA CYS A 192 -6.76 -24.28 -85.93
C CYS A 192 -5.53 -24.85 -86.62
N SER A 193 -5.35 -26.17 -86.53
CA SER A 193 -4.17 -26.80 -87.14
C SER A 193 -4.51 -27.39 -88.51
N ASP A 194 -5.66 -28.06 -88.61
CA ASP A 194 -6.03 -28.72 -89.86
C ASP A 194 -6.49 -27.72 -90.91
N CYS A 195 -7.17 -26.65 -90.47
CA CYS A 195 -7.97 -25.77 -91.32
C CYS A 195 -7.32 -25.39 -92.64
N TYR A 196 -6.00 -25.25 -92.66
CA TYR A 196 -5.34 -24.85 -93.90
C TYR A 196 -5.34 -25.98 -94.92
N LYS A 197 -5.69 -27.19 -94.48
CA LYS A 197 -5.81 -28.31 -95.42
C LYS A 197 -7.14 -28.30 -96.17
N PRO A 198 -8.29 -28.12 -95.50
CA PRO A 198 -9.55 -28.07 -96.27
C PRO A 198 -9.60 -26.98 -97.32
N ILE A 199 -9.02 -25.81 -97.04
CA ILE A 199 -8.94 -24.78 -98.08
C ILE A 199 -8.01 -25.22 -99.19
N ILE A 200 -6.90 -25.86 -98.84
CA ILE A 200 -6.06 -26.53 -99.84
C ILE A 200 -6.85 -27.63 -100.53
N GLN A 201 -7.68 -28.35 -99.76
CA GLN A 201 -8.48 -29.43 -100.34
C GLN A 201 -9.47 -28.89 -101.37
N TYR A 202 -10.12 -27.76 -101.06
CA TYR A 202 -11.19 -27.27 -101.94
C TYR A 202 -10.63 -26.76 -103.26
N ILE A 203 -9.51 -26.05 -103.23
CA ILE A 203 -8.96 -25.52 -104.47
C ILE A 203 -8.46 -26.65 -105.35
N ASP A 204 -7.89 -27.69 -104.75
CA ASP A 204 -7.51 -28.87 -105.52
C ASP A 204 -8.73 -29.53 -106.15
N ASP A 205 -9.82 -29.63 -105.39
CA ASP A 205 -11.07 -30.16 -105.95
C ASP A 205 -11.60 -29.24 -107.04
N GLN A 206 -11.52 -27.92 -106.84
CA GLN A 206 -11.95 -26.98 -107.86
C GLN A 206 -11.07 -27.08 -109.10
N PHE A 207 -9.77 -27.24 -108.91
CA PHE A 207 -8.85 -27.32 -110.05
C PHE A 207 -9.03 -28.62 -110.82
N GLU A 208 -9.12 -29.75 -110.10
CA GLU A 208 -9.28 -31.03 -110.78
C GLU A 208 -10.61 -31.13 -111.50
N ARG A 209 -11.66 -30.55 -110.94
CA ARG A 209 -12.95 -30.52 -111.62
C ARG A 209 -12.83 -29.77 -112.94
N TYR A 210 -12.13 -28.64 -112.94
CA TYR A 210 -11.92 -27.90 -114.18
C TYR A 210 -11.09 -28.72 -115.18
N LEU A 211 -10.08 -29.42 -114.69
CA LEU A 211 -9.32 -30.31 -115.57
C LEU A 211 -10.20 -31.43 -116.10
N HIS A 212 -11.08 -31.96 -115.25
CA HIS A 212 -12.01 -33.01 -115.67
C HIS A 212 -13.01 -32.48 -116.69
N ASP A 224 -14.55 -22.25 -116.62
CA ASP A 224 -13.44 -21.71 -115.84
C ASP A 224 -13.92 -21.21 -114.48
N ASN A 225 -14.13 -22.15 -113.56
CA ASN A 225 -14.54 -21.82 -112.20
C ASN A 225 -13.43 -21.95 -111.18
N ARG A 226 -12.17 -21.97 -111.63
CA ARG A 226 -11.07 -22.07 -110.70
C ARG A 226 -10.92 -20.79 -109.88
N VAL A 227 -10.31 -20.91 -108.70
CA VAL A 227 -10.05 -19.75 -107.85
C VAL A 227 -8.73 -19.13 -108.30
N HIS A 228 -8.78 -17.87 -108.75
CA HIS A 228 -7.60 -17.26 -109.34
C HIS A 228 -6.84 -16.34 -108.39
N SER A 229 -7.53 -15.70 -107.44
CA SER A 229 -6.86 -14.81 -106.51
C SER A 229 -7.31 -15.12 -105.09
N CYS A 230 -6.38 -15.01 -104.16
CA CYS A 230 -6.63 -15.31 -102.75
C CYS A 230 -6.18 -14.11 -101.92
N PHE A 231 -7.12 -13.23 -101.58
CA PHE A 231 -6.83 -12.10 -100.71
C PHE A 231 -6.67 -12.61 -99.30
N TYR A 232 -5.45 -12.53 -98.77
CA TYR A 232 -5.19 -12.92 -97.40
C TYR A 232 -5.06 -11.68 -96.54
N PHE A 233 -5.61 -11.74 -95.33
CA PHE A 233 -5.73 -10.57 -94.47
C PHE A 233 -4.78 -10.70 -93.29
N ILE A 234 -4.03 -9.64 -93.03
CA ILE A 234 -3.07 -9.59 -91.93
C ILE A 234 -3.57 -8.61 -90.89
N SER A 235 -3.71 -9.08 -89.65
CA SER A 235 -4.22 -8.23 -88.58
C SER A 235 -3.24 -7.12 -88.27
N SER A 236 -3.77 -5.94 -87.96
CA SER A 236 -2.94 -4.78 -87.69
C SER A 236 -2.36 -4.79 -86.28
N GLN A 237 -2.84 -5.67 -85.41
CA GLN A 237 -2.42 -5.64 -84.01
C GLN A 237 -0.94 -5.94 -83.87
N GLY A 238 -0.43 -6.90 -84.63
CA GLY A 238 0.88 -7.43 -84.37
C GLY A 238 2.01 -6.47 -84.72
N HIS A 239 3.20 -6.82 -84.23
CA HIS A 239 4.44 -6.21 -84.67
C HIS A 239 5.02 -6.89 -85.90
N GLY A 240 4.35 -7.93 -86.40
CA GLY A 240 4.84 -8.69 -87.53
C GLY A 240 3.81 -9.67 -88.03
N LEU A 241 4.22 -10.90 -88.31
CA LEU A 241 3.31 -11.91 -88.84
C LEU A 241 3.11 -13.03 -87.81
N LYS A 242 1.86 -13.39 -87.60
CA LYS A 242 1.52 -14.46 -86.68
C LYS A 242 1.89 -15.80 -87.29
N PRO A 243 2.14 -16.82 -86.45
CA PRO A 243 2.47 -18.14 -87.00
C PRO A 243 1.40 -18.69 -87.93
N LEU A 244 0.12 -18.49 -87.62
CA LEU A 244 -0.94 -18.96 -88.51
C LEU A 244 -0.88 -18.25 -89.85
N ASP A 245 -0.65 -16.93 -89.84
CA ASP A 245 -0.61 -16.17 -91.08
C ASP A 245 0.52 -16.65 -91.98
N ILE A 246 1.71 -16.79 -91.41
CA ILE A 246 2.87 -17.23 -92.17
C ILE A 246 2.67 -18.65 -92.69
N GLU A 247 2.13 -19.52 -91.84
CA GLU A 247 1.92 -20.91 -92.26
C GLU A 247 0.92 -21.00 -93.41
N PHE A 248 -0.19 -20.25 -93.31
CA PHE A 248 -1.18 -20.26 -94.38
C PHE A 248 -0.60 -19.71 -95.67
N MET A 249 0.16 -18.62 -95.58
CA MET A 249 0.78 -18.08 -96.79
C MET A 249 1.76 -19.06 -97.40
N LYS A 250 2.55 -19.75 -96.57
CA LYS A 250 3.53 -20.68 -97.10
C LYS A 250 2.87 -21.88 -97.76
N ALA A 251 1.80 -22.40 -97.16
CA ALA A 251 1.16 -23.59 -97.70
C ALA A 251 0.04 -23.27 -98.68
N LEU A 252 -0.21 -22.00 -98.99
CA LEU A 252 -1.27 -21.62 -99.90
C LEU A 252 -0.82 -20.81 -101.11
N HIS A 253 0.46 -20.42 -101.17
CA HIS A 253 0.88 -19.47 -102.20
C HIS A 253 1.06 -20.10 -103.57
N ASN A 254 1.31 -21.41 -103.63
CA ASN A 254 1.52 -22.04 -104.93
C ASN A 254 0.24 -22.60 -105.54
N LYS A 255 -0.87 -22.64 -104.80
CA LYS A 255 -2.13 -23.10 -105.38
C LYS A 255 -2.92 -21.94 -105.98
N VAL A 256 -3.28 -20.97 -105.14
CA VAL A 256 -3.92 -19.74 -105.61
C VAL A 256 -2.92 -18.62 -105.37
N ASN A 257 -2.93 -17.64 -106.28
CA ASN A 257 -2.00 -16.53 -106.21
C ASN A 257 -2.55 -15.51 -105.23
N ILE A 258 -1.74 -15.18 -104.23
CA ILE A 258 -2.15 -14.42 -103.06
C ILE A 258 -1.83 -12.95 -103.25
N VAL A 259 -2.48 -12.12 -102.45
CA VAL A 259 -2.21 -10.68 -102.41
C VAL A 259 -2.19 -10.27 -100.94
N PRO A 260 -1.01 -10.04 -100.37
CA PRO A 260 -0.94 -9.67 -98.95
C PRO A 260 -1.56 -8.30 -98.73
N VAL A 261 -2.40 -8.19 -97.70
CA VAL A 261 -3.21 -7.00 -97.46
C VAL A 261 -3.31 -6.78 -95.97
N LEU A 262 -3.03 -5.55 -95.53
CA LEU A 262 -3.03 -5.23 -94.11
C LEU A 262 -4.44 -4.84 -93.67
N SER A 263 -5.07 -5.70 -92.87
CA SER A 263 -6.41 -5.43 -92.38
C SER A 263 -6.39 -4.27 -91.39
N LYS A 264 -7.35 -3.36 -91.54
CA LYS A 264 -7.58 -2.28 -90.59
C LYS A 264 -6.32 -1.42 -90.42
N ALA A 265 -5.98 -0.74 -91.52
CA ALA A 265 -4.86 0.18 -91.51
C ALA A 265 -5.08 1.35 -90.56
N ASP A 266 -6.32 1.57 -90.12
CA ASP A 266 -6.64 2.71 -89.25
C ASP A 266 -6.06 2.59 -87.86
N SER A 267 -5.33 1.51 -87.55
CA SER A 267 -4.76 1.35 -86.23
C SER A 267 -3.41 2.04 -86.06
N LEU A 268 -2.74 2.39 -87.15
CA LEU A 268 -1.33 2.74 -87.12
C LEU A 268 -1.10 4.19 -87.49
N THR A 269 -0.11 4.80 -86.83
CA THR A 269 0.32 6.15 -87.17
C THR A 269 1.29 6.12 -88.35
N MET A 270 1.74 7.32 -88.74
CA MET A 270 2.69 7.43 -89.85
C MET A 270 3.97 6.63 -89.59
N PRO A 271 4.79 6.95 -88.57
CA PRO A 271 6.00 6.15 -88.37
C PRO A 271 5.69 4.69 -88.09
N GLU A 272 4.58 4.43 -87.42
CA GLU A 272 4.22 3.05 -87.10
C GLU A 272 3.84 2.27 -88.34
N VAL A 273 3.09 2.88 -89.26
CA VAL A 273 2.74 2.13 -90.48
C VAL A 273 3.99 1.90 -91.31
N LYS A 274 4.90 2.89 -91.34
CA LYS A 274 6.16 2.68 -92.04
C LYS A 274 6.95 1.53 -91.43
N ARG A 275 7.05 1.51 -90.09
CA ARG A 275 7.80 0.46 -89.41
C ARG A 275 7.18 -0.91 -89.63
N LEU A 276 5.86 -1.00 -89.51
CA LEU A 276 5.21 -2.29 -89.69
C LEU A 276 5.38 -2.79 -91.12
N LYS A 277 5.22 -1.90 -92.10
CA LYS A 277 5.42 -2.31 -93.50
C LYS A 277 6.84 -2.79 -93.72
N ARG A 278 7.83 -2.09 -93.17
CA ARG A 278 9.22 -2.54 -93.30
C ARG A 278 9.42 -3.90 -92.66
N ARG A 279 8.78 -4.13 -91.52
CA ARG A 279 8.91 -5.42 -90.86
C ARG A 279 8.31 -6.54 -91.70
N ILE A 280 7.14 -6.30 -92.30
CA ILE A 280 6.55 -7.30 -93.18
C ILE A 280 7.45 -7.56 -94.38
N LEU A 281 8.03 -6.52 -94.96
CA LEU A 281 8.95 -6.73 -96.08
C LEU A 281 10.13 -7.60 -95.67
N GLU A 282 10.77 -7.27 -94.54
CA GLU A 282 11.93 -8.04 -94.13
C GLU A 282 11.55 -9.47 -93.74
N GLU A 283 10.34 -9.67 -93.24
CA GLU A 283 9.92 -11.01 -92.85
C GLU A 283 9.58 -11.86 -94.07
N ILE A 284 8.91 -11.29 -95.06
CA ILE A 284 8.63 -12.06 -96.27
C ILE A 284 9.92 -12.35 -97.02
N ALA A 285 10.87 -11.41 -97.00
CA ALA A 285 12.17 -11.69 -97.58
C ALA A 285 13.04 -12.60 -96.73
N ALA A 286 12.64 -12.85 -95.47
CA ALA A 286 13.38 -13.75 -94.59
C ALA A 286 12.85 -15.19 -94.66
N HIS A 287 11.54 -15.36 -94.72
CA HIS A 287 10.94 -16.67 -94.92
C HIS A 287 10.88 -17.07 -96.39
N GLU A 288 11.37 -16.21 -97.29
CA GLU A 288 11.32 -16.43 -98.73
C GLU A 288 9.88 -16.63 -99.20
N ILE A 289 9.05 -15.63 -98.91
CA ILE A 289 7.65 -15.66 -99.31
C ILE A 289 7.51 -14.93 -100.64
N GLN A 290 7.05 -15.64 -101.66
CA GLN A 290 6.95 -15.11 -103.01
C GLN A 290 5.48 -14.73 -103.27
N ILE A 291 5.14 -13.49 -102.93
CA ILE A 291 3.80 -12.96 -103.16
C ILE A 291 3.66 -12.65 -104.65
N TYR A 292 2.44 -12.41 -105.10
CA TYR A 292 2.22 -12.03 -106.49
C TYR A 292 2.88 -10.69 -106.78
N GLN A 293 3.81 -10.69 -107.72
CA GLN A 293 4.56 -9.48 -108.06
C GLN A 293 3.77 -8.66 -109.08
N LEU A 294 3.52 -7.39 -108.75
CA LEU A 294 2.68 -6.50 -109.56
C LEU A 294 3.42 -6.06 -110.81
N PRO A 295 2.77 -6.07 -111.97
CA PRO A 295 3.46 -5.76 -113.22
C PRO A 295 4.02 -4.35 -113.23
N ASP A 296 5.20 -4.21 -113.83
CA ASP A 296 5.85 -2.91 -113.92
C ASP A 296 5.29 -2.08 -115.06
N GLN A 308 5.80 2.41 -111.09
CA GLN A 308 5.31 3.16 -109.94
C GLN A 308 5.18 2.15 -108.79
N THR A 309 5.84 1.00 -108.96
CA THR A 309 5.76 -0.07 -107.98
C THR A 309 6.47 0.30 -106.68
N ARG A 310 7.26 1.38 -106.70
CA ARG A 310 8.06 1.75 -105.54
C ARG A 310 7.18 2.06 -104.34
N CYS A 311 6.14 2.87 -104.53
CA CYS A 311 5.26 3.21 -103.41
C CYS A 311 4.19 2.16 -103.20
N LEU A 312 4.05 1.20 -104.13
CA LEU A 312 3.27 0.01 -103.84
C LEU A 312 4.01 -0.90 -102.88
N LYS A 313 5.23 -1.29 -103.24
CA LYS A 313 6.02 -2.14 -102.35
C LYS A 313 6.43 -1.40 -101.08
N GLU A 314 6.44 -0.06 -101.11
CA GLU A 314 6.48 0.69 -99.85
C GLU A 314 5.22 0.43 -99.04
N SER A 315 4.07 0.38 -99.70
CA SER A 315 2.78 0.14 -99.05
C SER A 315 2.45 -1.35 -98.92
N ILE A 316 2.95 -2.19 -99.81
CA ILE A 316 2.63 -3.62 -99.79
C ILE A 316 3.18 -4.19 -98.49
N PRO A 317 2.45 -5.09 -97.79
CA PRO A 317 1.07 -5.46 -98.09
C PRO A 317 0.12 -4.28 -97.90
N PHE A 318 -0.63 -3.95 -98.96
CA PHE A 318 -1.42 -2.73 -98.98
C PHE A 318 -2.18 -2.53 -97.69
N ALA A 319 -1.89 -1.42 -97.02
CA ALA A 319 -2.70 -0.98 -95.89
C ALA A 319 -4.07 -0.63 -96.43
N VAL A 320 -5.12 -1.17 -95.83
CA VAL A 320 -6.47 -0.99 -96.35
C VAL A 320 -7.42 -0.73 -95.19
N VAL A 321 -8.45 0.05 -95.48
CA VAL A 321 -9.60 0.20 -94.59
C VAL A 321 -10.86 -0.04 -95.41
N GLY A 322 -11.78 -0.80 -94.84
CA GLY A 322 -13.02 -1.16 -95.51
C GLY A 322 -14.21 -0.78 -94.67
N SER A 323 -15.18 -0.12 -95.30
CA SER A 323 -16.34 0.37 -94.56
C SER A 323 -17.51 0.62 -95.48
N THR A 324 -18.62 -0.09 -95.26
CA THR A 324 -19.83 0.12 -96.05
C THR A 324 -20.61 1.31 -95.53
N GLN A 325 -19.99 2.49 -95.53
CA GLN A 325 -20.60 3.70 -95.00
C GLN A 325 -20.38 4.86 -95.96
N MET A 326 -21.27 5.86 -95.92
CA MET A 326 -21.13 7.04 -96.82
C MET A 326 -20.97 8.28 -95.97
N ILE A 327 -20.25 8.15 -94.86
CA ILE A 327 -20.12 9.28 -93.89
C ILE A 327 -20.09 10.59 -94.67
N GLU A 328 -20.77 11.61 -94.15
CA GLU A 328 -20.79 12.93 -94.82
C GLU A 328 -19.55 13.71 -94.38
N VAL A 329 -18.82 14.25 -95.34
CA VAL A 329 -17.62 15.03 -95.05
C VAL A 329 -17.45 16.05 -96.16
N LYS A 330 -17.36 17.34 -95.79
CA LYS A 330 -17.27 18.44 -96.74
C LYS A 330 -18.44 18.43 -97.72
N GLY A 331 -19.60 17.96 -97.27
CA GLY A 331 -20.76 17.86 -98.12
C GLY A 331 -20.73 16.72 -99.11
N LYS A 332 -19.79 15.79 -98.97
CA LYS A 332 -19.64 14.66 -99.89
C LYS A 332 -19.86 13.35 -99.15
N LYS A 333 -20.40 12.38 -99.89
CA LYS A 333 -20.63 11.02 -99.37
C LYS A 333 -19.32 10.26 -99.50
N VAL A 334 -18.56 10.20 -98.42
CA VAL A 334 -17.25 9.57 -98.40
C VAL A 334 -17.35 8.21 -97.73
N ARG A 335 -16.60 7.27 -98.28
CA ARG A 335 -16.51 5.93 -97.65
C ARG A 335 -15.65 6.08 -96.41
N GLY A 336 -16.23 6.04 -95.21
CA GLY A 336 -15.40 6.31 -94.03
C GLY A 336 -15.93 5.76 -92.72
N ARG A 337 -15.03 5.35 -91.82
CA ARG A 337 -15.41 4.88 -90.48
C ARG A 337 -15.47 6.07 -89.53
N LEU A 338 -16.44 6.20 -88.60
CA LEU A 338 -16.55 7.38 -87.69
C LEU A 338 -15.88 7.12 -86.39
N TYR A 339 -16.59 7.30 -85.36
CA TYR A 339 -15.93 6.90 -84.09
C TYR A 339 -16.48 7.85 -83.04
N PRO A 340 -15.60 8.77 -82.74
CA PRO A 340 -16.04 9.80 -81.85
C PRO A 340 -14.67 10.44 -81.80
N TRP A 341 -14.04 10.58 -82.94
CA TRP A 341 -12.79 11.33 -82.77
C TRP A 341 -12.11 11.53 -84.08
N GLY A 342 -12.82 12.11 -84.95
CA GLY A 342 -12.36 12.40 -86.32
C GLY A 342 -12.60 11.25 -87.26
N VAL A 343 -13.16 11.54 -88.44
CA VAL A 343 -13.52 10.40 -89.33
C VAL A 343 -12.29 10.03 -90.15
N VAL A 344 -12.30 8.83 -90.70
CA VAL A 344 -11.20 8.38 -91.56
C VAL A 344 -11.81 8.37 -92.94
N GLU A 345 -10.97 8.26 -93.97
CA GLU A 345 -11.48 8.32 -95.34
C GLU A 345 -10.86 7.21 -96.17
N VAL A 346 -11.66 6.62 -97.05
CA VAL A 346 -11.18 5.49 -97.85
C VAL A 346 -10.50 5.98 -99.13
N GLU A 347 -11.09 6.98 -99.81
CA GLU A 347 -10.55 7.40 -101.10
C GLU A 347 -9.28 8.22 -100.95
N ASN A 348 -9.04 8.76 -99.74
CA ASN A 348 -7.88 9.61 -99.53
C ASN A 348 -6.62 8.78 -99.78
N PRO A 349 -5.74 9.24 -100.67
CA PRO A 349 -4.65 8.38 -101.15
C PRO A 349 -3.34 8.55 -100.40
N ASP A 350 -3.36 9.30 -99.29
CA ASP A 350 -2.13 9.55 -98.56
C ASP A 350 -1.52 8.26 -98.04
N HIS A 351 -2.20 7.58 -97.11
CA HIS A 351 -1.73 6.29 -96.63
C HIS A 351 -2.86 5.30 -96.40
N CYS A 352 -4.07 5.63 -96.85
CA CYS A 352 -5.17 4.66 -96.80
C CYS A 352 -5.03 3.59 -97.88
N ASP A 353 -4.57 3.95 -99.08
CA ASP A 353 -4.12 2.99 -100.09
C ASP A 353 -5.16 1.98 -100.55
N PHE A 354 -6.44 2.19 -100.25
CA PHE A 354 -7.46 1.36 -100.88
C PHE A 354 -7.61 1.74 -102.35
N LEU A 355 -7.36 3.01 -102.67
CA LEU A 355 -7.36 3.46 -104.05
C LEU A 355 -6.36 2.68 -104.87
N LYS A 356 -5.15 2.47 -104.34
CA LYS A 356 -4.15 1.72 -105.08
C LYS A 356 -4.63 0.31 -105.37
N LEU A 357 -5.18 -0.35 -104.35
CA LEU A 357 -5.63 -1.73 -104.54
C LEU A 357 -6.73 -1.81 -105.59
N ARG A 358 -7.77 -0.97 -105.49
CA ARG A 358 -8.86 -1.06 -106.46
C ARG A 358 -8.35 -0.71 -107.86
N THR A 359 -7.54 0.34 -107.96
CA THR A 359 -7.07 0.78 -109.27
C THR A 359 -6.30 -0.33 -109.97
N MET A 360 -5.35 -0.94 -109.29
CA MET A 360 -4.49 -1.90 -109.97
C MET A 360 -5.16 -3.27 -110.10
N LEU A 361 -6.13 -3.59 -109.22
CA LEU A 361 -7.00 -4.72 -109.52
C LEU A 361 -7.71 -4.51 -110.85
N ILE A 362 -8.34 -3.35 -111.02
CA ILE A 362 -9.08 -3.07 -112.25
C ILE A 362 -8.16 -3.12 -113.45
N THR A 363 -6.96 -2.53 -113.31
CA THR A 363 -6.10 -2.33 -114.47
C THR A 363 -5.12 -3.48 -114.70
N HIS A 364 -5.14 -4.53 -113.88
CA HIS A 364 -4.41 -5.75 -114.23
C HIS A 364 -5.21 -7.00 -113.88
N MET A 365 -6.53 -6.89 -113.94
CA MET A 365 -7.39 -8.08 -113.93
C MET A 365 -6.92 -9.11 -114.95
N GLN A 366 -6.64 -8.65 -116.18
CA GLN A 366 -6.25 -9.57 -117.24
C GLN A 366 -4.93 -10.25 -116.92
N ASP A 367 -3.96 -9.49 -116.42
CA ASP A 367 -2.67 -10.08 -116.05
C ASP A 367 -2.86 -11.10 -114.94
N LEU A 368 -3.69 -10.76 -113.95
CA LEU A 368 -3.99 -11.69 -112.87
C LEU A 368 -4.53 -13.00 -113.43
N GLN A 369 -5.53 -12.90 -114.30
CA GLN A 369 -6.12 -14.11 -114.88
C GLN A 369 -5.09 -14.90 -115.66
N GLU A 370 -4.27 -14.21 -116.45
CA GLU A 370 -3.30 -14.91 -117.28
C GLU A 370 -2.26 -15.64 -116.44
N VAL A 371 -1.75 -15.00 -115.39
CA VAL A 371 -0.74 -15.68 -114.58
C VAL A 371 -1.37 -16.85 -113.83
N THR A 372 -2.63 -16.71 -113.40
CA THR A 372 -3.30 -17.85 -112.79
C THR A 372 -3.44 -19.00 -113.78
N HIS A 373 -3.81 -18.68 -115.03
CA HIS A 373 -4.04 -19.73 -116.03
C HIS A 373 -2.75 -20.41 -116.46
N ASP A 374 -1.67 -19.66 -116.64
CA ASP A 374 -0.47 -20.20 -117.24
C ASP A 374 0.55 -20.74 -116.25
N LEU A 375 0.40 -20.44 -114.96
CA LEU A 375 1.37 -20.88 -113.96
C LEU A 375 0.80 -21.87 -112.96
N HIS A 376 -0.29 -21.50 -112.28
CA HIS A 376 -0.84 -22.37 -111.24
C HIS A 376 -1.55 -23.56 -111.86
N TYR A 377 -2.33 -23.34 -112.92
CA TYR A 377 -2.98 -24.45 -113.60
C TYR A 377 -1.93 -25.36 -114.22
N GLU A 378 -0.95 -24.78 -114.90
CA GLU A 378 0.10 -25.58 -115.53
C GLU A 378 0.86 -26.40 -114.50
N ASN A 379 1.17 -25.81 -113.35
CA ASN A 379 1.80 -26.58 -112.28
C ASN A 379 0.88 -27.70 -111.81
N PHE A 380 -0.41 -27.41 -111.65
CA PHE A 380 -1.36 -28.45 -111.29
C PHE A 380 -1.47 -29.51 -112.38
N ARG A 381 -1.50 -29.05 -113.64
CA ARG A 381 -1.55 -29.99 -114.76
C ARG A 381 -0.31 -30.86 -114.80
N ALA A 382 0.81 -30.34 -114.30
CA ALA A 382 1.99 -31.18 -114.07
C ALA A 382 1.83 -32.04 -112.82
N ARG A 383 1.17 -31.52 -111.78
CA ARG A 383 0.91 -32.32 -110.59
C ARG A 383 0.00 -33.49 -110.89
N ARG A 384 -1.06 -33.25 -111.65
CA ARG A 384 -2.02 -34.30 -111.98
C ARG A 384 -1.53 -35.15 -113.14
N PHE B 32 -7.29 10.33 -28.70
CA PHE B 32 -6.75 9.12 -28.12
C PHE B 32 -6.96 7.96 -29.08
N ASP B 33 -7.60 8.24 -30.21
CA ASP B 33 -7.81 7.23 -31.24
C ASP B 33 -7.30 7.77 -32.58
N SER B 34 -6.08 8.31 -32.52
CA SER B 34 -5.36 8.78 -33.70
C SER B 34 -4.44 7.70 -34.25
N LEU B 35 -4.85 6.45 -34.12
CA LEU B 35 -4.10 5.30 -34.62
C LEU B 35 -3.93 5.26 -36.15
N PRO B 36 -4.79 5.88 -36.97
CA PRO B 36 -4.47 5.91 -38.40
C PRO B 36 -3.17 6.63 -38.71
N ASP B 37 -2.86 7.70 -37.96
CA ASP B 37 -1.62 8.44 -38.22
C ASP B 37 -0.40 7.56 -37.99
N GLN B 38 -0.34 6.87 -36.85
CA GLN B 38 0.82 6.02 -36.59
C GLN B 38 0.82 4.81 -37.50
N LEU B 39 -0.36 4.27 -37.82
CA LEU B 39 -0.43 3.13 -38.73
C LEU B 39 0.17 3.50 -40.08
N VAL B 40 -0.26 4.64 -40.65
CA VAL B 40 0.29 5.05 -41.93
C VAL B 40 1.72 5.53 -41.80
N ASN B 41 2.16 5.95 -40.61
CA ASN B 41 3.56 6.31 -40.42
C ASN B 41 4.45 5.08 -40.53
N LYS B 42 4.09 3.99 -39.84
CA LYS B 42 4.84 2.74 -40.00
C LYS B 42 4.74 2.23 -41.44
N ALA B 43 3.56 2.35 -42.05
CA ALA B 43 3.42 1.90 -43.43
C ALA B 43 4.33 2.68 -44.37
N THR B 44 4.40 4.00 -44.19
CA THR B 44 5.27 4.83 -45.02
C THR B 44 6.73 4.50 -44.76
N ASN B 45 7.09 4.23 -43.51
CA ASN B 45 8.45 3.79 -43.21
C ASN B 45 8.74 2.45 -43.87
N GLN B 46 7.70 1.67 -44.17
CA GLN B 46 7.87 0.42 -44.88
C GLN B 46 7.65 0.52 -46.38
N GLY B 47 6.56 1.16 -46.80
CA GLY B 47 6.17 1.15 -48.20
C GLY B 47 5.23 -0.01 -48.51
N PHE B 48 4.57 0.10 -49.64
CA PHE B 48 3.54 -0.85 -50.03
C PHE B 48 4.00 -1.70 -51.20
N CYS B 49 3.23 -2.74 -51.50
CA CYS B 49 3.54 -3.67 -52.59
C CYS B 49 2.29 -3.93 -53.41
N PHE B 50 2.49 -4.16 -54.71
CA PHE B 50 1.38 -4.46 -55.61
C PHE B 50 1.86 -5.28 -56.78
N ASN B 51 0.98 -6.14 -57.29
CA ASN B 51 1.31 -7.05 -58.38
C ASN B 51 0.19 -7.05 -59.42
N ILE B 52 0.57 -6.81 -60.67
CA ILE B 52 -0.36 -6.80 -61.79
C ILE B 52 0.09 -7.84 -62.80
N LEU B 53 -0.88 -8.55 -63.37
CA LEU B 53 -0.66 -9.48 -64.46
C LEU B 53 -1.38 -8.98 -65.69
N CYS B 54 -0.70 -9.06 -66.84
CA CYS B 54 -1.24 -8.61 -68.12
C CYS B 54 -1.31 -9.82 -69.03
N ILE B 55 -2.52 -10.30 -69.29
CA ILE B 55 -2.73 -11.51 -70.08
C ILE B 55 -3.53 -11.15 -71.32
N GLY B 56 -3.01 -11.54 -72.47
CA GLY B 56 -3.67 -11.27 -73.73
C GLY B 56 -2.77 -11.62 -74.89
N GLU B 57 -3.36 -11.59 -76.08
CA GLU B 57 -2.60 -11.88 -77.29
C GLU B 57 -1.56 -10.79 -77.53
N THR B 58 -0.44 -11.19 -78.12
CA THR B 58 0.62 -10.23 -78.39
C THR B 58 0.17 -9.21 -79.43
N GLY B 59 0.69 -8.00 -79.30
CA GLY B 59 0.32 -6.92 -80.20
C GLY B 59 -0.93 -6.19 -79.81
N LEU B 60 -1.52 -6.49 -78.66
CA LEU B 60 -2.75 -5.86 -78.23
C LEU B 60 -2.53 -4.54 -77.50
N GLY B 61 -1.31 -4.22 -77.12
CA GLY B 61 -1.00 -2.95 -76.50
C GLY B 61 -0.84 -2.97 -75.00
N LYS B 62 -0.32 -4.04 -74.42
CA LYS B 62 -0.22 -4.12 -72.97
C LYS B 62 0.87 -3.22 -72.43
N SER B 63 2.06 -3.25 -73.05
CA SER B 63 3.20 -2.52 -72.51
C SER B 63 2.97 -1.02 -72.55
N THR B 64 2.42 -0.51 -73.65
CA THR B 64 2.15 0.91 -73.74
C THR B 64 1.11 1.34 -72.70
N LEU B 65 0.09 0.51 -72.49
CA LEU B 65 -0.92 0.86 -71.51
C LEU B 65 -0.36 0.82 -70.10
N MET B 66 0.56 -0.09 -69.82
CA MET B 66 1.15 -0.12 -68.48
C MET B 66 2.18 0.98 -68.28
N ASN B 67 2.83 1.44 -69.34
CA ASN B 67 3.65 2.64 -69.25
C ASN B 67 2.78 3.86 -68.98
N THR B 68 1.63 3.95 -69.64
CA THR B 68 0.77 5.11 -69.46
C THR B 68 -0.08 5.03 -68.20
N LEU B 69 -0.14 3.86 -67.56
CA LEU B 69 -0.90 3.72 -66.32
C LEU B 69 -0.11 4.22 -65.13
N PHE B 70 1.20 3.95 -65.12
CA PHE B 70 2.09 4.45 -64.08
C PHE B 70 2.93 5.64 -64.54
N ASN B 71 2.79 6.04 -65.80
CA ASN B 71 3.40 7.25 -66.34
C ASN B 71 4.91 7.26 -66.14
N THR B 72 5.53 6.08 -66.15
CA THR B 72 6.97 5.94 -66.05
C THR B 72 7.43 4.92 -67.08
N ASN B 73 8.43 5.31 -67.87
CA ASN B 73 8.83 4.54 -69.05
C ASN B 73 9.60 3.30 -68.61
N PHE B 74 8.88 2.20 -68.44
CA PHE B 74 9.53 0.92 -68.27
C PHE B 74 10.09 0.46 -69.61
N GLU B 75 11.36 0.07 -69.62
CA GLU B 75 12.05 -0.30 -70.85
C GLU B 75 11.53 -1.67 -71.30
N ASN B 76 10.55 -1.67 -72.21
CA ASN B 76 9.98 -2.88 -72.76
C ASN B 76 10.17 -2.83 -74.27
N GLU B 77 11.20 -3.51 -74.75
CA GLU B 77 11.67 -3.39 -76.13
C GLU B 77 10.73 -4.11 -77.10
N PRO B 78 10.80 -3.76 -78.38
CA PRO B 78 9.97 -4.44 -79.39
C PRO B 78 10.38 -5.90 -79.56
N GLN B 79 9.47 -6.79 -79.20
CA GLN B 79 9.74 -8.23 -79.19
C GLN B 79 9.50 -8.81 -80.59
N HIS B 80 9.45 -10.13 -80.68
CA HIS B 80 9.11 -10.84 -81.92
C HIS B 80 8.14 -11.95 -81.56
N HIS B 81 7.14 -12.16 -82.42
CA HIS B 81 6.03 -13.07 -82.12
C HIS B 81 6.46 -14.53 -82.07
N ASN B 82 7.69 -14.83 -82.49
CA ASN B 82 8.12 -16.20 -82.72
C ASN B 82 8.22 -17.01 -81.42
N MET B 83 7.77 -16.44 -80.31
CA MET B 83 7.73 -17.18 -79.06
C MET B 83 6.87 -18.43 -79.22
N PRO B 84 7.40 -19.62 -78.98
CA PRO B 84 6.61 -20.85 -79.24
C PRO B 84 5.57 -21.15 -78.20
N GLY B 85 5.71 -20.64 -76.98
CA GLY B 85 4.75 -20.91 -75.93
C GLY B 85 4.59 -19.71 -75.03
N VAL B 86 3.57 -19.76 -74.17
CA VAL B 86 3.30 -18.68 -73.25
C VAL B 86 4.39 -18.65 -72.19
N LYS B 87 5.03 -17.49 -72.05
CA LYS B 87 6.02 -17.25 -71.01
C LYS B 87 5.62 -16.02 -70.22
N LEU B 88 6.25 -15.85 -69.05
CA LEU B 88 5.93 -14.76 -68.15
C LEU B 88 7.18 -13.96 -67.85
N LYS B 89 7.13 -12.66 -68.12
CA LYS B 89 8.25 -11.76 -67.87
C LYS B 89 7.84 -10.79 -66.77
N ALA B 90 8.64 -10.74 -65.70
CA ALA B 90 8.32 -9.97 -64.51
C ALA B 90 9.32 -8.84 -64.33
N ASN B 91 8.80 -7.63 -64.13
CA ASN B 91 9.63 -6.44 -63.90
C ASN B 91 9.17 -5.78 -62.60
N THR B 92 10.13 -5.48 -61.74
CA THR B 92 9.86 -4.90 -60.43
C THR B 92 10.46 -3.51 -60.36
N TYR B 93 9.71 -2.57 -59.79
CA TYR B 93 10.13 -1.18 -59.73
C TYR B 93 9.75 -0.59 -58.38
N GLU B 94 10.46 0.46 -57.99
CA GLU B 94 10.21 1.21 -56.77
C GLU B 94 9.77 2.61 -57.17
N LEU B 95 8.50 2.94 -56.93
CA LEU B 95 7.92 4.21 -57.34
C LEU B 95 7.72 5.11 -56.14
N GLN B 96 8.18 6.34 -56.25
CA GLN B 96 8.03 7.38 -55.23
C GLN B 96 6.96 8.37 -55.64
N GLU B 97 6.00 8.62 -54.75
CA GLU B 97 5.09 9.74 -54.93
C GLU B 97 4.70 10.29 -53.57
N SER B 98 4.86 11.59 -53.39
CA SER B 98 4.71 12.23 -52.09
C SER B 98 5.67 11.59 -51.10
N ASN B 99 5.14 10.79 -50.18
CA ASN B 99 5.95 10.06 -49.23
C ASN B 99 5.84 8.55 -49.40
N VAL B 100 5.04 8.08 -50.34
CA VAL B 100 4.72 6.67 -50.49
C VAL B 100 5.70 6.04 -51.47
N ARG B 101 6.31 4.94 -51.05
CA ARG B 101 7.15 4.11 -51.90
C ARG B 101 6.39 2.82 -52.18
N LEU B 102 6.23 2.50 -53.45
CA LEU B 102 5.44 1.35 -53.89
C LEU B 102 6.30 0.41 -54.70
N LYS B 103 6.34 -0.86 -54.27
CA LYS B 103 7.04 -1.91 -55.00
C LYS B 103 6.05 -2.52 -55.98
N LEU B 104 6.18 -2.16 -57.25
CA LEU B 104 5.25 -2.58 -58.29
C LEU B 104 5.88 -3.72 -59.07
N THR B 105 5.16 -4.83 -59.17
CA THR B 105 5.60 -6.00 -59.93
C THR B 105 4.62 -6.19 -61.09
N ILE B 106 5.06 -5.83 -62.28
CA ILE B 106 4.28 -6.10 -63.47
C ILE B 106 4.73 -7.45 -64.02
N VAL B 107 3.77 -8.23 -64.50
CA VAL B 107 4.04 -9.55 -65.06
C VAL B 107 3.30 -9.62 -66.38
N ASP B 108 4.05 -9.57 -67.47
CA ASP B 108 3.47 -9.60 -68.81
C ASP B 108 3.54 -11.02 -69.34
N SER B 109 2.43 -11.51 -69.89
CA SER B 109 2.40 -12.80 -70.55
C SER B 109 2.73 -12.61 -72.03
N VAL B 110 3.82 -13.23 -72.48
CA VAL B 110 4.26 -13.13 -73.86
C VAL B 110 4.02 -14.47 -74.54
N GLY B 111 3.78 -14.42 -75.85
CA GLY B 111 3.55 -15.61 -76.64
C GLY B 111 2.16 -16.20 -76.50
N PHE B 112 1.27 -15.56 -75.76
CA PHE B 112 -0.02 -16.14 -75.46
C PHE B 112 -0.98 -15.92 -76.61
N GLY B 113 -1.65 -16.99 -77.04
CA GLY B 113 -2.67 -16.88 -78.06
C GLY B 113 -2.19 -16.67 -79.48
N ASP B 114 -0.95 -17.02 -79.77
CA ASP B 114 -0.42 -16.90 -81.13
C ASP B 114 -0.20 -18.23 -81.83
N GLN B 115 0.21 -19.26 -81.09
CA GLN B 115 0.62 -20.51 -81.70
C GLN B 115 -0.60 -21.25 -82.26
N ILE B 116 -0.31 -22.30 -83.04
CA ILE B 116 -1.37 -23.05 -83.70
C ILE B 116 -2.19 -23.85 -82.69
N ASN B 117 -1.49 -24.55 -81.78
CA ASN B 117 -2.15 -25.41 -80.80
C ASN B 117 -2.56 -24.58 -79.59
N LYS B 118 -3.73 -23.96 -79.72
CA LYS B 118 -4.24 -23.06 -78.70
C LYS B 118 -5.04 -23.75 -77.61
N GLU B 119 -4.85 -25.05 -77.40
CA GLU B 119 -5.67 -25.76 -76.42
C GLU B 119 -5.10 -25.67 -75.02
N GLU B 120 -3.79 -25.87 -74.86
CA GLU B 120 -3.16 -25.86 -73.55
C GLU B 120 -2.60 -24.49 -73.18
N SER B 121 -3.14 -23.42 -73.76
CA SER B 121 -2.58 -22.08 -73.53
C SER B 121 -2.93 -21.51 -72.17
N PHE B 122 -3.87 -22.11 -71.45
CA PHE B 122 -4.33 -21.57 -70.18
C PHE B 122 -3.66 -22.24 -68.97
N LYS B 123 -2.68 -23.09 -69.19
CA LYS B 123 -1.99 -23.76 -68.10
C LYS B 123 -0.91 -22.92 -67.45
N PRO B 124 -0.01 -22.25 -68.20
CA PRO B 124 1.07 -21.49 -67.53
C PRO B 124 0.60 -20.36 -66.62
N VAL B 125 -0.47 -19.65 -66.99
CA VAL B 125 -0.98 -18.61 -66.11
C VAL B 125 -1.53 -19.22 -64.82
N VAL B 126 -2.25 -20.32 -64.94
CA VAL B 126 -2.74 -21.05 -63.78
C VAL B 126 -1.57 -21.46 -62.89
N GLU B 127 -0.50 -21.96 -63.51
CA GLU B 127 0.63 -22.44 -62.72
C GLU B 127 1.34 -21.28 -62.04
N TYR B 128 1.38 -20.12 -62.68
CA TYR B 128 2.01 -18.96 -62.02
C TYR B 128 1.22 -18.53 -60.80
N ILE B 129 -0.10 -18.44 -60.93
CA ILE B 129 -0.92 -18.02 -59.80
C ILE B 129 -0.81 -19.04 -58.67
N ASN B 130 -0.90 -20.33 -59.01
CA ASN B 130 -0.82 -21.37 -58.00
C ASN B 130 0.56 -21.44 -57.36
N GLN B 131 1.62 -21.14 -58.12
CA GLN B 131 2.95 -21.12 -57.56
C GLN B 131 3.11 -19.98 -56.57
N GLN B 132 2.56 -18.81 -56.89
CA GLN B 132 2.60 -17.70 -55.94
C GLN B 132 1.86 -18.06 -54.66
N PHE B 133 0.68 -18.65 -54.80
CA PHE B 133 -0.08 -19.04 -53.62
C PHE B 133 0.65 -20.11 -52.82
N GLU B 134 1.32 -21.05 -53.50
CA GLU B 134 2.09 -22.08 -52.83
C GLU B 134 3.25 -21.48 -52.03
N ASN B 135 3.95 -20.50 -52.62
CA ASN B 135 5.01 -19.84 -51.89
C ASN B 135 4.47 -19.15 -50.64
N TYR B 136 3.34 -18.46 -50.77
CA TYR B 136 2.76 -17.80 -49.61
C TYR B 136 2.34 -18.81 -48.55
N LEU B 137 1.76 -19.93 -48.96
CA LEU B 137 1.34 -20.94 -48.01
C LEU B 137 2.52 -21.56 -47.29
N GLN B 138 3.61 -21.83 -48.01
CA GLN B 138 4.79 -22.40 -47.39
C GLN B 138 5.43 -21.42 -46.43
N GLU B 139 5.37 -20.13 -46.74
CA GLU B 139 5.98 -19.15 -45.84
C GLU B 139 5.12 -18.92 -44.61
N GLU B 140 3.79 -18.94 -44.77
CA GLU B 140 2.90 -18.77 -43.63
C GLU B 140 2.90 -19.99 -42.73
N LEU B 141 3.03 -21.19 -43.32
CA LEU B 141 3.09 -22.41 -42.54
C LEU B 141 4.48 -22.74 -42.04
N LYS B 142 5.48 -21.92 -42.39
CA LYS B 142 6.82 -22.13 -41.86
C LYS B 142 6.82 -21.95 -40.35
N ILE B 143 7.61 -22.78 -39.67
CA ILE B 143 7.63 -22.75 -38.21
C ILE B 143 8.18 -21.41 -37.73
N CYS B 144 9.42 -21.11 -38.10
CA CYS B 144 10.06 -19.83 -37.77
C CYS B 144 9.77 -18.86 -38.91
N ARG B 145 8.68 -18.11 -38.76
CA ARG B 145 8.26 -17.18 -39.80
C ARG B 145 9.27 -16.06 -39.96
N SER B 146 9.10 -15.29 -41.02
CA SER B 146 9.86 -14.06 -41.24
C SER B 146 8.88 -12.92 -41.08
N LEU B 147 8.62 -12.56 -39.82
CA LEU B 147 7.68 -11.53 -39.37
C LEU B 147 6.74 -11.04 -40.47
N PHE B 148 6.91 -9.79 -40.84
CA PHE B 148 6.09 -9.11 -41.84
C PHE B 148 6.84 -9.01 -43.18
N SER B 149 8.02 -9.62 -43.23
CA SER B 149 8.91 -9.50 -44.39
C SER B 149 8.44 -10.34 -45.57
N TYR B 150 7.19 -10.81 -45.55
CA TYR B 150 6.62 -11.55 -46.66
C TYR B 150 6.41 -10.58 -47.82
N HIS B 151 7.37 -10.58 -48.75
CA HIS B 151 7.17 -9.81 -49.97
C HIS B 151 6.03 -10.43 -50.75
N ASP B 152 4.88 -9.77 -50.77
CA ASP B 152 3.69 -10.34 -51.37
C ASP B 152 3.87 -10.49 -52.87
N THR B 153 4.14 -11.72 -53.32
CA THR B 153 4.29 -12.02 -54.73
C THR B 153 2.99 -12.52 -55.35
N ARG B 154 1.92 -12.63 -54.58
CA ARG B 154 0.64 -13.06 -55.12
C ARG B 154 0.16 -12.05 -56.14
N ILE B 155 -0.26 -12.54 -57.31
CA ILE B 155 -0.72 -11.64 -58.36
C ILE B 155 -2.07 -11.07 -57.92
N HIS B 156 -2.10 -9.78 -57.66
CA HIS B 156 -3.30 -9.16 -57.10
C HIS B 156 -4.30 -8.81 -58.20
N ALA B 157 -3.87 -8.06 -59.21
CA ALA B 157 -4.75 -7.70 -60.30
C ALA B 157 -4.40 -8.49 -61.55
N CYS B 158 -5.41 -8.78 -62.36
CA CYS B 158 -5.21 -9.52 -63.61
C CYS B 158 -6.04 -8.86 -64.71
N LEU B 159 -5.37 -8.29 -65.69
CA LEU B 159 -6.01 -7.57 -66.79
C LEU B 159 -6.04 -8.46 -68.02
N TYR B 160 -7.24 -8.80 -68.46
CA TYR B 160 -7.44 -9.61 -69.66
C TYR B 160 -7.65 -8.68 -70.84
N PHE B 161 -6.87 -8.91 -71.90
CA PHE B 161 -6.94 -8.11 -73.12
C PHE B 161 -7.66 -8.92 -74.18
N ILE B 162 -8.77 -8.37 -74.68
CA ILE B 162 -9.68 -9.09 -75.56
C ILE B 162 -9.62 -8.41 -76.93
N SER B 163 -9.41 -9.20 -77.97
CA SER B 163 -9.21 -8.63 -79.29
C SER B 163 -10.48 -7.92 -79.75
N PRO B 164 -10.35 -6.76 -80.37
CA PRO B 164 -11.52 -5.98 -80.85
C PRO B 164 -12.05 -6.45 -82.21
N THR B 165 -12.88 -7.49 -82.18
CA THR B 165 -13.32 -8.12 -83.42
C THR B 165 -14.73 -7.75 -83.84
N GLY B 166 -15.59 -7.33 -82.91
CA GLY B 166 -16.93 -6.92 -83.24
C GLY B 166 -17.94 -8.05 -83.35
N HIS B 167 -17.55 -9.29 -83.11
CA HIS B 167 -18.44 -10.44 -83.22
C HIS B 167 -18.71 -11.10 -81.88
N GLY B 168 -17.68 -11.52 -81.17
CA GLY B 168 -17.86 -12.20 -79.91
C GLY B 168 -16.54 -12.77 -79.43
N LEU B 169 -16.60 -13.40 -78.26
CA LEU B 169 -15.41 -14.02 -77.68
C LEU B 169 -14.85 -15.09 -78.58
N LYS B 170 -13.53 -15.21 -78.59
CA LYS B 170 -12.90 -16.38 -79.17
C LYS B 170 -13.10 -17.58 -78.25
N SER B 171 -12.90 -18.78 -78.81
CA SER B 171 -12.95 -19.98 -77.98
C SER B 171 -11.85 -19.97 -76.93
N LEU B 172 -10.64 -19.54 -77.32
CA LEU B 172 -9.56 -19.44 -76.36
C LEU B 172 -9.89 -18.46 -75.23
N ASP B 173 -10.46 -17.32 -75.59
CA ASP B 173 -10.77 -16.30 -74.59
C ASP B 173 -11.75 -16.83 -73.56
N LEU B 174 -12.85 -17.43 -74.02
CA LEU B 174 -13.84 -17.95 -73.08
C LEU B 174 -13.26 -19.09 -72.25
N LYS B 175 -12.47 -19.95 -72.88
CA LYS B 175 -11.87 -21.08 -72.16
C LYS B 175 -10.99 -20.59 -71.02
N THR B 176 -10.06 -19.69 -71.33
CA THR B 176 -9.13 -19.22 -70.30
C THR B 176 -9.84 -18.37 -69.24
N MET B 177 -10.79 -17.51 -69.66
CA MET B 177 -11.51 -16.69 -68.70
C MET B 177 -12.32 -17.53 -67.74
N LYS B 178 -12.99 -18.57 -68.24
CA LYS B 178 -13.75 -19.45 -67.36
C LYS B 178 -12.82 -20.25 -66.46
N ASN B 179 -11.69 -20.70 -66.98
CA ASN B 179 -10.79 -21.51 -66.17
C ASN B 179 -10.02 -20.68 -65.15
N LEU B 180 -9.98 -19.37 -65.29
CA LEU B 180 -9.17 -18.52 -64.44
C LEU B 180 -9.96 -17.64 -63.49
N ASP B 181 -11.27 -17.47 -63.70
CA ASP B 181 -12.04 -16.56 -62.86
C ASP B 181 -12.14 -17.03 -61.42
N ASN B 182 -11.87 -18.31 -61.17
CA ASN B 182 -11.95 -18.88 -59.83
C ASN B 182 -10.60 -18.98 -59.13
N LYS B 183 -9.57 -18.35 -59.68
CA LYS B 183 -8.25 -18.31 -59.05
C LYS B 183 -7.74 -16.90 -58.81
N VAL B 184 -8.00 -15.96 -59.73
CA VAL B 184 -7.49 -14.61 -59.63
C VAL B 184 -8.60 -13.63 -59.96
N ASN B 185 -8.41 -12.38 -59.54
CA ASN B 185 -9.35 -11.31 -59.81
C ASN B 185 -9.19 -10.89 -61.26
N ILE B 186 -10.16 -11.23 -62.08
CA ILE B 186 -10.07 -11.08 -63.53
C ILE B 186 -10.81 -9.82 -63.97
N ILE B 187 -10.15 -9.01 -64.80
CA ILE B 187 -10.73 -7.78 -65.30
C ILE B 187 -10.72 -7.80 -66.83
N PRO B 188 -11.86 -8.06 -67.48
CA PRO B 188 -11.88 -8.04 -68.95
C PRO B 188 -11.71 -6.61 -69.47
N VAL B 189 -10.80 -6.46 -70.43
CA VAL B 189 -10.49 -5.17 -71.02
C VAL B 189 -10.32 -5.35 -72.52
N ILE B 190 -10.94 -4.49 -73.30
CA ILE B 190 -10.84 -4.54 -74.76
C ILE B 190 -9.57 -3.81 -75.16
N ALA B 191 -8.71 -4.49 -75.89
CA ALA B 191 -7.44 -3.90 -76.30
C ALA B 191 -7.60 -3.16 -77.62
N LYS B 192 -6.88 -2.05 -77.76
CA LYS B 192 -6.93 -1.20 -78.94
C LYS B 192 -8.36 -0.78 -79.26
N ALA B 193 -8.95 -0.05 -78.33
CA ALA B 193 -10.33 0.39 -78.47
C ALA B 193 -10.53 1.39 -79.59
N ASP B 194 -9.46 2.01 -80.07
CA ASP B 194 -9.59 2.98 -81.16
C ASP B 194 -10.06 2.34 -82.46
N ILE B 195 -9.87 1.03 -82.62
CA ILE B 195 -10.33 0.36 -83.82
C ILE B 195 -11.84 0.38 -83.93
N VAL B 196 -12.53 0.11 -82.83
CA VAL B 196 -13.97 -0.07 -82.84
C VAL B 196 -14.67 1.28 -82.73
N SER B 197 -15.79 1.41 -83.44
CA SER B 197 -16.68 2.55 -83.30
C SER B 197 -17.61 2.36 -82.11
N LYS B 198 -18.27 3.45 -81.70
CA LYS B 198 -19.05 3.43 -80.46
C LYS B 198 -20.19 2.43 -80.54
N GLY B 199 -20.93 2.42 -81.65
CA GLY B 199 -22.01 1.46 -81.79
C GLY B 199 -21.53 0.03 -81.77
N GLU B 200 -20.48 -0.25 -82.54
CA GLU B 200 -19.92 -1.60 -82.55
C GLU B 200 -19.20 -1.93 -81.26
N LEU B 201 -18.64 -0.92 -80.58
CA LEU B 201 -18.07 -1.17 -79.26
C LEU B 201 -19.15 -1.63 -78.28
N HIS B 202 -20.29 -0.94 -78.28
CA HIS B 202 -21.36 -1.32 -77.36
C HIS B 202 -21.96 -2.67 -77.75
N LYS B 203 -22.07 -2.95 -79.05
CA LYS B 203 -22.53 -4.27 -79.47
C LYS B 203 -21.59 -5.35 -78.98
N PHE B 204 -20.28 -5.14 -79.14
CA PHE B 204 -19.31 -6.12 -78.66
C PHE B 204 -19.42 -6.29 -77.16
N LYS B 205 -19.65 -5.20 -76.43
CA LYS B 205 -19.86 -5.30 -74.99
C LYS B 205 -21.06 -6.16 -74.67
N ILE B 206 -22.16 -5.98 -75.40
CA ILE B 206 -23.37 -6.72 -75.05
C ILE B 206 -23.21 -8.20 -75.36
N LYS B 207 -22.60 -8.56 -76.50
CA LYS B 207 -22.41 -10.00 -76.66
C LYS B 207 -21.34 -10.54 -75.73
N ILE B 208 -20.40 -9.70 -75.28
CA ILE B 208 -19.42 -10.16 -74.30
C ILE B 208 -20.12 -10.56 -73.01
N MET B 209 -20.96 -9.67 -72.49
CA MET B 209 -21.64 -9.99 -71.22
C MET B 209 -22.66 -11.12 -71.41
N ASN B 210 -23.29 -11.20 -72.59
CA ASN B 210 -24.18 -12.31 -72.86
C ASN B 210 -23.43 -13.63 -72.83
N GLU B 211 -22.24 -13.69 -73.44
CA GLU B 211 -21.46 -14.91 -73.41
C GLU B 211 -20.98 -15.22 -72.01
N LEU B 212 -20.62 -14.19 -71.23
CA LEU B 212 -20.14 -14.43 -69.87
C LEU B 212 -21.25 -15.02 -69.00
N VAL B 213 -22.44 -14.42 -69.05
CA VAL B 213 -23.54 -14.94 -68.24
C VAL B 213 -23.99 -16.30 -68.74
N THR B 214 -23.95 -16.52 -70.06
CA THR B 214 -24.36 -17.80 -70.61
C THR B 214 -23.43 -18.92 -70.15
N ASN B 215 -22.12 -18.65 -70.12
CA ASN B 215 -21.14 -19.64 -69.69
C ASN B 215 -20.89 -19.60 -68.19
N GLY B 216 -21.61 -18.76 -67.46
CA GLY B 216 -21.55 -18.77 -66.00
C GLY B 216 -20.22 -18.41 -65.39
N VAL B 217 -19.59 -17.34 -65.87
CA VAL B 217 -18.33 -16.87 -65.32
C VAL B 217 -18.62 -15.68 -64.41
N GLN B 218 -18.00 -15.69 -63.22
CA GLN B 218 -18.18 -14.61 -62.26
C GLN B 218 -17.00 -13.66 -62.38
N ILE B 219 -17.06 -12.82 -63.41
CA ILE B 219 -16.02 -11.82 -63.64
C ILE B 219 -15.86 -11.00 -62.38
N TYR B 220 -14.61 -10.64 -62.05
CA TYR B 220 -14.37 -9.91 -60.81
C TYR B 220 -15.24 -8.67 -60.73
N GLN B 221 -16.15 -8.65 -59.78
CA GLN B 221 -17.07 -7.54 -59.61
C GLN B 221 -16.56 -6.63 -58.51
N PHE B 222 -16.53 -5.34 -58.80
CA PHE B 222 -16.31 -4.37 -57.74
C PHE B 222 -17.53 -4.40 -56.81
N PRO B 223 -17.33 -4.13 -55.51
CA PRO B 223 -18.40 -4.44 -54.53
C PRO B 223 -19.75 -3.87 -54.91
N THR B 224 -20.68 -4.77 -55.26
CA THR B 224 -21.96 -4.33 -55.83
C THR B 224 -22.88 -3.77 -54.74
N ASP B 225 -22.74 -4.25 -53.52
CA ASP B 225 -23.58 -3.84 -52.40
C ASP B 225 -22.72 -3.26 -51.26
N ASP B 226 -21.73 -2.45 -51.60
CA ASP B 226 -20.84 -1.87 -50.61
C ASP B 226 -21.47 -0.67 -49.93
N GLU B 227 -22.32 -0.92 -48.94
CA GLU B 227 -22.98 0.12 -48.15
C GLU B 227 -23.49 1.26 -49.02
N THR B 228 -22.80 2.40 -48.98
CA THR B 228 -23.14 3.55 -49.81
C THR B 228 -22.28 3.64 -51.07
N VAL B 229 -21.15 2.94 -51.10
CA VAL B 229 -20.29 2.91 -52.28
C VAL B 229 -20.79 1.77 -53.18
N ALA B 230 -21.95 1.22 -52.82
CA ALA B 230 -22.55 0.15 -53.61
C ALA B 230 -22.82 0.60 -55.04
N GLU B 231 -23.40 1.79 -55.20
CA GLU B 231 -23.66 2.30 -56.55
C GLU B 231 -22.36 2.53 -57.30
N VAL B 232 -21.36 3.10 -56.61
CA VAL B 232 -20.10 3.43 -57.25
C VAL B 232 -19.36 2.18 -57.74
N ASN B 233 -19.44 1.08 -56.98
CA ASN B 233 -18.74 -0.14 -57.38
C ASN B 233 -19.68 -1.15 -58.05
N ALA B 234 -20.93 -0.76 -58.30
CA ALA B 234 -21.83 -1.57 -59.11
C ALA B 234 -21.98 -1.02 -60.51
N SER B 235 -21.93 0.30 -60.69
CA SER B 235 -21.91 0.88 -62.02
C SER B 235 -20.67 0.41 -62.78
N MET B 236 -19.52 0.35 -62.10
CA MET B 236 -18.31 -0.14 -62.73
C MET B 236 -18.44 -1.61 -63.10
N ASN B 237 -19.10 -2.40 -62.24
CA ASN B 237 -19.36 -3.80 -62.57
C ASN B 237 -20.19 -3.89 -63.84
N THR B 238 -21.22 -3.06 -63.96
CA THR B 238 -22.03 -3.05 -65.17
C THR B 238 -21.23 -2.59 -66.39
N HIS B 239 -20.21 -1.75 -66.19
CA HIS B 239 -19.44 -1.23 -67.32
C HIS B 239 -18.37 -2.20 -67.82
N LEU B 240 -18.13 -3.30 -67.12
CA LEU B 240 -17.20 -4.29 -67.62
C LEU B 240 -17.77 -4.96 -68.86
N PRO B 241 -16.94 -5.27 -69.86
CA PRO B 241 -15.50 -5.01 -69.98
C PRO B 241 -15.19 -3.59 -70.43
N PHE B 242 -13.99 -3.12 -70.10
CA PHE B 242 -13.56 -1.79 -70.46
C PHE B 242 -13.00 -1.78 -71.88
N ALA B 243 -12.75 -0.57 -72.38
CA ALA B 243 -12.11 -0.34 -73.67
C ALA B 243 -11.03 0.72 -73.48
N VAL B 244 -9.78 0.36 -73.79
CA VAL B 244 -8.64 1.18 -73.39
C VAL B 244 -7.80 1.58 -74.60
N VAL B 245 -7.13 2.73 -74.46
CA VAL B 245 -6.19 3.24 -75.45
C VAL B 245 -4.99 3.80 -74.71
N GLY B 246 -3.79 3.51 -75.20
CA GLY B 246 -2.58 3.96 -74.56
C GLY B 246 -1.65 4.65 -75.53
N SER B 247 -0.81 5.53 -75.00
CA SER B 247 0.15 6.28 -75.80
C SER B 247 1.23 6.86 -74.92
N THR B 248 2.47 6.86 -75.42
CA THR B 248 3.59 7.50 -74.76
C THR B 248 4.04 8.77 -75.47
N GLU B 249 3.56 9.03 -76.68
CA GLU B 249 3.95 10.21 -77.43
C GLU B 249 3.25 11.44 -76.86
N GLU B 250 3.99 12.26 -76.13
CA GLU B 250 3.45 13.52 -75.62
C GLU B 250 3.27 14.48 -76.77
N ILE B 251 2.02 14.74 -77.13
CA ILE B 251 1.70 15.62 -78.26
C ILE B 251 1.14 16.93 -77.72
N LYS B 252 1.29 17.98 -78.53
CA LYS B 252 0.97 19.36 -78.12
C LYS B 252 -0.41 19.74 -78.65
N LEU B 253 -1.44 19.51 -77.84
CA LEU B 253 -2.77 20.03 -78.10
C LEU B 253 -3.12 21.02 -76.98
N GLY B 254 -3.45 22.26 -77.38
CA GLY B 254 -3.63 23.36 -76.43
C GLY B 254 -2.36 23.57 -75.63
N ASN B 255 -2.41 24.41 -74.59
CA ASN B 255 -1.25 24.61 -73.72
C ASN B 255 -1.35 23.65 -72.55
N LYS B 256 -1.63 22.38 -72.87
CA LYS B 256 -1.74 21.34 -71.87
C LYS B 256 -1.19 20.01 -72.36
N MET B 257 0.01 20.01 -72.97
CA MET B 257 0.55 18.89 -73.74
C MET B 257 0.22 17.52 -73.13
N VAL B 258 -0.39 16.66 -73.94
CA VAL B 258 -1.12 15.51 -73.43
C VAL B 258 -0.43 14.21 -73.84
N LYS B 259 -1.00 13.09 -73.38
CA LYS B 259 -0.62 11.75 -73.82
C LYS B 259 -1.64 11.32 -74.86
N ALA B 260 -1.22 11.26 -76.12
CA ALA B 260 -2.18 10.98 -77.19
C ALA B 260 -1.47 10.33 -78.36
N ARG B 261 -2.25 9.66 -79.21
CA ARG B 261 -1.75 9.08 -80.46
C ARG B 261 -2.24 9.93 -81.62
N GLN B 262 -1.32 10.34 -82.49
CA GLN B 262 -1.60 11.30 -83.55
C GLN B 262 -1.63 10.59 -84.90
N TYR B 263 -2.81 10.06 -85.26
CA TYR B 263 -2.95 9.50 -86.60
C TYR B 263 -3.15 10.62 -87.62
N PRO B 264 -2.80 10.38 -88.89
CA PRO B 264 -2.93 11.45 -89.90
C PRO B 264 -4.33 11.98 -90.08
N TRP B 265 -5.34 11.36 -89.47
CA TRP B 265 -6.70 11.84 -89.56
C TRP B 265 -7.22 12.46 -88.27
N GLY B 266 -6.50 12.33 -87.16
CA GLY B 266 -6.95 12.91 -85.92
C GLY B 266 -6.09 12.44 -84.77
N THR B 267 -6.30 13.08 -83.63
CA THR B 267 -5.54 12.80 -82.43
C THR B 267 -6.47 12.17 -81.39
N VAL B 268 -6.06 11.03 -80.84
CA VAL B 268 -6.86 10.29 -79.88
C VAL B 268 -6.22 10.45 -78.51
N GLN B 269 -7.01 10.93 -77.55
CA GLN B 269 -6.55 11.22 -76.20
C GLN B 269 -6.65 9.98 -75.34
N VAL B 270 -5.59 9.70 -74.58
CA VAL B 270 -5.62 8.55 -73.69
C VAL B 270 -6.46 8.85 -72.46
N GLU B 271 -6.39 10.07 -71.94
CA GLU B 271 -7.03 10.44 -70.69
C GLU B 271 -8.37 11.15 -70.91
N ASN B 272 -9.11 10.79 -71.94
CA ASN B 272 -10.36 11.46 -72.26
C ASN B 272 -11.53 10.51 -72.02
N GLU B 273 -12.53 10.99 -71.26
CA GLU B 273 -13.69 10.15 -70.98
C GLU B 273 -14.53 9.92 -72.23
N ASN B 274 -14.59 10.91 -73.12
CA ASN B 274 -15.38 10.76 -74.33
C ASN B 274 -14.80 9.69 -75.26
N HIS B 275 -13.48 9.64 -75.39
CA HIS B 275 -12.86 8.74 -76.37
C HIS B 275 -12.76 7.32 -75.83
N CYS B 276 -12.00 7.12 -74.77
CA CYS B 276 -11.68 5.78 -74.29
C CYS B 276 -11.83 5.71 -72.78
N ASP B 277 -11.99 4.49 -72.28
CA ASP B 277 -12.21 4.24 -70.86
C ASP B 277 -10.94 3.88 -70.12
N PHE B 278 -9.80 4.43 -70.54
CA PHE B 278 -8.56 4.21 -69.80
C PHE B 278 -8.62 4.83 -68.42
N VAL B 279 -9.23 6.01 -68.31
CA VAL B 279 -9.26 6.68 -67.03
C VAL B 279 -10.12 5.90 -66.03
N LYS B 280 -11.16 5.21 -66.51
CA LYS B 280 -11.93 4.35 -65.63
C LYS B 280 -11.09 3.22 -65.07
N LEU B 281 -10.29 2.58 -65.93
CA LEU B 281 -9.42 1.50 -65.48
C LEU B 281 -8.39 2.01 -64.48
N ARG B 282 -7.79 3.17 -64.78
CA ARG B 282 -6.79 3.73 -63.88
C ARG B 282 -7.40 4.08 -62.52
N GLU B 283 -8.56 4.74 -62.53
CA GLU B 283 -9.28 5.04 -61.31
C GLU B 283 -9.52 3.78 -60.50
N MET B 284 -10.12 2.77 -61.13
CA MET B 284 -10.51 1.56 -60.40
C MET B 284 -9.31 0.82 -59.86
N LEU B 285 -8.27 0.66 -60.68
CA LEU B 285 -7.15 -0.19 -60.30
C LEU B 285 -6.21 0.50 -59.31
N VAL B 286 -6.04 1.82 -59.41
CA VAL B 286 -5.05 2.54 -58.61
C VAL B 286 -5.69 3.27 -57.45
N ARG B 287 -6.61 4.20 -57.73
CA ARG B 287 -6.99 5.18 -56.71
C ARG B 287 -7.92 4.60 -55.65
N VAL B 288 -8.83 3.68 -56.02
CA VAL B 288 -9.91 3.26 -55.14
C VAL B 288 -9.75 1.81 -54.68
N ASN B 289 -9.42 0.91 -55.61
CA ASN B 289 -9.49 -0.53 -55.38
C ASN B 289 -8.16 -1.26 -55.51
N MET B 290 -7.11 -0.78 -54.84
CA MET B 290 -5.93 -1.64 -54.65
C MET B 290 -6.13 -2.57 -53.46
N GLU B 291 -6.39 -1.99 -52.28
CA GLU B 291 -6.48 -2.78 -51.07
C GLU B 291 -7.66 -3.74 -51.12
N ASP B 292 -8.71 -3.38 -51.85
CA ASP B 292 -9.81 -4.31 -52.07
C ASP B 292 -9.34 -5.54 -52.82
N LEU B 293 -8.54 -5.34 -53.87
CA LEU B 293 -8.01 -6.47 -54.62
C LEU B 293 -7.10 -7.33 -53.75
N ARG B 294 -6.26 -6.69 -52.93
CA ARG B 294 -5.41 -7.47 -52.05
C ARG B 294 -6.22 -8.27 -51.03
N GLU B 295 -7.25 -7.66 -50.46
CA GLU B 295 -8.06 -8.34 -49.47
C GLU B 295 -8.84 -9.49 -50.08
N LYS B 296 -9.33 -9.31 -51.31
CA LYS B 296 -10.01 -10.41 -51.99
C LYS B 296 -9.05 -11.53 -52.34
N THR B 297 -7.80 -11.18 -52.66
CA THR B 297 -6.80 -12.21 -52.92
C THR B 297 -6.52 -13.02 -51.67
N HIS B 298 -6.41 -12.36 -50.51
CA HIS B 298 -6.09 -13.08 -49.29
C HIS B 298 -7.28 -13.86 -48.76
N THR B 299 -8.39 -13.18 -48.51
CA THR B 299 -9.51 -13.79 -47.80
C THR B 299 -10.29 -14.76 -48.69
N LYS B 300 -10.54 -14.39 -49.94
CA LYS B 300 -11.47 -15.17 -50.75
C LYS B 300 -10.79 -16.30 -51.50
N HIS B 301 -9.69 -16.03 -52.19
CA HIS B 301 -9.07 -17.00 -53.08
C HIS B 301 -8.02 -17.84 -52.37
N TYR B 302 -7.10 -17.17 -51.67
CA TYR B 302 -6.01 -17.88 -51.00
C TYR B 302 -6.52 -18.86 -49.97
N GLU B 303 -7.61 -18.54 -49.27
CA GLU B 303 -8.15 -19.48 -48.30
C GLU B 303 -8.84 -20.66 -48.97
N LEU B 304 -9.42 -20.46 -50.15
CA LEU B 304 -9.93 -21.60 -50.91
C LEU B 304 -8.78 -22.52 -51.31
N TYR B 305 -7.67 -21.92 -51.74
CA TYR B 305 -6.48 -22.70 -52.06
C TYR B 305 -5.99 -23.46 -50.83
N ARG B 306 -6.02 -22.80 -49.67
CA ARG B 306 -5.63 -23.43 -48.41
C ARG B 306 -6.53 -24.62 -48.10
N ARG B 307 -7.84 -24.47 -48.28
CA ARG B 307 -8.75 -25.56 -48.00
C ARG B 307 -8.48 -26.74 -48.92
N SER B 308 -8.29 -26.47 -50.21
CA SER B 308 -8.03 -27.56 -51.16
C SER B 308 -6.71 -28.27 -50.83
N LYS B 309 -5.66 -27.50 -50.55
CA LYS B 309 -4.36 -28.11 -50.27
C LYS B 309 -4.37 -28.90 -48.97
N LEU B 310 -5.02 -28.37 -47.92
CA LEU B 310 -5.08 -29.09 -46.65
C LEU B 310 -5.95 -30.33 -46.76
N THR B 311 -7.02 -30.27 -47.55
CA THR B 311 -7.80 -31.48 -47.81
C THR B 311 -6.97 -32.53 -48.54
N GLU B 312 -6.16 -32.10 -49.51
CA GLU B 312 -5.30 -33.03 -50.23
C GLU B 312 -3.97 -33.29 -49.51
N MET B 313 -3.68 -32.56 -48.44
CA MET B 313 -2.44 -32.80 -47.70
C MET B 313 -2.51 -34.12 -46.93
N GLY B 314 -3.67 -34.41 -46.34
CA GLY B 314 -3.84 -35.63 -45.58
C GLY B 314 -4.61 -35.43 -44.29
N TYR C 18 1.75 12.54 -62.58
CA TYR C 18 1.09 12.06 -61.34
C TYR C 18 1.24 10.56 -61.19
N VAL C 19 0.13 9.84 -61.20
CA VAL C 19 -0.09 8.40 -60.85
C VAL C 19 -0.63 8.47 -59.46
N GLY C 20 -1.41 7.55 -58.97
CA GLY C 20 -2.04 7.78 -57.65
C GLY C 20 -1.56 6.91 -56.53
N PHE C 21 -0.48 6.28 -56.77
CA PHE C 21 0.02 5.49 -55.69
C PHE C 21 -0.06 6.21 -54.36
N ALA C 22 -0.39 7.49 -54.26
CA ALA C 22 -0.29 8.00 -52.91
C ALA C 22 -1.60 7.87 -52.13
N ASN C 23 -2.69 7.48 -52.80
CA ASN C 23 -4.00 7.38 -52.18
C ASN C 23 -4.24 6.05 -51.49
N LEU C 24 -3.26 5.15 -51.49
CA LEU C 24 -3.45 3.85 -50.83
C LEU C 24 -3.68 3.97 -49.33
N PRO C 25 -2.99 4.84 -48.59
CA PRO C 25 -3.36 5.03 -47.18
C PRO C 25 -4.82 5.37 -46.97
N ASN C 26 -5.43 6.12 -47.89
CA ASN C 26 -6.85 6.40 -47.77
C ASN C 26 -7.67 5.13 -47.85
N GLN C 27 -7.31 4.22 -48.75
CA GLN C 27 -8.04 2.96 -48.85
C GLN C 27 -7.86 2.13 -47.59
N LEU C 28 -6.65 2.10 -47.03
CA LEU C 28 -6.45 1.40 -45.76
C LEU C 28 -7.30 2.00 -44.66
N TYR C 29 -7.35 3.33 -44.58
CA TYR C 29 -8.18 4.02 -43.60
C TYR C 29 -9.64 3.61 -43.74
N ARG C 30 -10.02 3.26 -44.92
CA ARG C 30 -11.46 3.17 -45.08
C ARG C 30 -11.83 1.76 -44.84
N LYS C 31 -10.93 0.92 -45.16
CA LYS C 31 -11.19 -0.48 -44.86
C LYS C 31 -11.08 -0.75 -43.36
N SER C 32 -10.27 0.04 -42.64
CA SER C 32 -10.12 -0.19 -41.21
C SER C 32 -11.38 0.22 -40.45
N VAL C 33 -12.24 1.04 -41.05
CA VAL C 33 -13.40 1.55 -40.35
C VAL C 33 -14.41 0.45 -40.05
N LYS C 34 -14.73 -0.39 -41.04
CA LYS C 34 -15.78 -1.39 -40.90
C LYS C 34 -15.39 -2.50 -39.93
N GLN C 35 -14.16 -3.00 -40.03
CA GLN C 35 -13.71 -4.09 -39.17
C GLN C 35 -13.71 -3.68 -37.71
N GLY C 36 -12.89 -2.69 -37.36
CA GLY C 36 -12.76 -2.27 -35.98
C GLY C 36 -11.48 -2.79 -35.36
N PHE C 37 -10.78 -1.94 -34.63
CA PHE C 37 -9.53 -2.34 -33.99
C PHE C 37 -9.82 -2.99 -32.65
N GLU C 38 -9.06 -4.02 -32.31
CA GLU C 38 -9.20 -4.70 -31.03
C GLU C 38 -7.96 -4.45 -30.18
N PHE C 39 -8.17 -4.08 -28.93
CA PHE C 39 -7.10 -3.90 -27.96
C PHE C 39 -7.39 -4.78 -26.75
N THR C 40 -6.33 -5.29 -26.15
CA THR C 40 -6.44 -6.17 -24.99
C THR C 40 -5.34 -5.79 -24.02
N LEU C 41 -5.72 -5.05 -22.98
CA LEU C 41 -4.77 -4.46 -22.05
C LEU C 41 -4.95 -5.08 -20.67
N MET C 42 -3.84 -5.44 -20.05
CA MET C 42 -3.84 -6.09 -18.75
C MET C 42 -3.20 -5.14 -17.73
N VAL C 43 -3.80 -5.09 -16.55
CA VAL C 43 -3.37 -4.19 -15.49
C VAL C 43 -3.10 -5.04 -14.25
N VAL C 44 -1.89 -4.94 -13.72
CA VAL C 44 -1.39 -5.85 -12.69
C VAL C 44 -0.85 -5.06 -11.52
N GLY C 45 -1.26 -5.44 -10.32
CA GLY C 45 -0.71 -4.84 -9.12
C GLY C 45 -1.48 -5.27 -7.89
N GLU C 46 -0.94 -4.88 -6.75
CA GLU C 46 -1.59 -5.13 -5.46
C GLU C 46 -2.96 -4.47 -5.41
N SER C 47 -3.87 -5.10 -4.68
CA SER C 47 -5.20 -4.54 -4.50
C SER C 47 -5.12 -3.21 -3.76
N GLY C 48 -5.86 -2.23 -4.24
CA GLY C 48 -5.84 -0.90 -3.65
C GLY C 48 -4.83 0.05 -4.23
N LEU C 49 -4.03 -0.38 -5.21
CA LEU C 49 -2.97 0.44 -5.76
C LEU C 49 -3.44 1.36 -6.89
N GLY C 50 -4.74 1.60 -7.01
CA GLY C 50 -5.22 2.52 -8.04
C GLY C 50 -5.31 1.95 -9.43
N LYS C 51 -5.55 0.64 -9.56
CA LYS C 51 -5.56 0.02 -10.88
C LYS C 51 -6.82 0.38 -11.65
N SER C 52 -7.99 0.03 -11.11
CA SER C 52 -9.24 0.33 -11.78
C SER C 52 -9.41 1.84 -11.98
N THR C 53 -9.03 2.62 -10.97
CA THR C 53 -9.14 4.06 -11.07
C THR C 53 -8.25 4.62 -12.17
N LEU C 54 -7.01 4.14 -12.27
CA LEU C 54 -6.13 4.65 -13.31
C LEU C 54 -6.65 4.24 -14.68
N ILE C 55 -7.19 3.02 -14.79
CA ILE C 55 -7.81 2.62 -16.05
C ILE C 55 -8.94 3.57 -16.41
N ASN C 56 -9.76 3.94 -15.43
CA ASN C 56 -10.88 4.84 -15.70
C ASN C 56 -10.38 6.20 -16.16
N SER C 57 -9.32 6.72 -15.53
CA SER C 57 -8.79 8.02 -15.92
C SER C 57 -7.97 7.99 -17.19
N LEU C 58 -7.47 6.82 -17.57
CA LEU C 58 -6.60 6.71 -18.74
C LEU C 58 -7.40 6.77 -20.03
N PHE C 59 -8.55 6.11 -20.05
CA PHE C 59 -9.39 6.04 -21.23
C PHE C 59 -10.50 7.07 -21.22
N LEU C 60 -10.53 7.95 -20.23
CA LEU C 60 -11.53 9.01 -20.10
C LEU C 60 -12.96 8.45 -20.06
N SER C 61 -13.11 7.23 -19.56
CA SER C 61 -14.38 6.52 -19.59
C SER C 61 -14.66 5.92 -18.22
N ASP C 62 -15.94 5.85 -17.86
CA ASP C 62 -16.37 5.22 -16.62
C ASP C 62 -16.57 3.74 -16.89
N LEU C 63 -15.50 2.97 -16.70
CA LEU C 63 -15.53 1.54 -17.01
C LEU C 63 -16.35 0.78 -15.97
N GLY C 70 -17.49 1.93 -11.23
CA GLY C 70 -16.20 2.01 -10.59
C GLY C 70 -15.95 0.88 -9.60
N PRO C 71 -15.19 -0.14 -10.02
CA PRO C 71 -14.89 -1.26 -9.12
C PRO C 71 -14.05 -0.86 -7.91
N SER C 72 -13.72 0.41 -7.73
CA SER C 72 -13.06 0.85 -6.51
C SER C 72 -13.98 0.71 -5.29
N LEU C 73 -15.29 0.85 -5.48
CA LEU C 73 -16.25 0.61 -4.42
C LEU C 73 -16.55 -0.87 -4.22
N ARG C 74 -16.02 -1.73 -5.08
CA ARG C 74 -16.11 -3.19 -4.91
C ARG C 74 -15.03 -3.61 -3.93
N ILE C 75 -15.23 -3.25 -2.66
CA ILE C 75 -14.30 -3.59 -1.59
C ILE C 75 -14.48 -5.08 -1.30
N LYS C 76 -13.57 -5.91 -1.83
CA LYS C 76 -13.67 -7.35 -1.66
C LYS C 76 -12.44 -8.01 -2.31
N LYS C 77 -12.28 -9.29 -1.99
CA LYS C 77 -11.32 -10.16 -2.66
C LYS C 77 -11.95 -10.70 -3.95
N THR C 78 -11.16 -11.46 -4.72
CA THR C 78 -11.63 -12.03 -5.97
C THR C 78 -11.11 -13.45 -6.09
N VAL C 79 -11.49 -14.13 -7.18
CA VAL C 79 -11.19 -15.56 -7.33
C VAL C 79 -10.38 -15.81 -8.60
N LYS C 80 -10.96 -15.49 -9.76
CA LYS C 80 -10.35 -15.81 -11.04
C LYS C 80 -10.04 -14.53 -11.81
N VAL C 81 -9.25 -14.69 -12.87
CA VAL C 81 -8.81 -13.55 -13.68
C VAL C 81 -10.03 -12.83 -14.23
N GLU C 82 -10.12 -11.52 -13.99
CA GLU C 82 -11.27 -10.75 -14.41
C GLU C 82 -11.00 -10.11 -15.76
N THR C 83 -11.85 -10.42 -16.73
CA THR C 83 -11.73 -9.88 -18.07
C THR C 83 -13.02 -9.18 -18.44
N THR C 84 -12.88 -8.04 -19.11
CA THR C 84 -14.04 -7.23 -19.42
C THR C 84 -14.02 -6.83 -20.89
N LYS C 85 -15.14 -7.05 -21.59
CA LYS C 85 -15.31 -6.70 -22.99
C LYS C 85 -16.07 -5.37 -23.08
N VAL C 86 -15.49 -4.40 -23.78
CA VAL C 86 -16.11 -3.10 -23.96
C VAL C 86 -15.96 -2.68 -25.42
N LEU C 87 -16.79 -1.72 -25.84
CA LEU C 87 -16.69 -1.09 -27.15
C LEU C 87 -16.57 0.42 -26.93
N ILE C 88 -15.43 1.00 -27.29
CA ILE C 88 -15.18 2.42 -27.13
C ILE C 88 -14.98 3.03 -28.51
N LYS C 89 -15.84 3.96 -28.89
CA LYS C 89 -15.84 4.53 -30.23
C LYS C 89 -15.59 6.02 -30.16
N GLU C 90 -14.69 6.50 -31.01
CA GLU C 90 -14.48 7.94 -31.14
C GLU C 90 -13.81 8.24 -32.47
N ASN C 91 -14.22 9.35 -33.08
CA ASN C 91 -13.67 9.82 -34.35
C ASN C 91 -13.77 8.75 -35.43
N GLY C 92 -14.85 7.96 -35.40
CA GLY C 92 -15.06 6.93 -36.38
C GLY C 92 -14.27 5.66 -36.18
N VAL C 93 -13.47 5.58 -35.11
CA VAL C 93 -12.65 4.40 -34.83
C VAL C 93 -13.24 3.70 -33.62
N THR C 94 -13.43 2.38 -33.74
CA THR C 94 -14.01 1.57 -32.68
C THR C 94 -12.96 0.60 -32.14
N LEU C 95 -12.80 0.62 -30.81
CA LEU C 95 -11.89 -0.28 -30.11
C LEU C 95 -12.72 -1.30 -29.34
N ARG C 96 -12.55 -2.57 -29.69
CA ARG C 96 -13.05 -3.68 -28.89
C ARG C 96 -12.01 -3.98 -27.83
N LEU C 97 -12.31 -3.61 -26.59
CA LEU C 97 -11.32 -3.54 -25.53
C LEU C 97 -11.55 -4.67 -24.54
N THR C 98 -10.55 -5.49 -24.34
CA THR C 98 -10.58 -6.53 -23.30
C THR C 98 -9.60 -6.08 -22.22
N ILE C 99 -10.15 -5.69 -21.09
CA ILE C 99 -9.34 -5.26 -19.95
C ILE C 99 -9.19 -6.43 -19.00
N ASP C 100 -7.96 -6.75 -18.67
CA ASP C 100 -7.62 -7.89 -17.81
C ASP C 100 -7.16 -7.35 -16.46
N ASP C 101 -8.08 -7.32 -15.51
CA ASP C 101 -7.77 -7.00 -14.12
C ASP C 101 -7.54 -8.32 -13.40
N THR C 102 -6.38 -8.43 -12.75
CA THR C 102 -6.01 -9.66 -12.09
C THR C 102 -6.90 -9.88 -10.86
N PRO C 103 -7.02 -11.14 -10.42
CA PRO C 103 -7.77 -11.40 -9.18
C PRO C 103 -7.00 -10.86 -7.99
N GLY C 104 -7.52 -11.07 -6.79
CA GLY C 104 -6.77 -10.68 -5.62
C GLY C 104 -5.48 -11.46 -5.50
N PHE C 105 -4.35 -10.81 -5.81
CA PHE C 105 -3.04 -11.42 -5.62
C PHE C 105 -2.13 -10.40 -4.96
N GLY C 106 -1.14 -10.90 -4.23
CA GLY C 106 -0.27 -10.03 -3.47
C GLY C 106 -0.86 -9.69 -2.12
N ASP C 107 -2.19 -9.67 -2.04
CA ASP C 107 -2.86 -9.44 -0.76
C ASP C 107 -2.84 -10.68 0.13
N ALA C 108 -2.90 -11.87 -0.47
CA ALA C 108 -2.92 -13.09 0.30
C ALA C 108 -1.58 -13.32 1.01
N VAL C 109 -1.62 -14.09 2.09
CA VAL C 109 -0.43 -14.34 2.88
C VAL C 109 0.58 -15.15 2.09
N ASP C 110 0.11 -16.18 1.39
CA ASP C 110 0.98 -17.03 0.58
C ASP C 110 0.98 -16.50 -0.85
N ASN C 111 1.93 -15.61 -1.14
CA ASN C 111 2.05 -14.99 -2.44
C ASN C 111 3.00 -15.73 -3.37
N SER C 112 3.53 -16.87 -2.94
CA SER C 112 4.42 -17.64 -3.79
C SER C 112 3.65 -18.16 -5.00
N ASN C 113 4.23 -17.96 -6.18
CA ASN C 113 3.61 -18.37 -7.44
C ASN C 113 2.20 -17.80 -7.60
N CYS C 114 2.05 -16.52 -7.30
CA CYS C 114 0.78 -15.83 -7.53
C CYS C 114 0.66 -15.31 -8.95
N TRP C 115 1.74 -15.33 -9.73
CA TRP C 115 1.71 -14.89 -11.12
C TRP C 115 1.29 -16.00 -12.07
N GLN C 116 1.02 -17.19 -11.56
CA GLN C 116 0.68 -18.31 -12.42
C GLN C 116 -0.66 -18.10 -13.10
N ALA C 117 -1.61 -17.45 -12.42
CA ALA C 117 -2.89 -17.16 -13.07
C ALA C 117 -2.70 -16.27 -14.29
N VAL C 118 -1.89 -15.23 -14.15
CA VAL C 118 -1.62 -14.33 -15.27
C VAL C 118 -0.89 -15.05 -16.40
N ILE C 119 0.14 -15.84 -16.05
CA ILE C 119 0.88 -16.55 -17.09
C ILE C 119 -0.03 -17.53 -17.82
N ASN C 120 -0.86 -18.26 -17.08
CA ASN C 120 -1.78 -19.20 -17.72
C ASN C 120 -2.77 -18.47 -18.61
N HIS C 121 -3.24 -17.30 -18.18
CA HIS C 121 -4.16 -16.54 -19.03
C HIS C 121 -3.50 -16.13 -20.33
N ILE C 122 -2.27 -15.65 -20.25
CA ILE C 122 -1.53 -15.25 -21.46
C ILE C 122 -1.39 -16.44 -22.39
N GLU C 123 -0.93 -17.57 -21.86
CA GLU C 123 -0.70 -18.74 -22.69
C GLU C 123 -2.00 -19.27 -23.29
N LYS C 124 -3.09 -19.22 -22.53
CA LYS C 124 -4.36 -19.68 -23.06
C LYS C 124 -4.84 -18.81 -24.21
N LYS C 125 -4.67 -17.49 -24.09
CA LYS C 125 -5.05 -16.61 -25.18
C LYS C 125 -4.20 -16.90 -26.43
N PHE C 126 -2.89 -17.04 -26.23
CA PHE C 126 -2.02 -17.33 -27.37
C PHE C 126 -2.38 -18.66 -28.02
N GLU C 127 -2.64 -19.68 -27.21
CA GLU C 127 -2.98 -21.00 -27.74
C GLU C 127 -4.31 -20.95 -28.48
N ASP C 128 -5.29 -20.21 -27.97
CA ASP C 128 -6.56 -20.10 -28.66
C ASP C 128 -6.39 -19.48 -30.04
N TYR C 129 -5.66 -18.36 -30.11
CA TYR C 129 -5.45 -17.71 -31.39
C TYR C 129 -4.68 -18.61 -32.36
N LEU C 130 -3.61 -19.24 -31.89
CA LEU C 130 -2.79 -20.09 -32.75
C LEU C 130 -3.58 -21.31 -33.25
N ASN C 131 -4.35 -21.95 -32.36
CA ASN C 131 -5.15 -23.09 -32.76
C ASN C 131 -6.21 -22.67 -33.78
N ALA C 132 -6.82 -21.50 -33.57
CA ALA C 132 -7.78 -21.00 -34.54
C ALA C 132 -7.12 -20.78 -35.89
N GLU C 133 -5.88 -20.30 -35.89
CA GLU C 133 -5.16 -20.09 -37.14
C GLU C 133 -4.82 -21.40 -37.82
N SER C 134 -4.55 -22.45 -37.05
CA SER C 134 -4.02 -23.68 -37.63
C SER C 134 -5.09 -24.54 -38.29
N MET C 135 -6.37 -24.27 -38.04
CA MET C 135 -7.41 -25.14 -38.56
C MET C 135 -7.47 -25.07 -40.09
N VAL C 136 -8.13 -26.08 -40.67
CA VAL C 136 -8.32 -26.12 -42.12
C VAL C 136 -9.23 -24.98 -42.57
N THR C 137 -10.33 -24.76 -41.85
CA THR C 137 -11.29 -23.71 -42.19
C THR C 137 -10.97 -22.48 -41.33
N ARG C 138 -10.92 -21.31 -41.96
CA ARG C 138 -10.47 -20.09 -41.32
C ARG C 138 -11.42 -18.94 -41.65
N SER C 139 -11.91 -18.26 -40.63
CA SER C 139 -12.54 -16.96 -40.78
C SER C 139 -11.48 -15.88 -40.56
N LYS C 140 -11.92 -14.63 -40.42
CA LYS C 140 -11.04 -13.60 -39.90
C LYS C 140 -10.75 -13.91 -38.42
N LEU C 141 -9.48 -14.03 -38.07
CA LEU C 141 -9.11 -14.49 -36.74
C LEU C 141 -9.51 -13.46 -35.70
N ALA C 142 -10.30 -13.89 -34.71
CA ALA C 142 -10.74 -13.01 -33.63
C ALA C 142 -9.63 -12.96 -32.60
N ASP C 143 -8.83 -11.90 -32.65
CA ASP C 143 -7.68 -11.79 -31.77
C ASP C 143 -8.11 -11.73 -30.31
N ASN C 144 -7.38 -12.43 -29.46
CA ASN C 144 -7.63 -12.40 -28.03
C ASN C 144 -6.37 -12.21 -27.21
N ARG C 145 -5.21 -12.11 -27.84
CA ARG C 145 -3.95 -11.93 -27.12
C ARG C 145 -3.93 -10.59 -26.40
N VAL C 146 -3.34 -10.59 -25.21
CA VAL C 146 -3.12 -9.36 -24.46
C VAL C 146 -1.95 -8.61 -25.10
N HIS C 147 -2.12 -7.30 -25.26
CA HIS C 147 -1.14 -6.51 -26.00
C HIS C 147 -0.17 -5.76 -25.10
N CYS C 148 -0.67 -5.05 -24.09
CA CYS C 148 0.17 -4.32 -23.17
C CYS C 148 -0.20 -4.68 -21.74
N CYS C 149 0.77 -4.60 -20.84
CA CYS C 149 0.57 -4.84 -19.43
C CYS C 149 1.15 -3.68 -18.63
N LEU C 150 0.36 -3.13 -17.72
CA LEU C 150 0.78 -2.04 -16.85
C LEU C 150 0.92 -2.56 -15.43
N TYR C 151 2.15 -2.53 -14.91
CA TYR C 151 2.45 -3.04 -13.58
C TYR C 151 2.57 -1.88 -12.60
N PHE C 152 2.06 -2.08 -11.40
CA PHE C 152 2.04 -1.03 -10.39
C PHE C 152 3.06 -1.27 -9.30
N ILE C 153 3.82 -0.22 -8.99
CA ILE C 153 4.84 -0.24 -7.93
C ILE C 153 4.26 0.47 -6.73
N ALA C 154 4.35 -0.18 -5.57
CA ALA C 154 3.91 0.45 -4.34
C ALA C 154 4.78 1.66 -4.06
N PRO C 155 4.21 2.82 -3.75
CA PRO C 155 5.00 4.03 -3.49
C PRO C 155 5.68 4.01 -2.13
N THR C 156 6.60 3.07 -1.95
CA THR C 156 7.31 2.96 -0.68
C THR C 156 8.28 4.11 -0.47
N GLY C 157 8.96 4.54 -1.52
CA GLY C 157 9.97 5.57 -1.41
C GLY C 157 11.36 5.06 -1.16
N HIS C 158 11.54 3.74 -1.00
CA HIS C 158 12.84 3.16 -0.72
C HIS C 158 13.32 2.22 -1.82
N GLY C 159 12.49 1.26 -2.24
CA GLY C 159 12.89 0.35 -3.28
C GLY C 159 11.74 -0.56 -3.65
N LEU C 160 11.96 -1.36 -4.68
CA LEU C 160 10.95 -2.30 -5.13
C LEU C 160 10.77 -3.43 -4.13
N LYS C 161 9.53 -3.88 -3.99
CA LYS C 161 9.26 -5.07 -3.20
C LYS C 161 9.74 -6.32 -3.96
N PRO C 162 10.16 -7.36 -3.24
CA PRO C 162 10.61 -8.58 -3.94
C PRO C 162 9.53 -9.21 -4.78
N LEU C 163 8.26 -9.10 -4.37
CA LEU C 163 7.17 -9.63 -5.19
C LEU C 163 7.12 -8.94 -6.55
N ASP C 164 7.25 -7.61 -6.56
CA ASP C 164 7.20 -6.87 -7.81
C ASP C 164 8.35 -7.24 -8.73
N VAL C 165 9.56 -7.32 -8.16
CA VAL C 165 10.73 -7.70 -8.95
C VAL C 165 10.55 -9.08 -9.54
N GLU C 166 10.07 -10.02 -8.73
CA GLU C 166 9.85 -11.38 -9.21
C GLU C 166 8.83 -11.42 -10.33
N PHE C 167 7.76 -10.64 -10.22
CA PHE C 167 6.68 -10.78 -11.19
C PHE C 167 7.08 -10.09 -12.51
N MET C 168 7.80 -8.96 -12.43
CA MET C 168 8.41 -8.42 -13.65
C MET C 168 9.35 -9.42 -14.30
N LYS C 169 10.18 -10.10 -13.51
CA LYS C 169 11.08 -11.10 -14.07
C LYS C 169 10.30 -12.20 -14.77
N ASN C 170 9.21 -12.66 -14.16
CA ASN C 170 8.44 -13.77 -14.68
C ASN C 170 7.47 -13.35 -15.78
N LEU C 171 7.35 -12.05 -16.06
CA LEU C 171 6.31 -11.56 -16.96
C LEU C 171 6.87 -10.86 -18.19
N HIS C 172 7.99 -10.16 -18.08
CA HIS C 172 8.42 -9.27 -19.16
C HIS C 172 8.73 -10.01 -20.45
N ASP C 173 8.97 -11.31 -20.40
CA ASP C 173 9.31 -12.08 -21.59
C ASP C 173 8.08 -12.65 -22.29
N LYS C 174 6.88 -12.21 -21.91
CA LYS C 174 5.67 -12.82 -22.45
C LYS C 174 4.70 -11.78 -23.00
N VAL C 175 4.73 -10.57 -22.46
CA VAL C 175 3.89 -9.49 -22.96
C VAL C 175 4.55 -8.17 -22.60
N ASN C 176 4.13 -7.11 -23.29
CA ASN C 176 4.72 -5.79 -23.08
C ASN C 176 4.38 -5.28 -21.69
N ILE C 177 5.41 -4.96 -20.92
CA ILE C 177 5.28 -4.53 -19.54
C ILE C 177 5.75 -3.09 -19.40
N ILE C 178 4.96 -2.26 -18.73
CA ILE C 178 5.26 -0.86 -18.50
C ILE C 178 5.12 -0.60 -17.02
N PRO C 179 6.15 -0.11 -16.33
CA PRO C 179 6.06 0.06 -14.88
C PRO C 179 5.55 1.45 -14.52
N LEU C 180 4.61 1.49 -13.59
CA LEU C 180 3.98 2.73 -13.18
C LEU C 180 4.13 2.92 -11.68
N ILE C 181 4.48 4.13 -11.26
CA ILE C 181 4.58 4.46 -9.85
C ILE C 181 3.21 4.92 -9.39
N ALA C 182 2.43 4.03 -8.78
CA ALA C 182 1.12 4.40 -8.28
C ALA C 182 1.26 5.31 -7.07
N LYS C 183 0.23 6.12 -6.84
CA LYS C 183 0.24 7.14 -5.79
C LYS C 183 1.48 8.02 -5.90
N ALA C 184 1.60 8.70 -7.03
CA ALA C 184 2.75 9.57 -7.26
C ALA C 184 2.60 10.91 -6.58
N ASP C 185 1.54 11.11 -5.80
CA ASP C 185 1.27 12.36 -5.11
C ASP C 185 1.75 12.35 -3.67
N THR C 186 2.42 11.28 -3.26
CA THR C 186 2.87 11.12 -1.89
C THR C 186 4.30 11.54 -1.68
N MET C 187 4.96 12.08 -2.70
CA MET C 187 6.40 12.30 -2.67
C MET C 187 6.73 13.75 -2.96
N THR C 188 7.57 14.33 -2.13
CA THR C 188 8.19 15.62 -2.46
C THR C 188 9.07 15.41 -3.68
N PRO C 189 9.26 16.45 -4.51
CA PRO C 189 10.00 16.24 -5.77
C PRO C 189 11.38 15.68 -5.58
N GLU C 190 12.08 16.03 -4.49
CA GLU C 190 13.37 15.43 -4.22
C GLU C 190 13.24 13.94 -3.99
N GLU C 191 12.22 13.53 -3.24
CA GLU C 191 12.01 12.11 -3.00
C GLU C 191 11.56 11.39 -4.25
N CYS C 192 10.79 12.06 -5.11
CA CYS C 192 10.43 11.44 -6.38
C CYS C 192 11.65 11.24 -7.26
N LEU C 193 12.55 12.24 -7.29
CA LEU C 193 13.85 12.10 -7.93
C LEU C 193 14.59 10.87 -7.44
N ARG C 194 14.78 10.79 -6.12
CA ARG C 194 15.58 9.73 -5.54
C ARG C 194 14.93 8.37 -5.76
N PHE C 195 13.61 8.28 -5.59
CA PHE C 195 12.92 7.01 -5.78
C PHE C 195 12.96 6.57 -7.23
N LYS C 196 12.80 7.50 -8.17
CA LYS C 196 12.78 7.12 -9.57
C LYS C 196 14.13 6.59 -10.01
N LYS C 197 15.23 7.25 -9.62
CA LYS C 197 16.53 6.70 -10.00
C LYS C 197 16.94 5.50 -9.15
N GLN C 198 16.43 5.33 -7.94
CA GLN C 198 16.62 4.05 -7.26
C GLN C 198 15.96 2.92 -8.05
N ILE C 199 14.73 3.16 -8.51
CA ILE C 199 14.02 2.14 -9.30
C ILE C 199 14.77 1.88 -10.60
N MET C 200 15.29 2.93 -11.23
CA MET C 200 16.05 2.75 -12.46
C MET C 200 17.29 1.90 -12.23
N LYS C 201 18.01 2.17 -11.13
CA LYS C 201 19.20 1.40 -10.83
C LYS C 201 18.86 -0.06 -10.57
N GLU C 202 17.77 -0.32 -9.83
CA GLU C 202 17.35 -1.70 -9.62
C GLU C 202 16.96 -2.36 -10.93
N ILE C 203 16.29 -1.62 -11.81
CA ILE C 203 15.87 -2.17 -13.09
C ILE C 203 17.10 -2.57 -13.92
N HIS C 204 18.12 -1.71 -13.94
CA HIS C 204 19.34 -2.06 -14.65
C HIS C 204 20.05 -3.25 -14.01
N GLU C 205 20.07 -3.30 -12.68
CA GLU C 205 20.88 -4.31 -11.99
C GLU C 205 20.23 -5.69 -12.07
N HIS C 206 18.91 -5.78 -11.92
CA HIS C 206 18.23 -7.04 -12.19
C HIS C 206 18.12 -7.34 -13.67
N LYS C 207 18.56 -6.41 -14.52
CA LYS C 207 18.51 -6.57 -15.98
C LYS C 207 17.08 -6.76 -16.48
N ILE C 208 16.12 -6.16 -15.79
CA ILE C 208 14.73 -6.19 -16.24
C ILE C 208 14.56 -5.25 -17.41
N GLN C 209 14.61 -5.79 -18.62
CA GLN C 209 14.39 -4.98 -19.81
C GLN C 209 12.91 -4.67 -19.92
N LEU C 210 12.56 -3.42 -19.70
CA LEU C 210 11.16 -3.02 -19.76
C LEU C 210 10.78 -2.90 -21.23
N TYR C 211 9.65 -2.26 -21.52
CA TYR C 211 9.12 -2.23 -22.88
C TYR C 211 10.23 -1.87 -23.86
N GLU C 212 10.54 -2.79 -24.78
CA GLU C 212 11.80 -2.82 -25.52
C GLU C 212 11.98 -1.64 -26.46
N PHE C 213 13.23 -1.14 -26.57
CA PHE C 213 13.62 -0.12 -27.52
C PHE C 213 15.09 -0.31 -27.92
N PRO C 214 15.49 -1.47 -28.44
CA PRO C 214 16.92 -1.82 -28.42
C PRO C 214 17.84 -0.92 -29.23
N GLU C 215 17.82 -1.03 -30.57
CA GLU C 215 18.70 -0.20 -31.39
C GLU C 215 18.18 0.09 -32.80
N CYS C 216 16.90 0.42 -32.94
CA CYS C 216 16.33 0.58 -34.28
C CYS C 216 17.10 1.65 -35.06
N GLU C 217 17.39 1.33 -36.33
CA GLU C 217 18.34 2.13 -37.11
C GLU C 217 17.77 3.50 -37.48
N ASP C 218 16.45 3.68 -37.40
CA ASP C 218 15.87 5.00 -37.63
C ASP C 218 16.36 5.96 -36.55
N GLU C 219 16.53 7.23 -36.92
CA GLU C 219 17.14 8.22 -36.03
C GLU C 219 16.11 8.94 -35.16
N GLU C 220 15.14 9.60 -35.79
CA GLU C 220 14.20 10.44 -35.07
C GLU C 220 13.41 9.62 -34.03
N GLU C 221 12.86 8.49 -34.47
CA GLU C 221 12.10 7.65 -33.57
C GLU C 221 13.00 7.07 -32.48
N ASN C 222 14.25 6.76 -32.82
CA ASN C 222 15.15 6.20 -31.82
C ASN C 222 15.45 7.21 -30.71
N ARG C 223 15.70 8.46 -31.08
CA ARG C 223 15.96 9.45 -30.03
C ARG C 223 14.71 9.72 -29.21
N LEU C 224 13.53 9.70 -29.86
CA LEU C 224 12.30 9.81 -29.08
C LEU C 224 12.19 8.69 -28.06
N ASN C 225 12.42 7.45 -28.48
CA ASN C 225 12.24 6.32 -27.60
C ASN C 225 13.33 6.20 -26.54
N ARG C 226 14.54 6.65 -26.83
CA ARG C 226 15.59 6.71 -25.82
C ARG C 226 15.39 7.84 -24.82
N LYS C 227 14.75 8.94 -25.23
CA LYS C 227 14.35 9.95 -24.28
C LYS C 227 13.13 9.53 -23.47
N LEU C 228 12.31 8.63 -23.97
CA LEU C 228 11.22 8.04 -23.20
C LEU C 228 11.70 7.00 -22.20
N LYS C 229 12.69 6.19 -22.58
CA LYS C 229 13.29 5.22 -21.66
C LYS C 229 13.92 5.91 -20.45
N SER C 230 14.54 7.05 -20.67
CA SER C 230 15.21 7.76 -19.57
C SER C 230 14.24 8.24 -18.51
N ARG C 231 12.94 8.24 -18.80
CA ARG C 231 11.96 8.68 -17.82
C ARG C 231 11.28 7.54 -17.08
N VAL C 232 11.30 6.34 -17.63
CA VAL C 232 10.65 5.19 -16.98
C VAL C 232 11.34 4.91 -15.66
N PRO C 233 10.60 4.65 -14.56
CA PRO C 233 9.15 4.48 -14.42
C PRO C 233 8.38 5.78 -14.42
N PHE C 234 7.08 5.71 -14.65
CA PHE C 234 6.25 6.88 -14.80
C PHE C 234 5.58 7.21 -13.47
N ALA C 235 5.77 8.43 -13.00
CA ALA C 235 5.06 8.92 -11.82
C ALA C 235 3.65 9.29 -12.26
N VAL C 236 2.69 8.42 -11.96
CA VAL C 236 1.33 8.52 -12.49
C VAL C 236 0.35 8.55 -11.33
N VAL C 237 -0.60 9.47 -11.39
CA VAL C 237 -1.71 9.53 -10.45
C VAL C 237 -3.00 9.34 -11.23
N GLY C 238 -3.87 8.47 -10.73
CA GLY C 238 -5.19 8.26 -11.30
C GLY C 238 -6.25 8.78 -10.36
N SER C 239 -7.41 9.10 -10.92
CA SER C 239 -8.53 9.64 -10.15
C SER C 239 -9.74 9.73 -11.06
N ASN C 240 -10.87 10.14 -10.49
CA ASN C 240 -12.03 10.53 -11.27
C ASN C 240 -12.64 11.79 -10.62
N THR C 241 -12.09 12.95 -10.99
CA THR C 241 -12.56 14.24 -10.50
C THR C 241 -12.37 15.26 -11.62
N VAL C 242 -12.95 16.45 -11.43
CA VAL C 242 -12.91 17.49 -12.44
C VAL C 242 -12.53 18.85 -11.86
N LEU C 243 -11.94 18.86 -10.65
CA LEU C 243 -11.66 20.08 -9.89
C LEU C 243 -11.16 21.24 -10.73
N GLU C 244 -11.63 22.45 -10.42
CA GLU C 244 -11.20 23.67 -11.08
C GLU C 244 -10.16 24.39 -10.23
N ILE C 245 -9.23 25.06 -10.89
CA ILE C 245 -8.24 25.92 -10.23
C ILE C 245 -8.52 27.34 -10.69
N GLY C 246 -8.20 28.32 -9.85
CA GLY C 246 -8.48 29.70 -10.19
C GLY C 246 -7.92 30.08 -11.54
N GLY C 247 -8.80 30.24 -12.52
CA GLY C 247 -8.43 30.54 -13.88
C GLY C 247 -8.94 29.54 -14.91
N ARG C 248 -8.91 28.24 -14.60
CA ARG C 248 -9.35 27.25 -15.59
C ARG C 248 -9.70 25.94 -14.89
N ARG C 249 -10.48 25.14 -15.60
CA ARG C 249 -10.85 23.81 -15.13
C ARG C 249 -9.71 22.83 -15.43
N VAL C 250 -9.39 22.00 -14.45
CA VAL C 250 -8.26 21.06 -14.55
C VAL C 250 -8.73 19.67 -14.14
N ARG C 251 -7.84 18.69 -14.20
CA ARG C 251 -8.17 17.35 -13.73
C ARG C 251 -7.14 16.94 -12.69
N GLY C 252 -7.61 16.60 -11.49
CA GLY C 252 -6.69 16.30 -10.42
C GLY C 252 -7.41 15.99 -9.13
N ARG C 253 -6.67 16.03 -8.04
CA ARG C 253 -7.21 15.74 -6.72
C ARG C 253 -7.02 16.90 -5.76
N GLN C 254 -7.73 16.85 -4.65
CA GLN C 254 -7.71 17.91 -3.65
C GLN C 254 -7.06 17.44 -2.37
N TYR C 255 -6.20 18.28 -1.82
CA TYR C 255 -5.69 18.16 -0.46
C TYR C 255 -5.83 19.52 0.20
N PRO C 256 -5.91 19.57 1.53
CA PRO C 256 -6.12 20.86 2.19
C PRO C 256 -5.05 21.89 1.90
N TRP C 257 -4.01 21.50 1.16
CA TRP C 257 -2.93 22.42 0.81
C TRP C 257 -2.77 22.64 -0.68
N GLY C 258 -3.63 22.08 -1.52
CA GLY C 258 -3.53 22.37 -2.94
C GLY C 258 -4.33 21.37 -3.76
N VAL C 259 -4.10 21.43 -5.07
CA VAL C 259 -4.73 20.54 -6.03
C VAL C 259 -3.62 19.76 -6.72
N ALA C 260 -3.46 18.50 -6.34
CA ALA C 260 -2.49 17.62 -6.98
C ALA C 260 -2.93 17.42 -8.43
N GLU C 261 -2.18 17.99 -9.36
CA GLU C 261 -2.65 18.15 -10.73
C GLU C 261 -2.13 17.02 -11.62
N VAL C 262 -2.99 16.54 -12.52
CA VAL C 262 -2.64 15.45 -13.41
C VAL C 262 -2.18 15.93 -14.77
N GLU C 263 -2.47 17.18 -15.14
CA GLU C 263 -2.32 17.61 -16.53
C GLU C 263 -1.14 18.55 -16.77
N ASN C 264 -0.42 19.00 -15.74
CA ASN C 264 0.83 19.71 -15.97
C ASN C 264 2.02 18.81 -15.68
N ILE C 265 3.05 18.95 -16.50
CA ILE C 265 4.25 18.12 -16.37
C ILE C 265 4.97 18.40 -15.06
N ASP C 266 4.93 19.66 -14.61
CA ASP C 266 5.63 20.02 -13.38
C ASP C 266 5.07 19.27 -12.17
N HIS C 267 3.76 19.09 -12.11
CA HIS C 267 3.14 18.47 -10.96
C HIS C 267 3.13 16.95 -11.03
N CYS C 268 3.15 16.38 -12.22
CA CYS C 268 3.05 14.94 -12.38
C CYS C 268 3.51 14.57 -13.78
N ASP C 269 3.60 13.27 -14.03
CA ASP C 269 4.05 12.75 -15.32
C ASP C 269 3.04 11.79 -15.92
N PHE C 270 1.76 12.08 -15.72
CA PHE C 270 0.71 11.27 -16.33
C PHE C 270 0.67 11.47 -17.83
N THR C 271 0.91 12.70 -18.29
CA THR C 271 0.76 13.02 -19.70
C THR C 271 1.64 12.15 -20.57
N VAL C 272 2.90 11.97 -20.17
CA VAL C 272 3.83 11.19 -20.98
C VAL C 272 3.41 9.72 -21.00
N LEU C 273 2.88 9.22 -19.89
CA LEU C 273 2.45 7.82 -19.87
C LEU C 273 1.26 7.59 -20.80
N ARG C 274 0.27 8.47 -20.73
CA ARG C 274 -0.89 8.32 -21.61
C ARG C 274 -0.49 8.48 -23.06
N ASN C 275 0.38 9.45 -23.36
CA ASN C 275 0.86 9.62 -24.72
C ASN C 275 1.50 8.35 -25.23
N MET C 276 2.47 7.82 -24.49
CA MET C 276 3.18 6.62 -24.94
C MET C 276 2.23 5.44 -25.09
N LEU C 277 1.31 5.27 -24.15
CA LEU C 277 0.49 4.05 -24.15
C LEU C 277 -0.55 4.08 -25.26
N VAL C 278 -1.19 5.23 -25.48
CA VAL C 278 -2.36 5.30 -26.34
C VAL C 278 -2.06 6.02 -27.65
N ARG C 279 -1.47 7.21 -27.59
CA ARG C 279 -1.46 8.09 -28.75
C ARG C 279 -0.11 8.20 -29.43
N THR C 280 0.87 7.39 -29.03
CA THR C 280 2.17 7.45 -29.71
C THR C 280 2.73 6.07 -30.00
N HIS C 281 2.32 5.05 -29.24
CA HIS C 281 2.91 3.73 -29.41
C HIS C 281 1.92 2.58 -29.30
N MET C 282 0.61 2.82 -29.36
CA MET C 282 -0.33 1.73 -29.13
C MET C 282 -0.31 0.73 -30.27
N GLN C 283 -0.37 1.22 -31.51
CA GLN C 283 -0.18 0.34 -32.66
C GLN C 283 1.21 -0.29 -32.61
N ASP C 284 2.21 0.48 -32.19
CA ASP C 284 3.55 -0.08 -32.04
C ASP C 284 3.54 -1.19 -30.99
N LEU C 285 2.80 -0.99 -29.91
CA LEU C 285 2.66 -2.04 -28.90
C LEU C 285 2.06 -3.31 -29.51
N LYS C 286 1.01 -3.15 -30.32
CA LYS C 286 0.42 -4.33 -30.97
C LYS C 286 1.42 -5.02 -31.89
N ASP C 287 2.21 -4.25 -32.64
CA ASP C 287 3.20 -4.87 -33.51
C ASP C 287 4.24 -5.64 -32.72
N VAL C 288 4.70 -5.09 -31.58
CA VAL C 288 5.64 -5.84 -30.77
C VAL C 288 4.98 -7.10 -30.21
N THR C 289 3.69 -7.03 -29.87
CA THR C 289 3.00 -8.20 -29.35
C THR C 289 2.94 -9.31 -30.40
N ASN C 290 2.51 -8.97 -31.61
CA ASN C 290 2.35 -10.01 -32.63
C ASN C 290 3.68 -10.48 -33.18
N ASN C 291 4.62 -9.57 -33.44
CA ASN C 291 5.83 -9.88 -34.16
C ASN C 291 6.97 -10.32 -33.27
N VAL C 292 6.85 -10.20 -31.95
CA VAL C 292 7.92 -10.62 -31.05
C VAL C 292 7.39 -11.65 -30.04
N HIS C 293 6.40 -11.25 -29.24
CA HIS C 293 5.95 -12.09 -28.15
C HIS C 293 5.17 -13.30 -28.63
N TYR C 294 4.25 -13.10 -29.57
CA TYR C 294 3.57 -14.23 -30.20
C TYR C 294 4.57 -15.12 -30.93
N GLU C 295 5.47 -14.51 -31.70
CA GLU C 295 6.40 -15.28 -32.50
C GLU C 295 7.39 -16.05 -31.63
N ASN C 296 7.83 -15.45 -30.53
CA ASN C 296 8.75 -16.17 -29.64
C ASN C 296 8.06 -17.35 -28.97
N TYR C 297 6.81 -17.16 -28.55
CA TYR C 297 6.02 -18.28 -28.05
C TYR C 297 5.77 -19.30 -29.14
N ARG C 298 5.53 -18.83 -30.37
CA ARG C 298 5.19 -19.73 -31.46
C ARG C 298 6.34 -20.68 -31.77
N SER C 299 7.58 -20.16 -31.78
CA SER C 299 8.72 -21.04 -32.03
C SER C 299 8.93 -22.02 -30.88
N LYS C 300 8.70 -21.57 -29.64
CA LYS C 300 8.77 -22.49 -28.50
C LYS C 300 7.68 -23.55 -28.59
N LYS C 301 6.47 -23.14 -28.95
CA LYS C 301 5.35 -24.07 -29.01
C LYS C 301 5.49 -25.00 -30.22
N LEU C 302 5.58 -24.41 -31.42
CA LEU C 302 5.47 -25.20 -32.64
C LEU C 302 6.64 -26.16 -32.79
N SER C 303 7.84 -25.74 -32.38
CA SER C 303 8.97 -26.67 -32.41
C SER C 303 8.76 -27.82 -31.44
N SER C 304 8.08 -27.56 -30.32
CA SER C 304 7.75 -28.63 -29.39
C SER C 304 6.75 -29.60 -30.00
N VAL C 305 5.92 -29.13 -30.93
CA VAL C 305 4.99 -30.00 -31.63
C VAL C 305 5.74 -30.87 -32.63
N TYR D 18 -4.93 19.89 60.11
CA TYR D 18 -4.34 19.86 58.78
C TYR D 18 -3.47 18.70 58.94
N VAL D 19 -4.08 17.63 59.30
CA VAL D 19 -3.19 16.52 59.55
C VAL D 19 -2.27 16.71 58.40
N GLY D 20 -2.77 17.11 57.27
CA GLY D 20 -1.81 17.46 56.22
C GLY D 20 -1.64 16.40 55.21
N PHE D 21 -2.64 15.58 55.01
CA PHE D 21 -2.42 14.45 54.12
C PHE D 21 -2.37 14.97 52.73
N ALA D 22 -2.79 16.18 52.58
CA ALA D 22 -2.96 16.61 51.20
C ALA D 22 -1.63 16.77 50.47
N ASN D 23 -0.52 16.74 51.20
CA ASN D 23 0.81 16.82 50.62
C ASN D 23 1.30 15.47 50.11
N LEU D 24 0.50 14.42 50.24
CA LEU D 24 0.88 13.12 49.71
C LEU D 24 1.11 13.16 48.20
N PRO D 25 0.25 13.76 47.38
CA PRO D 25 0.58 13.89 45.96
C PRO D 25 1.88 14.63 45.70
N ASN D 26 2.24 15.60 46.53
CA ASN D 26 3.53 16.26 46.37
C ASN D 26 4.68 15.29 46.59
N GLN D 27 4.55 14.41 47.58
CA GLN D 27 5.58 13.40 47.82
C GLN D 27 5.67 12.43 46.65
N LEU D 28 4.52 12.01 46.12
CA LEU D 28 4.53 11.18 44.92
C LEU D 28 5.24 11.90 43.78
N TYR D 29 4.98 13.20 43.61
CA TYR D 29 5.65 14.01 42.60
C TYR D 29 7.15 13.94 42.76
N ARG D 30 7.63 14.19 43.98
CA ARG D 30 9.07 14.21 44.23
C ARG D 30 9.73 12.87 43.93
N LYS D 31 9.17 11.79 44.47
CA LYS D 31 9.79 10.48 44.24
C LYS D 31 9.70 10.07 42.78
N SER D 32 8.61 10.40 42.10
CA SER D 32 8.47 10.04 40.69
C SER D 32 9.44 10.83 39.83
N VAL D 33 9.70 12.09 40.17
CA VAL D 33 10.56 12.93 39.35
C VAL D 33 12.02 12.67 39.70
N LYS D 34 12.26 11.99 40.82
CA LYS D 34 13.64 11.67 41.15
C LYS D 34 14.02 10.27 40.69
N GLN D 35 13.03 9.39 40.54
CA GLN D 35 13.31 8.03 40.09
C GLN D 35 13.24 7.86 38.58
N GLY D 36 12.66 8.81 37.87
CA GLY D 36 12.57 8.71 36.42
C GLY D 36 11.47 7.78 35.97
N PHE D 37 11.20 7.76 34.66
CA PHE D 37 10.16 6.92 34.10
C PHE D 37 10.71 6.12 32.94
N GLU D 38 10.07 5.00 32.65
CA GLU D 38 10.47 4.12 31.56
C GLU D 38 9.27 3.86 30.66
N PHE D 39 9.49 3.89 29.34
CA PHE D 39 8.44 3.61 28.39
C PHE D 39 8.98 2.75 27.26
N THR D 40 8.11 1.89 26.73
CA THR D 40 8.49 0.96 25.65
C THR D 40 7.43 1.00 24.56
N LEU D 41 7.86 1.37 23.35
CA LEU D 41 6.96 1.53 22.21
C LEU D 41 7.50 0.70 21.06
N MET D 42 6.67 -0.21 20.56
CA MET D 42 7.01 -1.06 19.44
C MET D 42 6.28 -0.57 18.20
N VAL D 43 6.98 -0.56 17.08
CA VAL D 43 6.45 -0.07 15.82
C VAL D 43 6.49 -1.22 14.83
N VAL D 44 5.32 -1.69 14.39
CA VAL D 44 5.23 -2.86 13.53
C VAL D 44 4.35 -2.50 12.34
N GLY D 45 4.80 -2.85 11.14
CA GLY D 45 4.00 -2.62 9.95
C GLY D 45 4.81 -2.87 8.70
N GLU D 46 4.15 -2.65 7.56
CA GLU D 46 4.80 -2.76 6.28
C GLU D 46 5.87 -1.68 6.13
N SER D 47 6.99 -2.03 5.50
CA SER D 47 8.05 -1.07 5.30
C SER D 47 7.65 -0.01 4.29
N GLY D 48 8.25 1.17 4.43
CA GLY D 48 7.95 2.29 3.56
C GLY D 48 6.70 3.06 3.90
N LEU D 49 6.08 2.81 5.05
CA LEU D 49 4.83 3.45 5.44
C LEU D 49 5.04 4.72 6.24
N GLY D 50 6.27 5.18 6.38
CA GLY D 50 6.53 6.38 7.15
C GLY D 50 6.64 6.13 8.64
N LYS D 51 7.36 5.09 9.04
CA LYS D 51 7.47 4.69 10.44
C LYS D 51 8.54 5.49 11.16
N SER D 52 9.74 5.56 10.57
CA SER D 52 10.84 6.29 11.20
C SER D 52 10.52 7.77 11.32
N THR D 53 9.91 8.34 10.28
CA THR D 53 9.56 9.76 10.33
C THR D 53 8.56 10.05 11.43
N LEU D 54 7.56 9.18 11.59
CA LEU D 54 6.58 9.36 12.66
C LEU D 54 7.24 9.21 14.02
N ILE D 55 8.16 8.25 14.16
CA ILE D 55 8.86 8.07 15.43
C ILE D 55 9.68 9.31 15.77
N ASN D 56 10.39 9.85 14.79
CA ASN D 56 11.18 11.06 15.04
C ASN D 56 10.30 12.25 15.36
N SER D 57 9.16 12.38 14.67
CA SER D 57 8.29 13.53 14.87
C SER D 57 7.44 13.40 16.12
N LEU D 58 7.35 12.21 16.70
CA LEU D 58 6.59 12.05 17.94
C LEU D 58 7.37 12.61 19.12
N PHE D 59 8.69 12.40 19.14
CA PHE D 59 9.53 12.85 20.24
C PHE D 59 10.40 14.04 19.87
N LEU D 60 10.22 14.60 18.67
CA LEU D 60 10.93 15.80 18.24
C LEU D 60 12.44 15.67 18.44
N SER D 61 12.99 14.51 18.10
CA SER D 61 14.40 14.26 18.31
C SER D 61 14.92 13.33 17.22
N ASP D 62 16.24 13.26 17.12
CA ASP D 62 16.91 12.42 16.12
C ASP D 62 17.22 11.04 16.69
N LEU D 63 16.17 10.34 17.12
CA LEU D 63 16.33 8.96 17.55
C LEU D 63 16.87 8.10 16.42
N TYR D 64 16.36 8.29 15.22
CA TYR D 64 16.89 7.65 14.02
C TYR D 64 17.61 8.72 13.21
N SER D 65 18.89 8.93 13.53
CA SER D 65 19.68 9.98 12.91
C SER D 65 20.28 9.48 11.60
N ASN D 66 21.19 10.29 11.03
CA ASN D 66 21.82 9.90 9.77
C ASN D 66 22.71 8.67 9.94
N GLU D 67 23.44 8.59 11.05
CA GLU D 67 24.31 7.44 11.28
C GLU D 67 23.53 6.20 11.68
N TYR D 68 22.34 6.35 12.26
CA TYR D 68 21.50 5.24 12.70
C TYR D 68 20.09 5.43 12.15
N PRO D 69 19.92 5.27 10.85
CA PRO D 69 18.60 5.54 10.24
C PRO D 69 17.56 4.52 10.66
N GLY D 70 16.37 4.66 10.08
CA GLY D 70 15.26 3.81 10.40
C GLY D 70 15.41 2.42 9.80
N PRO D 71 14.43 1.55 10.05
CA PRO D 71 14.55 0.15 9.63
C PRO D 71 14.77 -0.01 8.13
N SER D 72 13.85 0.52 7.32
CA SER D 72 13.91 0.32 5.88
C SER D 72 15.15 0.98 5.26
N LEU D 73 15.54 2.11 5.83
CA LEU D 73 16.79 2.77 5.37
C LEU D 73 17.96 1.85 5.73
N ARG D 74 17.68 0.73 6.39
CA ARG D 74 18.83 -0.11 6.80
C ARG D 74 18.44 -1.27 7.73
N ILE D 75 18.76 -2.52 7.35
CA ILE D 75 18.58 -3.70 8.24
C ILE D 75 17.83 -4.85 7.58
N LYS D 76 16.66 -4.62 7.01
CA LYS D 76 15.88 -5.78 6.50
C LYS D 76 16.83 -6.92 6.18
N LYS D 77 16.94 -7.99 6.96
CA LYS D 77 17.68 -9.25 6.59
C LYS D 77 16.69 -10.44 6.74
N THR D 78 16.65 -11.18 7.85
CA THR D 78 15.48 -11.99 8.30
C THR D 78 14.22 -11.12 8.44
N VAL D 79 13.45 -11.27 9.51
CA VAL D 79 12.27 -10.38 9.75
C VAL D 79 12.22 -10.10 11.24
N LYS D 80 13.32 -10.32 11.95
CA LYS D 80 13.40 -10.16 13.43
C LYS D 80 13.20 -8.74 13.92
N VAL D 81 13.55 -8.50 15.19
CA VAL D 81 13.23 -7.18 15.70
C VAL D 81 14.46 -6.57 16.36
N GLU D 82 14.59 -5.24 16.28
CA GLU D 82 15.70 -4.52 16.88
C GLU D 82 15.15 -3.44 17.81
N THR D 83 16.03 -2.86 18.62
CA THR D 83 15.64 -1.89 19.63
C THR D 83 16.68 -0.78 19.75
N THR D 84 16.21 0.37 20.22
CA THR D 84 17.09 1.52 20.48
C THR D 84 16.64 2.23 21.75
N LYS D 85 17.59 2.82 22.46
CA LYS D 85 17.32 3.53 23.70
C LYS D 85 17.56 5.02 23.51
N VAL D 86 16.80 5.82 24.27
CA VAL D 86 16.98 7.27 24.31
C VAL D 86 16.76 7.73 25.74
N LEU D 87 17.57 8.70 26.18
CA LEU D 87 17.36 9.38 27.45
C LEU D 87 16.90 10.79 27.15
N ILE D 88 15.71 11.14 27.62
CA ILE D 88 15.14 12.46 27.40
C ILE D 88 15.04 13.15 28.75
N LYS D 89 15.81 14.20 28.94
CA LYS D 89 15.79 14.99 30.17
C LYS D 89 15.09 16.30 29.85
N GLU D 90 13.87 16.46 30.35
CA GLU D 90 13.04 17.59 29.96
C GLU D 90 12.31 18.13 31.18
N ASN D 91 12.58 19.38 31.54
CA ASN D 91 12.00 20.03 32.71
C ASN D 91 12.23 19.20 33.97
N GLY D 92 13.39 18.56 34.04
CA GLY D 92 13.74 17.74 35.17
C GLY D 92 13.16 16.34 35.15
N VAL D 93 12.26 16.05 34.22
CA VAL D 93 11.70 14.72 34.08
C VAL D 93 12.64 13.90 33.20
N THR D 94 13.07 12.76 33.72
CA THR D 94 13.99 11.87 33.01
C THR D 94 13.21 10.68 32.49
N LEU D 95 13.13 10.57 31.17
CA LEU D 95 12.35 9.53 30.51
C LEU D 95 13.29 8.62 29.74
N ARG D 96 13.27 7.33 30.07
CA ARG D 96 14.02 6.32 29.35
C ARG D 96 13.08 5.70 28.32
N LEU D 97 13.30 6.03 27.06
CA LEU D 97 12.43 5.62 25.97
C LEU D 97 13.08 4.48 25.21
N THR D 98 12.33 3.39 25.03
CA THR D 98 12.77 2.28 24.20
C THR D 98 11.90 2.24 22.96
N ILE D 99 12.53 2.29 21.80
CA ILE D 99 11.83 2.21 20.52
C ILE D 99 12.22 0.89 19.88
N ASP D 100 11.24 0.00 19.73
CA ASP D 100 11.46 -1.33 19.19
C ASP D 100 10.95 -1.37 17.75
N ASP D 101 11.81 -1.68 16.80
CA ASP D 101 11.27 -1.74 15.44
C ASP D 101 11.35 -3.15 14.87
N THR D 102 10.34 -3.56 14.13
CA THR D 102 10.40 -4.85 13.42
C THR D 102 10.77 -4.50 12.00
N PRO D 103 12.06 -4.57 11.63
CA PRO D 103 12.52 -4.20 10.31
C PRO D 103 12.43 -5.30 9.25
N GLY D 104 11.36 -5.37 8.48
CA GLY D 104 11.27 -6.35 7.38
C GLY D 104 10.08 -7.26 7.54
N PHE D 105 8.96 -6.72 7.97
CA PHE D 105 7.82 -7.57 8.24
C PHE D 105 6.78 -7.38 7.13
N GLY D 106 6.35 -8.49 6.55
CA GLY D 106 5.47 -8.46 5.41
C GLY D 106 6.14 -8.14 4.09
N ASP D 107 7.43 -7.83 4.10
CA ASP D 107 8.18 -7.50 2.90
C ASP D 107 8.79 -8.74 2.24
N ALA D 108 8.26 -9.92 2.55
CA ALA D 108 8.73 -11.16 1.96
C ALA D 108 7.65 -11.71 1.03
N VAL D 109 8.05 -12.65 0.18
CA VAL D 109 7.11 -13.26 -0.76
C VAL D 109 6.02 -14.00 0.01
N ASP D 110 6.42 -14.83 0.97
CA ASP D 110 5.48 -15.55 1.82
C ASP D 110 5.57 -15.01 3.23
N ASN D 111 4.42 -14.61 3.79
CA ASN D 111 4.37 -14.00 5.11
C ASN D 111 3.66 -14.88 6.13
N SER D 112 3.63 -16.19 5.90
CA SER D 112 2.98 -17.10 6.83
C SER D 112 3.73 -17.12 8.16
N ASN D 113 3.00 -16.92 9.24
CA ASN D 113 3.54 -16.99 10.60
C ASN D 113 4.73 -16.04 10.78
N CYS D 114 4.60 -14.82 10.26
CA CYS D 114 5.61 -13.80 10.47
C CYS D 114 5.45 -13.08 11.80
N TRP D 115 4.36 -13.34 12.52
CA TRP D 115 4.11 -12.81 13.86
C TRP D 115 4.89 -13.52 14.94
N GLN D 116 5.65 -14.56 14.59
CA GLN D 116 6.41 -15.30 15.60
C GLN D 116 7.45 -14.41 16.27
N ALA D 117 8.13 -13.57 15.49
CA ALA D 117 9.15 -12.71 16.07
C ALA D 117 8.54 -11.73 17.07
N VAL D 118 7.42 -11.11 16.70
CA VAL D 118 6.76 -10.15 17.59
C VAL D 118 6.29 -10.84 18.87
N ILE D 119 5.61 -11.97 18.72
CA ILE D 119 5.09 -12.67 19.90
C ILE D 119 6.23 -13.13 20.79
N ASN D 120 7.29 -13.67 20.19
CA ASN D 120 8.42 -14.15 20.98
C ASN D 120 9.08 -13.01 21.73
N HIS D 121 9.25 -11.85 21.10
CA HIS D 121 9.86 -10.72 21.80
C HIS D 121 8.97 -10.26 22.95
N ILE D 122 7.67 -10.16 22.72
CA ILE D 122 6.77 -9.62 23.74
C ILE D 122 6.73 -10.55 24.94
N GLU D 123 6.58 -11.85 24.68
CA GLU D 123 6.58 -12.81 25.78
C GLU D 123 7.96 -12.97 26.39
N LYS D 124 9.02 -12.63 25.66
CA LYS D 124 10.36 -12.60 26.23
C LYS D 124 10.44 -11.52 27.30
N LYS D 125 9.95 -10.33 27.00
CA LYS D 125 9.93 -9.27 28.00
C LYS D 125 9.04 -9.65 29.17
N PHE D 126 7.88 -10.25 28.89
CA PHE D 126 6.98 -10.66 29.97
C PHE D 126 7.64 -11.71 30.87
N GLU D 127 8.33 -12.67 30.28
CA GLU D 127 8.98 -13.71 31.07
C GLU D 127 10.13 -13.13 31.88
N ASP D 128 10.86 -12.16 31.31
CA ASP D 128 11.91 -11.51 32.07
C ASP D 128 11.35 -10.81 33.30
N TYR D 129 10.23 -10.10 33.12
CA TYR D 129 9.60 -9.43 34.26
C TYR D 129 9.10 -10.43 35.29
N LEU D 130 8.51 -11.54 34.83
CA LEU D 130 8.01 -12.56 35.76
C LEU D 130 9.15 -13.18 36.55
N ASN D 131 10.26 -13.48 35.89
CA ASN D 131 11.42 -14.02 36.58
C ASN D 131 11.96 -13.02 37.60
N ALA D 132 12.00 -11.74 37.22
CA ALA D 132 12.48 -10.72 38.15
C ALA D 132 11.59 -10.61 39.37
N GLU D 133 10.27 -10.69 39.18
CA GLU D 133 9.36 -10.57 40.32
C GLU D 133 9.40 -11.80 41.22
N SER D 134 9.34 -13.00 40.63
CA SER D 134 9.24 -14.21 41.43
C SER D 134 10.53 -14.59 42.14
N MET D 135 11.65 -13.95 41.81
CA MET D 135 12.91 -14.27 42.46
C MET D 135 12.87 -13.82 43.92
N VAL D 136 13.56 -14.57 44.78
CA VAL D 136 13.52 -14.31 46.21
C VAL D 136 14.09 -12.93 46.54
N THR D 137 15.24 -12.60 45.97
CA THR D 137 15.92 -11.34 46.25
C THR D 137 15.63 -10.37 45.10
N ARG D 138 14.64 -9.49 45.30
CA ARG D 138 14.22 -8.55 44.28
C ARG D 138 14.98 -7.24 44.41
N SER D 139 15.52 -6.77 43.29
CA SER D 139 16.03 -5.41 43.19
C SER D 139 14.92 -4.52 42.63
N LYS D 140 15.26 -3.29 42.24
CA LYS D 140 14.30 -2.48 41.53
C LYS D 140 13.98 -3.10 40.19
N LEU D 141 12.69 -3.15 39.85
CA LEU D 141 12.20 -3.88 38.68
C LEU D 141 12.38 -3.00 37.45
N ALA D 142 13.33 -3.36 36.59
CA ALA D 142 13.50 -2.65 35.32
C ALA D 142 12.39 -3.06 34.37
N ASP D 143 11.47 -2.14 34.11
CA ASP D 143 10.25 -2.46 33.36
C ASP D 143 10.57 -2.30 31.89
N ASN D 144 10.97 -3.41 31.27
CA ASN D 144 11.27 -3.46 29.84
C ASN D 144 10.12 -4.02 29.01
N ARG D 145 8.98 -4.31 29.64
CA ARG D 145 7.86 -4.89 28.91
C ARG D 145 7.36 -3.93 27.84
N VAL D 146 7.01 -4.47 26.69
CA VAL D 146 6.51 -3.65 25.59
C VAL D 146 5.15 -3.08 26.01
N HIS D 147 5.10 -1.78 26.24
CA HIS D 147 3.86 -1.17 26.75
C HIS D 147 2.91 -0.83 25.61
N CYS D 148 3.40 -0.19 24.56
CA CYS D 148 2.54 0.18 23.44
C CYS D 148 3.02 -0.48 22.16
N CYS D 149 2.07 -0.78 21.28
CA CYS D 149 2.37 -1.43 19.99
C CYS D 149 1.58 -0.71 18.90
N LEU D 150 2.26 0.06 18.07
CA LEU D 150 1.64 0.76 16.97
C LEU D 150 1.72 -0.12 15.72
N TYR D 151 0.56 -0.58 15.25
CA TYR D 151 0.47 -1.37 14.03
C TYR D 151 0.06 -0.48 12.88
N PHE D 152 0.83 -0.52 11.81
CA PHE D 152 0.61 0.32 10.63
C PHE D 152 -0.18 -0.46 9.59
N ILE D 153 -1.19 0.19 9.02
CA ILE D 153 -2.02 -0.40 7.98
C ILE D 153 -1.84 0.43 6.72
N ALA D 154 -1.48 -0.23 5.62
CA ALA D 154 -1.27 0.48 4.38
C ALA D 154 -2.57 1.15 3.94
N PRO D 155 -2.52 2.38 3.45
CA PRO D 155 -3.74 3.12 3.07
C PRO D 155 -4.33 2.66 1.75
N THR D 156 -4.56 1.35 1.62
CA THR D 156 -5.10 0.81 0.38
C THR D 156 -6.53 1.31 0.14
N GLY D 157 -7.34 1.36 1.19
CA GLY D 157 -8.70 1.84 1.10
C GLY D 157 -9.76 0.75 1.04
N HIS D 158 -9.37 -0.50 0.84
CA HIS D 158 -10.36 -1.57 0.73
C HIS D 158 -10.67 -2.18 2.09
N GLY D 159 -9.69 -2.81 2.72
CA GLY D 159 -9.95 -3.51 3.96
C GLY D 159 -8.66 -4.07 4.54
N LEU D 160 -8.80 -4.76 5.67
CA LEU D 160 -7.66 -5.41 6.28
C LEU D 160 -7.07 -6.43 5.33
N LYS D 161 -5.77 -6.33 5.08
CA LYS D 161 -5.08 -7.41 4.41
C LYS D 161 -5.12 -8.65 5.30
N PRO D 162 -5.17 -9.84 4.71
CA PRO D 162 -5.24 -11.06 5.54
C PRO D 162 -4.11 -11.16 6.54
N LEU D 163 -2.91 -10.72 6.16
CA LEU D 163 -1.80 -10.69 7.11
C LEU D 163 -2.12 -9.77 8.29
N ASP D 164 -2.69 -8.59 8.01
CA ASP D 164 -2.98 -7.64 9.07
C ASP D 164 -4.03 -8.19 10.04
N VAL D 165 -5.13 -8.70 9.50
CA VAL D 165 -6.21 -9.19 10.37
C VAL D 165 -5.73 -10.40 11.16
N GLU D 166 -4.91 -11.25 10.55
CA GLU D 166 -4.44 -12.42 11.27
C GLU D 166 -3.41 -12.06 12.32
N PHE D 167 -2.58 -11.04 12.07
CA PHE D 167 -1.72 -10.49 13.10
C PHE D 167 -2.52 -9.98 14.29
N MET D 168 -3.53 -9.14 14.03
CA MET D 168 -4.32 -8.59 15.14
C MET D 168 -5.05 -9.69 15.89
N LYS D 169 -5.56 -10.69 15.18
CA LYS D 169 -6.23 -11.80 15.84
C LYS D 169 -5.28 -12.60 16.70
N ASN D 170 -4.01 -12.70 16.29
CA ASN D 170 -3.03 -13.45 17.07
C ASN D 170 -2.25 -12.58 18.05
N LEU D 171 -2.57 -11.29 18.16
CA LEU D 171 -1.87 -10.40 19.07
C LEU D 171 -2.76 -9.71 20.09
N HIS D 172 -4.08 -9.78 19.95
CA HIS D 172 -4.95 -8.99 20.81
C HIS D 172 -4.92 -9.42 22.26
N ASP D 173 -4.53 -10.66 22.55
CA ASP D 173 -4.49 -11.17 23.91
C ASP D 173 -3.07 -11.24 24.48
N LYS D 174 -2.13 -10.54 23.86
CA LYS D 174 -0.76 -10.47 24.36
C LYS D 174 -0.23 -9.05 24.54
N VAL D 175 -0.74 -8.06 23.82
CA VAL D 175 -0.24 -6.70 23.93
C VAL D 175 -1.36 -5.73 23.55
N ASN D 176 -1.17 -4.46 23.87
CA ASN D 176 -2.10 -3.41 23.49
C ASN D 176 -1.77 -2.96 22.08
N ILE D 177 -2.63 -3.31 21.13
CA ILE D 177 -2.42 -2.99 19.73
C ILE D 177 -3.18 -1.72 19.39
N ILE D 178 -2.47 -0.73 18.86
CA ILE D 178 -3.06 0.51 18.37
C ILE D 178 -2.93 0.51 16.86
N PRO D 179 -3.99 0.22 16.10
CA PRO D 179 -3.89 0.26 14.65
C PRO D 179 -3.76 1.69 14.14
N LEU D 180 -2.85 1.87 13.19
CA LEU D 180 -2.57 3.18 12.60
C LEU D 180 -2.77 3.10 11.09
N ILE D 181 -3.27 4.20 10.51
CA ILE D 181 -3.56 4.24 9.09
C ILE D 181 -2.32 4.48 8.25
N ALA D 182 -1.19 4.79 8.89
CA ALA D 182 0.08 4.99 8.20
C ALA D 182 -0.01 6.20 7.30
N LYS D 183 0.57 6.10 6.11
CA LYS D 183 0.50 7.15 5.10
C LYS D 183 -0.91 7.71 5.06
N ALA D 184 -1.08 8.99 5.39
CA ALA D 184 -2.41 9.56 5.56
C ALA D 184 -2.68 10.73 4.63
N ASP D 185 -1.64 11.37 4.08
CA ASP D 185 -1.88 12.36 3.04
C ASP D 185 -2.01 11.72 1.67
N THR D 186 -1.89 10.40 1.60
CA THR D 186 -2.04 9.65 0.35
C THR D 186 -3.46 9.11 0.27
N MET D 187 -4.36 9.77 0.99
CA MET D 187 -5.64 9.17 1.29
C MET D 187 -6.67 10.23 1.63
N THR D 188 -7.74 10.31 0.86
CA THR D 188 -8.73 11.36 1.01
C THR D 188 -9.57 11.16 2.26
N PRO D 189 -10.06 12.24 2.86
CA PRO D 189 -10.90 12.09 4.07
C PRO D 189 -12.11 11.21 3.87
N GLU D 190 -12.74 11.25 2.69
CA GLU D 190 -13.87 10.37 2.44
C GLU D 190 -13.43 8.92 2.43
N GLU D 191 -12.39 8.60 1.65
CA GLU D 191 -11.84 7.25 1.67
C GLU D 191 -11.25 6.92 3.02
N CYS D 192 -10.74 7.92 3.74
CA CYS D 192 -10.25 7.69 5.09
C CYS D 192 -11.36 7.17 6.00
N LEU D 193 -12.51 7.84 5.98
CA LEU D 193 -13.62 7.40 6.82
C LEU D 193 -14.16 6.05 6.37
N ARG D 194 -14.21 5.82 5.05
CA ARG D 194 -14.68 4.53 4.55
C ARG D 194 -13.77 3.39 5.02
N PHE D 195 -12.46 3.59 4.95
CA PHE D 195 -11.51 2.58 5.41
C PHE D 195 -11.61 2.39 6.91
N LYS D 196 -11.78 3.46 7.69
CA LYS D 196 -11.98 3.30 9.11
C LYS D 196 -13.19 2.42 9.40
N LYS D 197 -14.32 2.72 8.75
CA LYS D 197 -15.53 1.96 9.03
C LYS D 197 -15.37 0.50 8.62
N GLN D 198 -14.74 0.25 7.47
CA GLN D 198 -14.49 -1.13 7.06
C GLN D 198 -13.56 -1.84 8.03
N ILE D 199 -12.60 -1.10 8.59
CA ILE D 199 -11.71 -1.67 9.60
C ILE D 199 -12.50 -2.07 10.83
N MET D 200 -13.42 -1.21 11.27
CA MET D 200 -14.26 -1.56 12.42
C MET D 200 -15.05 -2.82 12.13
N LYS D 201 -15.66 -2.91 10.95
CA LYS D 201 -16.47 -4.08 10.62
C LYS D 201 -15.63 -5.35 10.59
N GLU D 202 -14.44 -5.27 9.97
CA GLU D 202 -13.58 -6.42 9.84
C GLU D 202 -12.98 -6.83 11.17
N ILE D 203 -12.87 -5.89 12.11
CA ILE D 203 -12.56 -6.26 13.49
C ILE D 203 -13.74 -6.97 14.13
N HIS D 204 -14.95 -6.47 13.88
CA HIS D 204 -16.13 -6.98 14.59
C HIS D 204 -16.39 -8.44 14.22
N GLU D 205 -16.49 -8.77 12.93
CA GLU D 205 -17.01 -10.11 12.63
C GLU D 205 -15.95 -11.19 12.84
N HIS D 206 -14.68 -10.82 12.94
CA HIS D 206 -13.61 -11.76 13.26
C HIS D 206 -13.33 -11.84 14.75
N LYS D 207 -14.11 -11.14 15.57
CA LYS D 207 -13.98 -11.17 17.02
C LYS D 207 -12.58 -10.73 17.46
N ILE D 208 -12.28 -9.47 17.18
CA ILE D 208 -11.00 -8.86 17.55
C ILE D 208 -11.28 -7.84 18.64
N GLN D 209 -10.55 -7.94 19.75
CA GLN D 209 -10.73 -7.06 20.91
C GLN D 209 -9.56 -6.08 20.94
N LEU D 210 -9.78 -4.89 20.39
CA LEU D 210 -8.76 -3.86 20.37
C LEU D 210 -8.57 -3.28 21.78
N TYR D 211 -7.65 -2.34 21.89
CA TYR D 211 -7.44 -1.61 23.14
C TYR D 211 -8.55 -0.59 23.30
N GLU D 212 -9.50 -0.87 24.20
CA GLU D 212 -10.56 0.08 24.49
C GLU D 212 -9.98 1.29 25.21
N PHE D 213 -9.86 2.40 24.51
CA PHE D 213 -9.18 3.57 25.05
C PHE D 213 -10.05 4.24 26.11
N PRO D 214 -9.55 4.35 27.34
CA PRO D 214 -10.33 5.02 28.38
C PRO D 214 -10.02 6.50 28.52
N GLU D 215 -11.05 7.33 28.63
CA GLU D 215 -10.87 8.77 28.78
C GLU D 215 -12.15 9.42 29.29
N SER D 230 -13.84 4.89 19.34
CA SER D 230 -14.37 5.36 18.06
C SER D 230 -13.26 5.99 17.22
N ARG D 231 -12.27 6.59 17.88
CA ARG D 231 -11.16 7.21 17.18
C ARG D 231 -10.18 6.19 16.61
N VAL D 232 -10.09 5.01 17.20
CA VAL D 232 -9.20 3.96 16.69
C VAL D 232 -9.79 3.40 15.41
N PRO D 233 -9.03 3.25 14.32
CA PRO D 233 -7.61 3.59 14.17
C PRO D 233 -7.35 5.07 13.88
N PHE D 234 -6.21 5.57 14.36
CA PHE D 234 -5.81 6.95 14.13
C PHE D 234 -5.05 7.08 12.82
N ALA D 235 -5.07 8.28 12.25
CA ALA D 235 -4.30 8.61 11.06
C ALA D 235 -3.09 9.43 11.47
N VAL D 236 -1.94 9.16 10.86
CA VAL D 236 -0.69 9.79 11.24
C VAL D 236 0.04 10.33 10.00
N VAL D 237 0.57 11.54 10.12
CA VAL D 237 1.47 12.13 9.14
C VAL D 237 2.55 12.89 9.90
N GLY D 238 3.80 12.75 9.46
CA GLY D 238 4.90 13.44 10.11
C GLY D 238 5.90 13.96 9.10
N SER D 239 6.75 14.87 9.56
CA SER D 239 7.81 15.44 8.74
C SER D 239 8.93 15.94 9.64
N ASN D 240 10.14 15.99 9.10
CA ASN D 240 11.31 16.46 9.84
C ASN D 240 11.95 17.70 9.24
N THR D 241 11.72 17.97 7.96
CA THR D 241 12.33 19.11 7.31
C THR D 241 11.56 20.37 7.67
N VAL D 242 12.16 21.24 8.47
CA VAL D 242 11.49 22.43 8.94
C VAL D 242 11.36 23.42 7.80
N LEU D 243 10.15 23.93 7.58
CA LEU D 243 9.86 24.88 6.52
C LEU D 243 9.40 26.19 7.15
N GLU D 244 10.04 27.29 6.77
CA GLU D 244 9.72 28.59 7.33
C GLU D 244 8.58 29.26 6.57
N ARG D 249 8.30 28.79 10.40
CA ARG D 249 9.05 27.64 10.87
C ARG D 249 8.12 26.57 11.44
N VAL D 250 7.72 25.62 10.59
CA VAL D 250 6.83 24.53 10.99
C VAL D 250 7.32 23.24 10.33
N ARG D 251 7.12 22.13 11.03
CA ARG D 251 7.46 20.81 10.51
C ARG D 251 6.43 20.41 9.49
N GLY D 252 6.81 20.45 8.21
CA GLY D 252 5.89 20.09 7.15
C GLY D 252 6.63 19.51 5.96
N ARG D 253 5.85 18.98 5.02
CA ARG D 253 6.38 18.42 3.77
C ARG D 253 5.99 19.33 2.61
N GLN D 254 7.00 19.83 1.90
CA GLN D 254 6.82 20.80 0.82
C GLN D 254 6.54 20.05 -0.47
N TYR D 255 5.27 19.78 -0.73
CA TYR D 255 4.88 19.17 -1.98
C TYR D 255 4.89 20.21 -3.10
N PRO D 256 5.08 19.78 -4.35
CA PRO D 256 5.05 20.73 -5.48
C PRO D 256 3.75 21.52 -5.58
N TRP D 257 2.76 21.20 -4.75
CA TRP D 257 1.50 21.92 -4.75
C TRP D 257 1.17 22.62 -3.43
N GLY D 258 1.95 22.40 -2.38
CA GLY D 258 1.63 23.05 -1.12
C GLY D 258 2.49 22.56 0.03
N VAL D 259 1.98 22.72 1.24
CA VAL D 259 2.68 22.34 2.46
C VAL D 259 1.77 21.42 3.28
N ALA D 260 2.24 20.21 3.55
CA ALA D 260 1.53 19.27 4.41
C ALA D 260 2.01 19.49 5.84
N GLU D 261 1.14 20.05 6.68
CA GLU D 261 1.47 20.45 8.03
C GLU D 261 0.80 19.51 9.01
N VAL D 262 1.57 19.03 9.99
CA VAL D 262 1.12 17.94 10.84
C VAL D 262 0.09 18.41 11.86
N GLU D 263 0.36 19.54 12.51
CA GLU D 263 -0.33 19.89 13.76
C GLU D 263 -1.81 20.15 13.60
N ASN D 264 -2.32 20.31 12.37
CA ASN D 264 -3.74 20.61 12.18
C ASN D 264 -4.59 19.43 12.65
N ILE D 265 -5.64 19.73 13.40
CA ILE D 265 -6.49 18.68 13.94
C ILE D 265 -7.30 18.02 12.84
N ASP D 266 -7.84 18.82 11.91
CA ASP D 266 -8.68 18.26 10.85
C ASP D 266 -7.86 17.39 9.91
N HIS D 267 -6.65 17.82 9.57
CA HIS D 267 -5.85 17.11 8.57
C HIS D 267 -5.54 15.69 9.03
N CYS D 268 -4.79 15.57 10.12
CA CYS D 268 -4.41 14.27 10.65
C CYS D 268 -4.54 14.27 12.15
N ASP D 269 -4.81 13.09 12.71
CA ASP D 269 -4.89 12.90 14.15
C ASP D 269 -3.54 12.59 14.77
N PHE D 270 -2.45 13.01 14.14
CA PHE D 270 -1.13 12.92 14.77
C PHE D 270 -1.16 13.58 16.13
N THR D 271 -1.86 14.70 16.26
CA THR D 271 -2.02 15.31 17.57
C THR D 271 -2.78 14.39 18.50
N VAL D 272 -3.77 13.67 17.98
CA VAL D 272 -4.53 12.73 18.81
C VAL D 272 -3.62 11.62 19.33
N LEU D 273 -2.82 11.03 18.44
CA LEU D 273 -1.91 9.97 18.87
C LEU D 273 -0.89 10.50 19.86
N ARG D 274 -0.26 11.63 19.54
CA ARG D 274 0.73 12.21 20.42
C ARG D 274 0.15 12.45 21.81
N ASN D 275 -0.98 13.15 21.87
CA ASN D 275 -1.57 13.47 23.17
C ASN D 275 -1.94 12.21 23.92
N MET D 276 -2.71 11.32 23.28
CA MET D 276 -3.29 10.20 24.00
C MET D 276 -2.25 9.12 24.29
N LEU D 277 -1.05 9.23 23.71
CA LEU D 277 0.00 8.26 23.99
C LEU D 277 1.07 8.80 24.94
N VAL D 278 1.55 10.02 24.75
CA VAL D 278 2.67 10.54 25.52
C VAL D 278 2.28 11.63 26.49
N ARG D 279 1.00 12.03 26.53
CA ARG D 279 0.58 13.05 27.47
C ARG D 279 -0.71 12.70 28.20
N THR D 280 -1.36 11.61 27.86
CA THR D 280 -2.61 11.30 28.54
C THR D 280 -2.64 9.90 29.15
N HIS D 281 -2.11 8.90 28.46
CA HIS D 281 -2.20 7.52 28.91
C HIS D 281 -0.86 6.81 28.83
N MET D 282 0.22 7.53 29.11
CA MET D 282 1.53 6.90 29.16
C MET D 282 1.60 5.82 30.23
N GLN D 283 0.77 5.93 31.27
CA GLN D 283 0.83 5.02 32.39
C GLN D 283 -0.44 4.19 32.58
N ASP D 284 -1.56 4.62 32.01
CA ASP D 284 -2.71 3.73 31.93
C ASP D 284 -2.37 2.50 31.09
N LEU D 285 -1.58 2.69 30.04
CA LEU D 285 -1.10 1.56 29.24
C LEU D 285 -0.25 0.62 30.07
N LYS D 286 0.65 1.18 30.90
CA LYS D 286 1.45 0.34 31.77
C LYS D 286 0.58 -0.41 32.77
N ASP D 287 -0.44 0.27 33.30
CA ASP D 287 -1.32 -0.35 34.27
C ASP D 287 -2.08 -1.51 33.65
N VAL D 288 -2.58 -1.34 32.43
CA VAL D 288 -3.36 -2.44 31.82
C VAL D 288 -2.44 -3.57 31.39
N THR D 289 -1.22 -3.26 30.94
CA THR D 289 -0.29 -4.33 30.60
C THR D 289 0.07 -5.15 31.82
N ASN D 290 0.28 -4.50 32.97
CA ASN D 290 0.60 -5.23 34.19
C ASN D 290 -0.64 -5.89 34.81
N ASN D 291 -1.83 -5.41 34.48
CA ASN D 291 -3.05 -5.77 35.19
C ASN D 291 -3.84 -6.91 34.54
N VAL D 292 -3.84 -7.02 33.21
CA VAL D 292 -4.56 -8.08 32.53
C VAL D 292 -3.65 -8.90 31.62
N HIS D 293 -2.82 -8.23 30.81
CA HIS D 293 -1.93 -8.95 29.92
C HIS D 293 -0.83 -9.67 30.66
N TYR D 294 -0.67 -9.41 31.96
CA TYR D 294 0.42 -10.01 32.71
C TYR D 294 -0.03 -11.23 33.49
N GLU D 295 -1.09 -11.09 34.30
CA GLU D 295 -1.59 -12.22 35.06
C GLU D 295 -2.25 -13.27 34.15
N ASN D 296 -2.86 -12.84 33.05
CA ASN D 296 -3.32 -13.82 32.07
C ASN D 296 -2.15 -14.64 31.54
N TYR D 297 -0.98 -14.02 31.44
CA TYR D 297 0.23 -14.76 31.12
C TYR D 297 0.75 -15.52 32.34
N ARG D 298 0.54 -14.97 33.54
CA ARG D 298 0.98 -15.65 34.75
C ARG D 298 0.08 -16.83 35.10
N SER D 299 -1.23 -16.66 34.98
CA SER D 299 -2.15 -17.76 35.29
C SER D 299 -1.93 -18.93 34.35
N LYS D 300 -1.72 -18.66 33.06
CA LYS D 300 -1.46 -19.73 32.11
C LYS D 300 -0.13 -20.43 32.42
N LYS D 301 0.90 -19.65 32.76
CA LYS D 301 2.21 -20.24 33.02
C LYS D 301 2.21 -21.02 34.33
N LEU D 302 1.65 -20.44 35.39
CA LEU D 302 1.72 -21.09 36.70
C LEU D 302 0.85 -22.34 36.76
N SER D 303 -0.31 -22.31 36.11
CA SER D 303 -1.13 -23.51 36.04
C SER D 303 -0.42 -24.59 35.24
N SER D 304 0.30 -24.20 34.18
CA SER D 304 1.07 -25.17 33.41
C SER D 304 2.20 -25.77 34.26
N VAL D 305 2.86 -24.96 35.06
CA VAL D 305 3.95 -25.44 35.90
C VAL D 305 3.39 -26.26 37.06
N SER E 27 14.37 17.13 22.88
CA SER E 27 15.11 18.21 22.27
C SER E 27 14.71 18.26 20.86
N GLY E 28 14.18 19.37 20.43
CA GLY E 28 13.67 19.63 19.10
C GLY E 28 12.53 20.48 19.54
N HIS E 29 11.87 20.10 20.66
CA HIS E 29 10.70 20.78 21.24
C HIS E 29 10.18 20.04 22.48
N VAL E 30 8.99 20.30 23.03
CA VAL E 30 8.53 19.78 24.35
C VAL E 30 7.81 18.44 24.46
N GLY E 31 7.10 18.28 25.61
CA GLY E 31 6.25 17.08 25.89
C GLY E 31 6.66 16.20 27.07
N PHE E 32 5.88 15.17 27.47
CA PHE E 32 6.33 14.15 28.45
C PHE E 32 6.58 14.65 29.86
N ASP E 33 6.15 15.82 30.29
CA ASP E 33 6.16 16.40 31.64
C ASP E 33 4.99 15.95 32.49
N SER E 34 4.00 15.28 31.91
CA SER E 34 2.80 14.89 32.62
C SER E 34 2.89 13.49 33.23
N LEU E 35 4.03 12.82 33.10
CA LEU E 35 4.18 11.49 33.70
C LEU E 35 4.01 11.50 35.22
N PRO E 36 4.68 12.37 35.98
CA PRO E 36 4.41 12.40 37.43
C PRO E 36 2.96 12.75 37.73
N ASP E 37 2.36 13.60 36.90
CA ASP E 37 0.95 13.91 37.07
C ASP E 37 0.09 12.67 36.90
N GLN E 38 0.42 11.82 35.92
CA GLN E 38 -0.36 10.61 35.73
C GLN E 38 -0.19 9.63 36.89
N LEU E 39 1.05 9.48 37.40
CA LEU E 39 1.21 8.73 38.65
C LEU E 39 0.33 9.28 39.76
N VAL E 40 0.33 10.60 39.93
CA VAL E 40 -0.44 11.21 41.03
C VAL E 40 -1.92 10.91 40.86
N ASN E 41 -2.45 11.09 39.65
CA ASN E 41 -3.86 10.88 39.44
C ASN E 41 -4.26 9.43 39.66
N LYS E 42 -3.47 8.49 39.14
CA LYS E 42 -3.84 7.09 39.32
C LYS E 42 -3.75 6.67 40.78
N ALA E 43 -2.72 7.11 41.49
CA ALA E 43 -2.59 6.77 42.90
C ALA E 43 -3.72 7.39 43.72
N THR E 44 -4.09 8.64 43.43
CA THR E 44 -5.19 9.27 44.15
C THR E 44 -6.50 8.53 43.89
N ASN E 45 -6.74 8.13 42.64
CA ASN E 45 -7.96 7.40 42.34
C ASN E 45 -7.99 6.07 43.06
N GLN E 46 -6.85 5.37 43.13
CA GLN E 46 -6.82 4.06 43.78
C GLN E 46 -7.12 4.13 45.27
N GLY E 47 -6.78 5.23 45.92
CA GLY E 47 -7.03 5.36 47.36
C GLY E 47 -5.80 5.09 48.19
N PHE E 48 -5.56 5.91 49.22
CA PHE E 48 -4.37 5.76 50.04
C PHE E 48 -4.69 5.00 51.32
N CYS E 49 -3.71 4.24 51.81
CA CYS E 49 -3.88 3.44 53.01
C CYS E 49 -2.64 3.58 53.89
N PHE E 50 -2.84 3.93 55.15
CA PHE E 50 -1.75 4.07 56.11
C PHE E 50 -2.09 3.30 57.37
N ASN E 51 -1.12 2.56 57.90
CA ASN E 51 -1.29 1.81 59.13
C ASN E 51 -0.28 2.27 60.17
N ILE E 52 -0.77 2.56 61.37
CA ILE E 52 0.04 3.09 62.45
C ILE E 52 -0.12 2.19 63.67
N LEU E 53 1.00 1.76 64.22
CA LEU E 53 1.02 0.92 65.41
C LEU E 53 1.39 1.78 66.61
N CYS E 54 0.49 1.85 67.59
CA CYS E 54 0.62 2.71 68.74
C CYS E 54 1.06 1.87 69.93
N ILE E 55 2.31 2.03 70.34
CA ILE E 55 2.85 1.21 71.42
C ILE E 55 3.25 2.12 72.57
N GLY E 56 2.68 1.86 73.73
CA GLY E 56 3.03 2.59 74.93
C GLY E 56 2.21 2.07 76.08
N GLU E 57 2.77 2.26 77.28
CA GLU E 57 2.08 1.83 78.49
C GLU E 57 0.76 2.57 78.63
N THR E 58 -0.23 1.88 79.20
CA THR E 58 -1.58 2.43 79.28
C THR E 58 -1.60 3.72 80.08
N GLY E 59 -2.24 4.74 79.53
CA GLY E 59 -2.32 6.03 80.18
C GLY E 59 -1.31 7.05 79.69
N LEU E 60 -0.43 6.69 78.77
CA LEU E 60 0.61 7.60 78.32
C LEU E 60 0.08 8.64 77.34
N GLY E 61 -1.10 8.44 76.77
CA GLY E 61 -1.69 9.39 75.86
C GLY E 61 -1.82 8.95 74.43
N LYS E 62 -1.78 7.65 74.15
CA LYS E 62 -1.76 7.18 72.77
C LYS E 62 -3.04 7.54 72.04
N SER E 63 -4.19 7.18 72.61
CA SER E 63 -5.46 7.59 72.02
C SER E 63 -5.59 9.09 72.00
N THR E 64 -5.16 9.76 73.07
CA THR E 64 -5.21 11.22 73.08
C THR E 64 -4.28 11.82 72.04
N LEU E 65 -3.06 11.29 71.92
CA LEU E 65 -2.14 11.90 70.97
C LEU E 65 -2.62 11.70 69.54
N MET E 66 -3.27 10.58 69.25
CA MET E 66 -3.75 10.36 67.89
C MET E 66 -5.21 10.76 67.68
N ASN E 67 -5.86 11.30 68.69
CA ASN E 67 -6.97 12.23 68.43
C ASN E 67 -6.44 13.62 68.14
N THR E 68 -5.31 13.98 68.75
CA THR E 68 -4.63 15.24 68.46
C THR E 68 -4.09 15.26 67.03
N LEU E 69 -3.46 14.17 66.63
CA LEU E 69 -2.68 14.14 65.39
C LEU E 69 -3.57 14.26 64.17
N PHE E 70 -4.72 13.60 64.18
CA PHE E 70 -5.62 13.58 63.04
C PHE E 70 -6.86 14.43 63.26
N ASN E 71 -6.89 15.24 64.33
CA ASN E 71 -7.90 16.27 64.56
C ASN E 71 -9.31 15.73 64.67
N THR E 72 -9.46 14.44 64.99
CA THR E 72 -10.77 13.82 65.08
C THR E 72 -10.80 12.88 66.28
N ASN E 73 -12.02 12.45 66.63
CA ASN E 73 -12.25 11.70 67.86
C ASN E 73 -12.25 10.20 67.56
N PHE E 74 -11.11 9.56 67.78
CA PHE E 74 -11.00 8.10 67.71
C PHE E 74 -11.11 7.47 69.10
N GLU E 75 -12.24 7.68 69.77
CA GLU E 75 -12.43 7.10 71.10
C GLU E 75 -12.44 5.58 71.02
N ASN E 76 -11.67 4.95 71.91
CA ASN E 76 -11.48 3.51 71.84
C ASN E 76 -11.47 2.83 73.20
N GLU E 77 -12.21 3.39 74.18
CA GLU E 77 -12.38 2.83 75.52
C GLU E 77 -11.09 2.91 76.33
N PRO E 78 -11.11 3.48 77.52
CA PRO E 78 -9.85 3.75 78.24
C PRO E 78 -9.29 2.56 79.03
N GLN E 79 -9.26 1.37 78.42
CA GLN E 79 -8.53 0.20 78.91
C GLN E 79 -8.98 -0.32 80.26
N HIS E 80 -9.05 -1.65 80.39
CA HIS E 80 -9.11 -2.31 81.69
C HIS E 80 -7.68 -2.56 82.13
N HIS E 81 -7.28 -1.98 83.26
CA HIS E 81 -5.90 -2.10 83.74
C HIS E 81 -5.57 -3.50 84.19
N ASN E 82 -6.57 -4.37 84.28
CA ASN E 82 -6.38 -5.75 84.71
C ASN E 82 -6.61 -6.70 83.55
N MET E 83 -6.06 -6.35 82.39
CA MET E 83 -6.15 -7.21 81.23
C MET E 83 -5.34 -8.48 81.47
N PRO E 84 -5.95 -9.66 81.36
CA PRO E 84 -5.19 -10.90 81.61
C PRO E 84 -4.03 -11.12 80.67
N GLY E 85 -4.11 -10.62 79.44
CA GLY E 85 -3.02 -10.79 78.50
C GLY E 85 -2.86 -9.56 77.64
N VAL E 86 -1.64 -9.37 77.16
CA VAL E 86 -1.34 -8.28 76.24
C VAL E 86 -1.92 -8.62 74.87
N LYS E 87 -2.72 -7.70 74.33
CA LYS E 87 -3.42 -7.90 73.08
C LYS E 87 -3.32 -6.64 72.23
N LEU E 88 -3.96 -6.68 71.06
CA LEU E 88 -3.93 -5.58 70.12
C LEU E 88 -5.35 -5.27 69.68
N LYS E 89 -5.71 -3.99 69.70
CA LYS E 89 -7.00 -3.54 69.21
C LYS E 89 -6.74 -2.76 67.93
N ALA E 90 -7.17 -3.34 66.80
CA ALA E 90 -6.91 -2.75 65.49
C ALA E 90 -8.22 -2.22 64.95
N ASN E 91 -8.24 -0.93 64.60
CA ASN E 91 -9.42 -0.28 64.06
C ASN E 91 -9.06 0.40 62.75
N THR E 92 -10.05 0.51 61.86
CA THR E 92 -9.84 1.09 60.54
C THR E 92 -10.85 2.19 60.31
N TYR E 93 -10.37 3.35 59.86
CA TYR E 93 -11.21 4.52 59.63
C TYR E 93 -10.89 5.13 58.26
N GLU E 94 -11.78 6.01 57.81
CA GLU E 94 -11.63 6.71 56.55
C GLU E 94 -11.56 8.21 56.80
N LEU E 95 -10.53 8.86 56.26
CA LEU E 95 -10.37 10.30 56.36
C LEU E 95 -10.19 10.89 54.97
N GLN E 96 -10.51 12.16 54.83
CA GLN E 96 -10.50 12.83 53.54
C GLN E 96 -10.08 14.29 53.74
N GLU E 97 -9.12 14.74 52.93
CA GLU E 97 -8.68 16.13 52.98
C GLU E 97 -8.54 16.63 51.56
N SER E 98 -9.19 17.77 51.27
CA SER E 98 -9.24 18.30 49.91
C SER E 98 -9.81 17.25 48.97
N ASN E 99 -8.94 16.48 48.31
CA ASN E 99 -9.38 15.41 47.42
C ASN E 99 -8.62 14.10 47.63
N VAL E 100 -7.83 13.98 48.70
CA VAL E 100 -7.10 12.75 48.99
C VAL E 100 -7.84 11.99 50.08
N ARG E 101 -8.02 10.69 49.86
CA ARG E 101 -8.77 9.81 50.75
C ARG E 101 -7.84 8.73 51.28
N LEU E 102 -7.79 8.59 52.61
CA LEU E 102 -6.81 7.73 53.24
C LEU E 102 -7.49 6.91 54.32
N LYS E 103 -7.23 5.60 54.30
CA LYS E 103 -7.77 4.67 55.27
C LYS E 103 -6.71 4.35 56.31
N LEU E 104 -7.00 4.67 57.57
CA LEU E 104 -6.05 4.49 58.67
C LEU E 104 -6.36 3.19 59.39
N THR E 105 -5.34 2.38 59.57
CA THR E 105 -5.42 1.19 60.41
C THR E 105 -4.60 1.50 61.66
N ILE E 106 -5.27 1.98 62.69
CA ILE E 106 -4.63 2.29 63.96
C ILE E 106 -4.71 1.05 64.83
N VAL E 107 -3.55 0.50 65.18
CA VAL E 107 -3.47 -0.71 65.98
C VAL E 107 -2.84 -0.33 67.31
N ASP E 108 -3.66 -0.27 68.36
CA ASP E 108 -3.19 0.09 69.68
C ASP E 108 -2.80 -1.16 70.45
N SER E 109 -1.68 -1.10 71.17
CA SER E 109 -1.31 -2.19 72.06
C SER E 109 -2.08 -2.04 73.36
N VAL E 110 -3.06 -2.91 73.59
CA VAL E 110 -3.91 -2.85 74.77
C VAL E 110 -3.43 -3.90 75.76
N GLY E 111 -3.18 -3.48 76.99
CA GLY E 111 -2.61 -4.35 78.00
C GLY E 111 -1.10 -4.35 78.05
N PHE E 112 -0.44 -3.63 77.16
CA PHE E 112 1.02 -3.58 77.14
C PHE E 112 1.53 -2.88 78.39
N GLY E 113 2.44 -3.53 79.10
CA GLY E 113 3.06 -2.91 80.26
C GLY E 113 2.20 -2.82 81.49
N ASP E 114 1.09 -3.57 81.55
CA ASP E 114 0.23 -3.57 82.74
C ASP E 114 0.40 -4.80 83.61
N GLN E 115 0.73 -5.95 83.01
CA GLN E 115 0.85 -7.18 83.77
C GLN E 115 2.06 -7.13 84.71
N ILE E 116 2.10 -8.11 85.60
CA ILE E 116 3.32 -8.37 86.37
C ILE E 116 4.39 -8.96 85.47
N ASN E 117 4.01 -9.92 84.63
CA ASN E 117 4.93 -10.58 83.71
C ASN E 117 4.92 -9.79 82.42
N LYS E 118 6.07 -9.23 82.05
CA LYS E 118 6.21 -8.44 80.84
C LYS E 118 7.23 -9.01 79.87
N GLU E 119 7.78 -10.20 80.14
CA GLU E 119 8.70 -10.83 79.21
C GLU E 119 8.01 -11.25 77.91
N GLU E 120 6.68 -11.32 77.90
CA GLU E 120 5.90 -11.64 76.73
C GLU E 120 5.09 -10.44 76.23
N SER E 121 5.44 -9.24 76.67
CA SER E 121 4.63 -8.07 76.33
C SER E 121 4.64 -7.80 74.83
N PHE E 122 5.80 -7.93 74.19
CA PHE E 122 5.92 -7.56 72.79
C PHE E 122 5.59 -8.71 71.83
N LYS E 123 5.38 -9.92 72.33
CA LYS E 123 5.12 -11.05 71.45
C LYS E 123 3.86 -10.87 70.60
N PRO E 124 2.70 -10.49 71.15
CA PRO E 124 1.52 -10.31 70.28
C PRO E 124 1.71 -9.26 69.21
N VAL E 125 2.44 -8.18 69.50
CA VAL E 125 2.62 -7.11 68.52
C VAL E 125 3.45 -7.62 67.34
N VAL E 126 4.55 -8.30 67.63
CA VAL E 126 5.39 -8.86 66.57
C VAL E 126 4.62 -9.91 65.78
N GLU E 127 3.83 -10.73 66.47
CA GLU E 127 3.01 -11.71 65.79
C GLU E 127 2.00 -11.04 64.85
N TYR E 128 1.41 -9.93 65.30
CA TYR E 128 0.46 -9.21 64.45
C TYR E 128 1.13 -8.64 63.22
N ILE E 129 2.31 -8.04 63.39
CA ILE E 129 3.05 -7.49 62.25
C ILE E 129 3.35 -8.58 61.24
N ASN E 130 3.89 -9.70 61.72
CA ASN E 130 4.24 -10.79 60.81
C ASN E 130 3.01 -11.43 60.19
N GLN E 131 1.88 -11.46 60.91
CA GLN E 131 0.65 -11.97 60.33
C GLN E 131 0.18 -11.10 59.17
N GLN E 132 0.28 -9.77 59.31
CA GLN E 132 -0.09 -8.89 58.20
C GLN E 132 0.87 -9.07 57.02
N PHE E 133 2.17 -9.17 57.31
CA PHE E 133 3.14 -9.43 56.25
C PHE E 133 2.81 -10.72 55.51
N GLU E 134 2.42 -11.76 56.25
CA GLU E 134 2.10 -13.03 55.64
C GLU E 134 0.82 -12.95 54.83
N ASN E 135 -0.15 -12.16 55.28
CA ASN E 135 -1.34 -11.94 54.48
C ASN E 135 -0.97 -11.35 53.12
N TYR E 136 -0.16 -10.30 53.13
CA TYR E 136 0.29 -9.70 51.87
C TYR E 136 1.01 -10.72 50.99
N LEU E 137 2.03 -11.39 51.56
CA LEU E 137 2.85 -12.28 50.77
C LEU E 137 2.07 -13.49 50.27
N GLN E 138 1.06 -13.93 51.02
CA GLN E 138 0.25 -15.06 50.60
C GLN E 138 -0.73 -14.65 49.51
N GLU E 139 -1.25 -13.43 49.57
CA GLU E 139 -2.09 -12.97 48.47
C GLU E 139 -1.25 -12.75 47.21
N GLU E 140 0.04 -12.42 47.38
CA GLU E 140 0.90 -12.21 46.23
C GLU E 140 1.10 -13.50 45.43
N LEU E 141 1.32 -14.62 46.12
CA LEU E 141 1.70 -15.86 45.45
C LEU E 141 0.52 -16.62 44.86
N LYS E 142 -0.70 -16.17 45.09
CA LYS E 142 -1.87 -16.85 44.53
C LYS E 142 -1.89 -16.69 43.01
N ILE E 143 -2.35 -17.74 42.32
CA ILE E 143 -2.37 -17.71 40.86
C ILE E 143 -3.33 -16.65 40.35
N CYS E 144 -4.52 -16.59 40.93
CA CYS E 144 -5.53 -15.59 40.53
C CYS E 144 -5.43 -14.38 41.46
N ARG E 145 -4.23 -13.80 41.51
CA ARG E 145 -3.96 -12.69 42.40
C ARG E 145 -4.55 -11.39 41.85
N SER E 146 -4.80 -10.45 42.75
CA SER E 146 -5.36 -9.15 42.41
C SER E 146 -4.63 -8.05 43.15
N LEU E 147 -3.28 -8.07 43.08
CA LEU E 147 -2.47 -7.11 43.83
C LEU E 147 -2.82 -5.68 43.51
N PHE E 148 -3.38 -5.41 42.32
CA PHE E 148 -3.80 -4.06 42.00
C PHE E 148 -4.95 -3.60 42.88
N SER E 149 -5.90 -4.49 43.19
CA SER E 149 -7.07 -4.12 43.97
C SER E 149 -7.03 -4.63 45.41
N TYR E 150 -6.06 -5.48 45.76
CA TYR E 150 -6.03 -6.06 47.09
C TYR E 150 -5.56 -5.01 48.09
N HIS E 151 -6.09 -5.08 49.32
CA HIS E 151 -5.81 -4.08 50.34
C HIS E 151 -4.73 -4.60 51.28
N ASP E 152 -3.55 -3.98 51.22
CA ASP E 152 -2.48 -4.33 52.16
C ASP E 152 -2.85 -3.94 53.58
N THR E 153 -2.41 -4.76 54.53
CA THR E 153 -2.67 -4.54 55.94
C THR E 153 -1.38 -4.44 56.76
N ARG E 154 -0.25 -4.18 56.11
CA ARG E 154 1.01 -4.04 56.82
C ARG E 154 1.07 -2.69 57.54
N ILE E 155 1.72 -2.67 58.69
CA ILE E 155 1.86 -1.46 59.48
C ILE E 155 2.99 -0.62 58.89
N HIS E 156 2.69 0.65 58.60
CA HIS E 156 3.65 1.50 57.92
C HIS E 156 4.48 2.33 58.88
N ALA E 157 3.88 2.85 59.95
CA ALA E 157 4.62 3.62 60.92
C ALA E 157 4.26 3.18 62.33
N CYS E 158 5.25 3.15 63.21
CA CYS E 158 5.04 2.79 64.60
C CYS E 158 5.43 3.96 65.48
N LEU E 159 4.49 4.40 66.31
CA LEU E 159 4.72 5.47 67.27
C LEU E 159 4.95 4.84 68.65
N TYR E 160 6.14 5.04 69.19
CA TYR E 160 6.49 4.55 70.51
C TYR E 160 6.38 5.69 71.51
N PHE E 161 5.79 5.42 72.66
CA PHE E 161 5.62 6.42 73.70
C PHE E 161 6.61 6.16 74.82
N ILE E 162 7.47 7.14 75.08
CA ILE E 162 8.46 7.05 76.13
C ILE E 162 7.89 7.72 77.37
N SER E 163 7.96 7.03 78.50
CA SER E 163 7.47 7.60 79.75
C SER E 163 8.34 8.80 80.13
N PRO E 164 7.74 9.94 80.49
CA PRO E 164 8.54 11.13 80.86
C PRO E 164 9.17 10.97 82.24
N THR E 165 10.02 9.95 82.38
CA THR E 165 10.59 9.62 83.67
C THR E 165 11.59 10.66 84.14
N GLY E 166 12.42 11.18 83.25
CA GLY E 166 13.54 12.00 83.63
C GLY E 166 14.83 11.24 83.86
N HIS E 167 14.80 9.92 83.85
CA HIS E 167 15.99 9.12 84.10
C HIS E 167 16.50 8.41 82.85
N GLY E 168 15.72 8.37 81.79
CA GLY E 168 16.16 7.73 80.56
C GLY E 168 15.03 6.92 79.96
N LEU E 169 15.37 5.74 79.47
CA LEU E 169 14.41 4.79 78.93
C LEU E 169 14.41 3.53 79.77
N LYS E 170 13.23 3.02 80.08
CA LYS E 170 13.11 1.80 80.86
C LYS E 170 13.55 0.59 80.03
N SER E 171 13.74 -0.53 80.72
CA SER E 171 14.21 -1.74 80.05
C SER E 171 13.20 -2.24 79.05
N LEU E 172 11.91 -2.13 79.37
CA LEU E 172 10.87 -2.58 78.45
C LEU E 172 10.89 -1.77 77.17
N ASP E 173 11.15 -0.47 77.27
CA ASP E 173 11.21 0.37 76.06
C ASP E 173 12.35 -0.08 75.15
N LEU E 174 13.52 -0.32 75.73
CA LEU E 174 14.65 -0.81 74.94
C LEU E 174 14.34 -2.15 74.30
N LYS E 175 13.77 -3.07 75.08
CA LYS E 175 13.47 -4.39 74.54
C LYS E 175 12.48 -4.31 73.40
N THR E 176 11.42 -3.51 73.56
CA THR E 176 10.40 -3.43 72.52
C THR E 176 10.96 -2.77 71.25
N MET E 177 11.68 -1.66 71.41
CA MET E 177 12.24 -0.99 70.25
C MET E 177 13.22 -1.90 69.51
N LYS E 178 14.07 -2.62 70.24
CA LYS E 178 15.02 -3.52 69.61
C LYS E 178 14.30 -4.66 68.90
N ASN E 179 13.30 -5.27 69.55
CA ASN E 179 12.56 -6.37 68.95
C ASN E 179 11.67 -5.93 67.80
N LEU E 180 11.49 -4.62 67.61
CA LEU E 180 10.55 -4.12 66.60
C LEU E 180 11.19 -3.12 65.65
N ASP E 181 12.52 -2.95 65.69
CA ASP E 181 13.16 -1.95 64.85
C ASP E 181 13.24 -2.35 63.38
N ASN E 182 13.37 -3.65 63.10
CA ASN E 182 13.56 -4.11 61.73
C ASN E 182 12.26 -4.48 61.05
N LYS E 183 11.12 -4.32 61.71
CA LYS E 183 9.83 -4.71 61.17
C LYS E 183 8.94 -3.54 60.79
N VAL E 184 9.18 -2.36 61.36
CA VAL E 184 8.36 -1.20 61.09
C VAL E 184 9.15 0.02 61.53
N ASN E 185 8.83 1.17 60.97
CA ASN E 185 9.56 2.39 61.25
C ASN E 185 9.17 2.93 62.64
N ILE E 186 10.17 3.29 63.44
CA ILE E 186 9.94 3.83 64.78
C ILE E 186 10.40 5.29 64.83
N ILE E 187 9.50 6.17 65.23
CA ILE E 187 9.85 7.54 65.57
C ILE E 187 9.65 7.69 67.08
N PRO E 188 10.72 7.73 67.86
CA PRO E 188 10.55 7.85 69.32
C PRO E 188 9.86 9.15 69.68
N VAL E 189 8.89 9.06 70.59
CA VAL E 189 8.06 10.18 70.99
C VAL E 189 7.99 10.21 72.51
N ILE E 190 8.19 11.38 73.09
CA ILE E 190 8.08 11.55 74.54
C ILE E 190 6.64 11.93 74.84
N ALA E 191 5.94 11.08 75.58
CA ALA E 191 4.55 11.30 75.92
C ALA E 191 4.44 12.07 77.22
N LYS E 192 3.46 12.95 77.31
CA LYS E 192 3.31 13.87 78.44
C LYS E 192 4.60 14.62 78.70
N ALA E 193 5.15 15.20 77.63
CA ALA E 193 6.40 15.94 77.68
C ALA E 193 6.29 17.25 78.44
N ASP E 194 5.08 17.66 78.81
CA ASP E 194 4.85 18.93 79.48
C ASP E 194 5.19 18.88 80.96
N ILE E 195 5.98 17.90 81.40
CA ILE E 195 6.32 17.75 82.81
C ILE E 195 7.80 17.88 83.08
N VAL E 196 8.60 18.23 82.08
CA VAL E 196 10.06 18.33 82.23
C VAL E 196 10.49 19.76 81.91
N SER E 197 11.37 20.30 82.76
CA SER E 197 11.93 21.63 82.52
C SER E 197 12.94 21.56 81.37
N LYS E 198 13.20 22.72 80.78
CA LYS E 198 13.93 22.76 79.51
C LYS E 198 15.40 22.42 79.67
N GLY E 199 16.02 22.80 80.79
CA GLY E 199 17.35 22.26 81.07
C GLY E 199 17.29 20.75 81.25
N GLU E 200 16.32 20.30 82.05
CA GLU E 200 16.10 18.87 82.19
C GLU E 200 15.66 18.25 80.88
N LEU E 201 14.86 18.96 80.08
CA LEU E 201 14.42 18.41 78.81
C LEU E 201 15.59 18.20 77.87
N HIS E 202 16.51 19.17 77.80
CA HIS E 202 17.69 19.02 76.95
C HIS E 202 18.57 17.86 77.44
N LYS E 203 18.79 17.79 78.76
CA LYS E 203 19.61 16.71 79.30
C LYS E 203 18.97 15.36 79.02
N PHE E 204 17.65 15.28 79.17
CA PHE E 204 16.94 14.02 79.00
C PHE E 204 16.88 13.60 77.55
N LYS E 205 16.75 14.56 76.64
CA LYS E 205 16.82 14.28 75.20
C LYS E 205 18.20 13.77 74.80
N ILE E 206 19.25 14.45 75.27
CA ILE E 206 20.60 14.04 74.91
C ILE E 206 20.91 12.67 75.48
N LYS E 207 20.39 12.38 76.68
CA LYS E 207 20.54 11.05 77.25
C LYS E 207 19.80 10.00 76.43
N ILE E 208 18.61 10.34 75.93
CA ILE E 208 17.86 9.39 75.10
C ILE E 208 18.66 9.04 73.86
N MET E 209 19.16 10.07 73.16
CA MET E 209 19.88 9.77 71.93
C MET E 209 21.19 9.04 72.23
N ASN E 210 21.81 9.30 73.38
CA ASN E 210 23.00 8.54 73.76
C ASN E 210 22.66 7.07 73.99
N GLU E 211 21.57 6.76 74.70
CA GLU E 211 21.17 5.37 74.86
C GLU E 211 20.78 4.75 73.53
N LEU E 212 20.18 5.54 72.63
CA LEU E 212 19.81 5.01 71.33
C LEU E 212 21.04 4.63 70.51
N VAL E 213 22.04 5.50 70.46
CA VAL E 213 23.22 5.19 69.65
C VAL E 213 24.05 4.09 70.31
N THR E 214 24.17 4.12 71.64
CA THR E 214 25.00 3.12 72.33
C THR E 214 24.42 1.73 72.18
N ASN E 215 23.11 1.58 72.42
CA ASN E 215 22.45 0.31 72.15
C ASN E 215 22.34 0.02 70.66
N GLY E 216 22.56 1.01 69.81
CA GLY E 216 22.45 0.81 68.38
C GLY E 216 21.04 0.56 67.88
N VAL E 217 20.06 1.28 68.41
CA VAL E 217 18.69 1.16 67.94
C VAL E 217 18.55 1.91 66.62
N GLN E 218 18.06 1.23 65.59
CA GLN E 218 17.94 1.82 64.26
C GLN E 218 16.56 2.47 64.12
N ILE E 219 16.38 3.57 64.85
CA ILE E 219 15.17 4.35 64.73
C ILE E 219 15.08 4.99 63.34
N TYR E 220 13.88 5.44 62.99
CA TYR E 220 13.65 6.00 61.66
C TYR E 220 14.32 7.35 61.56
N GLN E 221 15.25 7.49 60.62
CA GLN E 221 15.94 8.75 60.42
C GLN E 221 15.41 9.47 59.18
N PHE E 222 15.59 10.78 59.17
CA PHE E 222 15.07 11.60 58.09
C PHE E 222 15.74 11.22 56.77
N PRO E 223 15.06 11.43 55.65
CA PRO E 223 15.66 11.14 54.35
C PRO E 223 16.80 12.11 54.06
N THR E 224 17.74 11.66 53.23
CA THR E 224 18.92 12.45 52.90
C THR E 224 18.99 12.87 51.43
N ASP E 225 18.45 12.07 50.51
CA ASP E 225 18.68 12.24 49.08
C ASP E 225 18.11 13.54 48.52
N ASP E 226 16.79 13.74 48.66
CA ASP E 226 16.10 14.84 48.00
C ASP E 226 16.71 16.20 48.33
N GLU E 227 17.25 16.88 47.33
CA GLU E 227 17.90 18.16 47.56
C GLU E 227 16.94 19.22 48.09
N THR E 228 15.64 19.00 47.97
CA THR E 228 14.67 20.02 48.36
C THR E 228 14.61 20.18 49.86
N VAL E 229 14.29 19.11 50.58
CA VAL E 229 14.04 19.19 52.02
C VAL E 229 14.96 18.24 52.78
N ALA E 230 15.35 17.15 52.11
CA ALA E 230 16.01 16.02 52.77
C ALA E 230 17.44 16.31 53.17
N GLU E 231 17.89 17.55 53.03
CA GLU E 231 19.11 17.95 53.70
C GLU E 231 18.79 18.93 54.81
N VAL E 232 18.16 20.05 54.47
CA VAL E 232 17.93 21.12 55.43
C VAL E 232 17.05 20.63 56.58
N ASN E 233 15.80 20.26 56.30
CA ASN E 233 14.92 19.87 57.40
C ASN E 233 15.41 18.58 58.04
N ALA E 234 15.88 17.64 57.22
CA ALA E 234 16.36 16.36 57.69
C ALA E 234 17.44 16.50 58.76
N SER E 235 18.53 17.20 58.43
CA SER E 235 19.63 17.34 59.38
C SER E 235 19.27 18.32 60.49
N MET E 236 18.45 19.34 60.20
CA MET E 236 18.06 20.28 61.24
C MET E 236 17.28 19.57 62.33
N ASN E 237 16.43 18.62 61.95
CA ASN E 237 15.69 17.84 62.92
C ASN E 237 16.57 16.71 63.46
N THR E 238 17.71 17.09 64.05
CA THR E 238 18.51 16.18 64.87
C THR E 238 18.05 16.19 66.32
N HIS E 239 16.80 16.60 66.55
CA HIS E 239 16.26 16.80 67.88
C HIS E 239 15.51 15.59 68.41
N LEU E 240 15.56 14.46 67.70
CA LEU E 240 14.87 13.27 68.15
C LEU E 240 15.42 12.81 69.50
N PRO E 241 14.55 12.28 70.38
CA PRO E 241 13.12 12.06 70.20
C PRO E 241 12.29 13.31 70.42
N PHE E 242 11.09 13.34 69.84
CA PHE E 242 10.23 14.51 69.93
C PHE E 242 9.58 14.55 71.29
N ALA E 243 9.59 15.72 71.90
CA ALA E 243 8.91 15.96 73.17
C ALA E 243 7.56 16.59 72.84
N VAL E 244 6.51 15.78 72.84
CA VAL E 244 5.19 16.23 72.40
C VAL E 244 4.18 15.98 73.51
N VAL E 245 3.08 16.73 73.45
CA VAL E 245 1.94 16.55 74.33
C VAL E 245 0.70 16.55 73.46
N GLY E 246 -0.40 16.04 74.01
CA GLY E 246 -1.65 15.96 73.28
C GLY E 246 -2.83 16.11 74.21
N SER E 247 -3.96 16.51 73.62
CA SER E 247 -5.22 16.63 74.33
C SER E 247 -6.31 16.91 73.31
N THR E 248 -7.54 17.06 73.82
CA THR E 248 -8.67 17.33 72.95
C THR E 248 -9.32 18.69 73.19
N GLU E 249 -8.94 19.40 74.25
CA GLU E 249 -9.55 20.69 74.54
C GLU E 249 -8.82 21.82 73.83
N GLU E 250 -9.60 22.73 73.26
CA GLU E 250 -9.06 23.91 72.57
C GLU E 250 -9.21 25.12 73.49
N ILE E 251 -8.09 25.72 73.86
CA ILE E 251 -8.07 26.87 74.76
C ILE E 251 -7.71 28.10 73.95
N LYS E 252 -8.24 29.24 74.39
CA LYS E 252 -8.07 30.50 73.68
C LYS E 252 -6.72 31.12 74.06
N LEU E 253 -5.81 31.19 73.10
CA LEU E 253 -4.55 31.89 73.27
C LEU E 253 -4.44 32.95 72.19
N GLY E 254 -4.13 34.18 72.59
CA GLY E 254 -4.17 35.30 71.67
C GLY E 254 -5.55 35.46 71.08
N ASN E 255 -5.70 35.11 69.80
CA ASN E 255 -7.00 35.12 69.14
C ASN E 255 -7.30 33.78 68.47
N LYS E 256 -6.73 32.69 68.97
CA LYS E 256 -6.91 31.39 68.34
C LYS E 256 -7.29 30.34 69.36
N MET E 257 -8.13 29.39 68.94
CA MET E 257 -8.54 28.26 69.77
C MET E 257 -7.49 27.16 69.62
N VAL E 258 -6.31 27.42 70.16
CA VAL E 258 -5.17 26.52 70.00
C VAL E 258 -5.31 25.39 71.00
N LYS E 259 -4.85 24.21 70.63
CA LYS E 259 -5.00 23.06 71.53
C LYS E 259 -3.94 23.12 72.62
N ALA E 260 -4.34 22.75 73.83
CA ALA E 260 -3.48 22.99 74.98
C ALA E 260 -3.89 22.09 76.14
N ARG E 261 -2.97 21.96 77.09
CA ARG E 261 -3.20 21.24 78.34
C ARG E 261 -3.22 22.23 79.49
N GLN E 262 -4.27 22.19 80.29
CA GLN E 262 -4.57 23.23 81.26
C GLN E 262 -4.07 22.79 82.63
N TYR E 263 -3.50 23.72 83.38
CA TYR E 263 -3.02 23.51 84.73
C TYR E 263 -3.39 24.72 85.57
N PRO E 264 -3.47 24.57 86.89
CA PRO E 264 -3.85 25.71 87.73
C PRO E 264 -2.92 26.90 87.58
N TRP E 265 -1.66 26.67 87.21
CA TRP E 265 -0.70 27.75 87.01
C TRP E 265 -0.52 28.12 85.55
N GLY E 266 -1.44 27.72 84.67
CA GLY E 266 -1.37 28.20 83.31
C GLY E 266 -1.86 27.25 82.23
N THR E 267 -1.32 27.42 81.03
CA THR E 267 -1.77 26.67 79.86
C THR E 267 -0.56 26.31 79.02
N VAL E 268 -0.44 25.02 78.69
CA VAL E 268 0.66 24.51 77.90
C VAL E 268 0.16 24.36 76.46
N GLN E 269 0.68 25.19 75.57
CA GLN E 269 0.24 25.17 74.18
C GLN E 269 1.04 24.16 73.37
N VAL E 270 0.38 23.56 72.39
CA VAL E 270 0.95 22.46 71.61
C VAL E 270 1.39 22.89 70.23
N GLU E 271 0.83 23.96 69.67
CA GLU E 271 1.20 24.43 68.35
C GLU E 271 2.34 25.44 68.37
N ASN E 272 2.89 25.73 69.54
CA ASN E 272 4.05 26.61 69.67
C ASN E 272 5.28 25.74 69.84
N GLU E 273 6.33 26.06 69.06
CA GLU E 273 7.53 25.21 69.05
C GLU E 273 8.24 25.21 70.40
N ASN E 274 8.32 26.37 71.05
CA ASN E 274 9.17 26.49 72.24
C ASN E 274 8.66 25.67 73.41
N HIS E 275 7.41 25.23 73.40
CA HIS E 275 6.91 24.40 74.48
C HIS E 275 7.08 22.91 74.19
N CYS E 276 6.66 22.46 73.02
CA CYS E 276 6.70 21.04 72.69
C CYS E 276 7.10 20.89 71.23
N ASP E 277 7.53 19.67 70.89
CA ASP E 277 7.98 19.33 69.54
C ASP E 277 6.92 18.56 68.77
N PHE E 278 5.64 18.89 68.98
CA PHE E 278 4.57 18.21 68.24
C PHE E 278 4.61 18.55 66.76
N VAL E 279 4.97 19.80 66.44
CA VAL E 279 4.99 20.24 65.06
C VAL E 279 5.92 19.37 64.23
N LYS E 280 7.11 19.08 64.76
CA LYS E 280 8.07 18.28 64.03
C LYS E 280 7.59 16.85 63.86
N LEU E 281 6.92 16.30 64.88
CA LEU E 281 6.38 14.96 64.78
C LEU E 281 5.34 14.88 63.66
N ARG E 282 4.47 15.88 63.58
CA ARG E 282 3.50 15.89 62.50
C ARG E 282 4.19 16.08 61.15
N GLU E 283 5.28 16.87 61.12
CA GLU E 283 6.02 17.09 59.88
C GLU E 283 6.64 15.80 59.35
N MET E 284 7.07 14.91 60.22
CA MET E 284 7.17 13.52 59.78
C MET E 284 5.85 12.91 59.30
N LEU E 285 4.93 12.68 60.23
CA LEU E 285 3.93 11.63 60.01
C LEU E 285 2.98 11.97 58.87
N VAL E 286 2.45 13.18 58.84
CA VAL E 286 1.36 13.47 57.92
C VAL E 286 1.76 14.46 56.83
N ARG E 287 2.91 15.12 56.95
CA ARG E 287 3.22 16.27 56.10
C ARG E 287 4.21 15.96 54.99
N VAL E 288 5.40 15.46 55.34
CA VAL E 288 6.52 15.46 54.42
C VAL E 288 6.99 14.05 54.07
N ASN E 289 7.02 13.14 55.03
CA ASN E 289 7.72 11.87 54.83
C ASN E 289 6.79 10.66 54.93
N MET E 290 5.51 10.83 54.63
CA MET E 290 4.59 9.70 54.72
C MET E 290 4.83 8.69 53.60
N GLU E 291 4.99 9.18 52.37
CA GLU E 291 5.29 8.28 51.27
C GLU E 291 6.65 7.62 51.43
N ASP E 292 7.60 8.32 52.04
CA ASP E 292 8.88 7.67 52.34
C ASP E 292 8.66 6.54 53.34
N LEU E 293 7.77 6.74 54.31
CA LEU E 293 7.46 5.67 55.25
C LEU E 293 6.86 4.47 54.54
N ARG E 294 5.90 4.70 53.63
CA ARG E 294 5.30 3.58 52.91
C ARG E 294 6.31 2.88 52.02
N GLU E 295 7.15 3.65 51.31
CA GLU E 295 8.12 3.06 50.41
C GLU E 295 9.18 2.28 51.18
N LYS E 296 9.54 2.74 52.37
CA LYS E 296 10.48 1.99 53.19
C LYS E 296 9.83 0.74 53.77
N THR E 297 8.54 0.80 54.09
CA THR E 297 7.84 -0.40 54.54
C THR E 297 7.83 -1.45 53.44
N HIS E 298 7.58 -1.04 52.20
CA HIS E 298 7.55 -2.00 51.11
C HIS E 298 8.93 -2.45 50.66
N THR E 299 9.95 -1.60 50.80
CA THR E 299 11.26 -1.87 50.23
C THR E 299 12.28 -2.33 51.24
N LYS E 300 12.23 -1.83 52.48
CA LYS E 300 13.23 -2.19 53.47
C LYS E 300 12.78 -3.29 54.42
N HIS E 301 11.53 -3.25 54.88
CA HIS E 301 11.03 -4.22 55.86
C HIS E 301 10.30 -5.39 55.21
N TYR E 302 9.35 -5.10 54.33
CA TYR E 302 8.64 -6.16 53.63
C TYR E 302 9.59 -7.00 52.81
N GLU E 303 10.55 -6.37 52.14
CA GLU E 303 11.50 -7.13 51.34
C GLU E 303 12.34 -8.04 52.22
N LEU E 304 12.72 -7.57 53.41
CA LEU E 304 13.47 -8.42 54.34
C LEU E 304 12.66 -9.62 54.77
N TYR E 305 11.41 -9.40 55.18
CA TYR E 305 10.56 -10.52 55.59
C TYR E 305 10.32 -11.47 54.43
N ARG E 306 10.09 -10.94 53.24
CA ARG E 306 9.81 -11.77 52.08
C ARG E 306 11.01 -12.62 51.71
N ARG E 307 12.20 -12.04 51.73
CA ARG E 307 13.41 -12.80 51.47
C ARG E 307 13.59 -13.90 52.51
N SER E 308 13.42 -13.56 53.79
CA SER E 308 13.60 -14.56 54.85
C SER E 308 12.58 -15.69 54.72
N LYS E 309 11.32 -15.35 54.45
CA LYS E 309 10.28 -16.36 54.36
C LYS E 309 10.49 -17.25 53.15
N LEU E 310 10.74 -16.66 51.98
CA LEU E 310 10.93 -17.44 50.78
C LEU E 310 12.19 -18.30 50.87
N THR E 311 13.18 -17.87 51.64
CA THR E 311 14.32 -18.74 51.91
C THR E 311 13.94 -19.87 52.87
N GLU E 312 13.07 -19.57 53.85
CA GLU E 312 12.62 -20.59 54.78
C GLU E 312 11.75 -21.63 54.08
N MET E 313 10.78 -21.18 53.30
CA MET E 313 9.85 -22.09 52.64
C MET E 313 10.50 -22.81 51.45
N GLY E 314 11.65 -22.34 50.99
CA GLY E 314 12.33 -22.98 49.89
C GLY E 314 12.81 -22.01 48.82
N GLU F 118 11.71 10.49 117.08
CA GLU F 118 12.19 9.68 115.97
C GLU F 118 11.07 9.42 114.97
N PHE F 119 11.44 9.15 113.72
CA PHE F 119 10.47 8.90 112.66
C PHE F 119 11.17 8.24 111.48
N THR F 120 10.55 7.18 110.96
CA THR F 120 11.06 6.47 109.79
C THR F 120 10.15 6.78 108.61
N LEU F 121 10.58 7.70 107.75
CA LEU F 121 9.84 8.08 106.56
C LEU F 121 10.43 7.34 105.37
N MET F 122 9.71 6.34 104.86
CA MET F 122 10.10 5.65 103.65
C MET F 122 9.09 5.98 102.56
N VAL F 123 9.58 6.20 101.35
CA VAL F 123 8.74 6.44 100.18
C VAL F 123 8.86 5.22 99.28
N ALA F 124 7.71 4.70 98.85
CA ALA F 124 7.64 3.47 98.06
C ALA F 124 6.89 3.73 96.77
N GLY F 125 7.29 3.02 95.71
CA GLY F 125 6.62 3.16 94.43
C GLY F 125 7.54 2.72 93.31
N GLU F 126 7.18 3.18 92.11
CA GLU F 126 7.96 2.90 90.90
C GLU F 126 9.26 3.70 90.92
N SER F 127 10.00 3.68 89.83
CA SER F 127 11.22 4.48 89.74
C SER F 127 11.02 5.62 88.76
N GLY F 128 11.52 6.79 89.15
CA GLY F 128 11.50 7.95 88.29
C GLY F 128 10.30 8.86 88.44
N LEU F 129 9.58 8.78 89.56
CA LEU F 129 8.46 9.68 89.80
C LEU F 129 8.87 10.90 90.60
N GLY F 130 10.16 11.11 90.83
CA GLY F 130 10.63 12.30 91.48
C GLY F 130 10.65 12.28 93.00
N LYS F 131 10.27 11.16 93.62
CA LYS F 131 10.04 11.15 95.07
C LYS F 131 11.26 11.59 95.85
N SER F 132 12.47 11.41 95.30
CA SER F 132 13.66 11.92 95.97
C SER F 132 13.62 13.43 96.07
N THR F 133 13.16 14.10 95.01
CA THR F 133 13.08 15.56 95.02
C THR F 133 12.07 16.05 96.06
N LEU F 134 10.91 15.40 96.15
CA LEU F 134 9.94 15.78 97.17
C LEU F 134 10.46 15.48 98.58
N VAL F 135 11.26 14.42 98.74
CA VAL F 135 11.86 14.15 100.04
C VAL F 135 12.83 15.27 100.42
N ASN F 136 13.69 15.69 99.49
CA ASN F 136 14.63 16.76 99.78
C ASN F 136 13.92 18.09 99.99
N SER F 137 12.78 18.30 99.34
CA SER F 137 12.04 19.54 99.48
C SER F 137 11.19 19.58 100.74
N LEU F 138 10.78 18.42 101.25
CA LEU F 138 9.81 18.38 102.34
C LEU F 138 10.36 19.04 103.59
N PHE F 139 11.62 18.76 103.93
CA PHE F 139 12.20 19.24 105.17
C PHE F 139 13.17 20.40 104.95
N LEU F 140 13.18 20.97 103.74
CA LEU F 140 13.98 22.14 103.40
C LEU F 140 15.47 21.94 103.65
N THR F 141 15.94 20.69 103.69
CA THR F 141 17.34 20.41 103.94
C THR F 141 17.88 19.38 102.96
N ASP F 163 18.83 1.56 100.90
CA ASP F 163 19.12 2.99 100.97
C ASP F 163 18.33 3.65 102.10
N ALA F 164 19.03 4.44 102.92
CA ALA F 164 18.40 5.09 104.05
C ALA F 164 19.17 6.34 104.47
N SER F 165 18.55 7.17 105.30
CA SER F 165 19.21 8.38 105.80
C SER F 165 18.57 8.84 107.10
N THR F 166 19.35 8.91 108.17
CA THR F 166 18.86 9.34 109.48
C THR F 166 19.27 10.79 109.69
N VAL F 167 18.45 11.70 109.18
CA VAL F 167 18.74 13.13 109.29
C VAL F 167 17.89 13.77 110.36
N LEU F 176 14.36 16.51 115.49
CA LEU F 176 13.86 15.14 115.49
C LEU F 176 14.73 14.24 114.60
N ARG F 177 14.90 12.99 115.03
CA ARG F 177 15.70 12.03 114.27
C ARG F 177 14.82 11.43 113.18
N LEU F 178 14.86 12.03 112.00
CA LEU F 178 14.07 11.60 110.86
C LEU F 178 14.85 10.56 110.07
N THR F 179 14.34 9.33 110.02
CA THR F 179 14.99 8.23 109.31
C THR F 179 14.34 8.10 107.94
N VAL F 180 14.92 8.77 106.95
CA VAL F 180 14.39 8.71 105.59
C VAL F 180 14.87 7.42 104.93
N VAL F 181 13.94 6.69 104.32
CA VAL F 181 14.30 5.51 103.55
C VAL F 181 13.84 5.71 102.11
N ASP F 182 14.73 6.22 101.27
CA ASP F 182 14.43 6.42 99.85
C ASP F 182 14.54 5.06 99.18
N THR F 183 13.41 4.33 99.15
CA THR F 183 13.43 2.98 98.63
C THR F 183 13.78 2.98 97.15
N PRO F 184 14.64 2.06 96.72
CA PRO F 184 14.98 1.97 95.30
C PRO F 184 13.73 1.68 94.48
N GLY F 185 13.44 2.58 93.54
CA GLY F 185 12.25 2.45 92.73
C GLY F 185 12.20 1.14 91.97
N TYR F 186 11.31 0.25 92.40
CA TYR F 186 11.17 -1.04 91.75
C TYR F 186 10.40 -0.89 90.43
N GLY F 187 10.34 -1.99 89.67
CA GLY F 187 9.68 -2.01 88.39
C GLY F 187 10.55 -1.66 87.20
N ASP F 188 11.80 -1.24 87.44
CA ASP F 188 12.70 -0.98 86.32
C ASP F 188 13.03 -2.24 85.52
N ALA F 189 12.89 -3.42 86.13
CA ALA F 189 13.12 -4.67 85.44
C ALA F 189 11.89 -5.08 84.63
N ILE F 190 12.10 -6.00 83.70
CA ILE F 190 11.00 -6.49 82.87
C ILE F 190 9.97 -7.22 83.73
N ASN F 191 10.44 -8.08 84.63
CA ASN F 191 9.57 -8.86 85.50
C ASN F 191 9.54 -8.24 86.89
N CYS F 192 8.35 -8.10 87.45
CA CYS F 192 8.16 -7.46 88.74
C CYS F 192 7.48 -8.38 89.75
N SER F 193 7.73 -9.69 89.65
CA SER F 193 7.19 -10.62 90.63
C SER F 193 7.92 -10.50 91.96
N ASP F 194 9.25 -10.43 91.93
CA ASP F 194 10.05 -10.37 93.14
C ASP F 194 10.40 -8.94 93.56
N CYS F 195 10.02 -7.94 92.76
CA CYS F 195 10.36 -6.56 93.10
C CYS F 195 9.68 -6.10 94.38
N TYR F 196 8.58 -6.74 94.76
CA TYR F 196 7.87 -6.38 95.97
C TYR F 196 8.57 -6.86 97.23
N LYS F 197 9.23 -8.02 97.18
CA LYS F 197 9.79 -8.65 98.38
C LYS F 197 10.73 -7.77 99.18
N PRO F 198 11.70 -7.05 98.58
CA PRO F 198 12.72 -6.35 99.41
C PRO F 198 12.18 -5.52 100.55
N ILE F 199 10.95 -5.01 100.44
CA ILE F 199 10.44 -4.10 101.46
C ILE F 199 9.82 -4.88 102.62
N ILE F 200 9.27 -6.06 102.36
CA ILE F 200 8.62 -6.81 103.43
C ILE F 200 9.62 -7.27 104.49
N GLN F 201 10.76 -7.85 104.08
CA GLN F 201 11.66 -8.34 105.10
C GLN F 201 12.33 -7.20 105.84
N TYR F 202 12.52 -6.05 105.17
CA TYR F 202 13.08 -4.88 105.83
C TYR F 202 12.19 -4.42 106.97
N ILE F 203 10.89 -4.29 106.69
CA ILE F 203 9.92 -4.02 107.75
C ILE F 203 9.73 -5.22 108.67
N ASP F 204 9.87 -6.44 108.14
CA ASP F 204 9.77 -7.61 109.02
C ASP F 204 10.96 -7.70 109.96
N ASP F 205 12.16 -7.45 109.45
CA ASP F 205 13.34 -7.41 110.31
C ASP F 205 13.27 -6.22 111.26
N GLN F 206 12.75 -5.09 110.79
CA GLN F 206 12.61 -3.91 111.64
C GLN F 206 11.83 -4.22 112.91
N PHE F 207 10.67 -4.86 112.75
CA PHE F 207 9.89 -5.24 113.92
C PHE F 207 10.61 -6.31 114.74
N GLU F 208 11.48 -7.09 114.10
CA GLU F 208 12.18 -8.16 114.80
C GLU F 208 13.19 -7.61 115.79
N ARG F 209 13.98 -6.61 115.39
CA ARG F 209 14.88 -5.98 116.36
C ARG F 209 14.08 -5.33 117.48
N TYR F 210 12.95 -4.71 117.13
CA TYR F 210 12.07 -4.14 118.15
C TYR F 210 11.57 -5.23 119.09
N LEU F 211 11.18 -6.39 118.55
CA LEU F 211 10.83 -7.51 119.39
C LEU F 211 12.04 -8.03 120.17
N HIS F 212 13.21 -8.03 119.55
CA HIS F 212 14.42 -8.50 120.22
C HIS F 212 15.02 -7.40 121.09
N ASP F 224 13.07 3.13 118.13
CA ASP F 224 11.84 3.10 117.34
C ASP F 224 12.14 3.27 115.87
N ASN F 225 12.71 2.24 115.26
CA ASN F 225 13.04 2.28 113.83
C ASN F 225 11.84 1.98 112.95
N ARG F 226 10.68 1.67 113.54
CA ARG F 226 9.52 1.24 112.77
C ARG F 226 9.08 2.33 111.80
N VAL F 227 8.59 1.90 110.64
CA VAL F 227 8.08 2.84 109.64
C VAL F 227 6.74 3.38 110.10
N HIS F 228 6.73 4.58 110.64
CA HIS F 228 5.48 5.20 111.06
C HIS F 228 4.63 5.58 109.86
N SER F 229 5.24 6.12 108.80
CA SER F 229 4.52 6.49 107.58
C SER F 229 5.07 5.68 106.41
N CYS F 230 4.21 4.89 105.77
CA CYS F 230 4.55 4.23 104.52
C CYS F 230 4.07 5.10 103.37
N PHE F 231 4.81 6.17 103.12
CA PHE F 231 4.56 7.01 101.95
C PHE F 231 4.56 6.16 100.69
N TYR F 232 3.41 6.03 100.04
CA TYR F 232 3.31 5.26 98.82
C TYR F 232 3.00 6.19 97.66
N PHE F 233 3.86 6.18 96.64
CA PHE F 233 3.72 7.05 95.49
C PHE F 233 3.17 6.24 94.32
N ILE F 234 1.92 6.51 93.97
CA ILE F 234 1.22 5.79 92.91
C ILE F 234 1.22 6.66 91.66
N SER F 235 1.54 6.04 90.52
CA SER F 235 1.92 6.77 89.32
C SER F 235 0.83 7.72 88.87
N SER F 236 1.24 8.90 88.42
CA SER F 236 0.32 9.86 87.84
C SER F 236 -0.06 9.54 86.41
N GLN F 237 0.73 8.69 85.74
CA GLN F 237 0.55 8.47 84.31
C GLN F 237 -0.69 7.64 83.99
N GLY F 238 -0.90 6.56 84.75
CA GLY F 238 -1.94 5.61 84.41
C GLY F 238 -3.32 6.04 84.84
N HIS F 239 -4.28 5.14 84.62
CA HIS F 239 -5.68 5.41 84.94
C HIS F 239 -6.03 5.08 86.38
N GLY F 240 -5.16 4.38 87.10
CA GLY F 240 -5.47 3.97 88.46
C GLY F 240 -4.40 3.09 89.04
N LEU F 241 -4.81 2.00 89.66
CA LEU F 241 -3.89 1.10 90.35
C LEU F 241 -3.43 0.00 89.40
N LYS F 242 -2.12 -0.15 89.26
CA LYS F 242 -1.58 -1.26 88.50
C LYS F 242 -1.78 -2.54 89.32
N PRO F 243 -1.72 -3.70 88.66
CA PRO F 243 -1.69 -4.95 89.44
C PRO F 243 -0.53 -5.00 90.42
N LEU F 244 0.61 -4.42 90.04
CA LEU F 244 1.75 -4.39 90.96
C LEU F 244 1.45 -3.57 92.20
N ASP F 245 0.92 -2.35 92.03
CA ASP F 245 0.62 -1.52 93.18
C ASP F 245 -0.46 -2.16 94.05
N ILE F 246 -1.48 -2.74 93.42
CA ILE F 246 -2.57 -3.31 94.21
C ILE F 246 -2.07 -4.52 94.99
N GLU F 247 -1.21 -5.34 94.38
CA GLU F 247 -0.68 -6.49 95.09
C GLU F 247 0.22 -6.05 96.24
N PHE F 248 1.02 -5.00 96.02
CA PHE F 248 1.93 -4.55 97.07
C PHE F 248 1.16 -3.95 98.25
N MET F 249 0.16 -3.13 97.95
CA MET F 249 -0.65 -2.54 99.01
C MET F 249 -1.43 -3.60 99.76
N LYS F 250 -1.95 -4.61 99.06
CA LYS F 250 -2.67 -5.68 99.73
C LYS F 250 -1.73 -6.54 100.58
N ALA F 251 -0.47 -6.68 100.16
CA ALA F 251 0.46 -7.51 100.91
C ALA F 251 1.18 -6.77 102.02
N LEU F 252 1.15 -5.44 102.04
CA LEU F 252 1.94 -4.69 103.01
C LEU F 252 1.14 -4.08 104.14
N HIS F 253 -0.13 -3.74 103.92
CA HIS F 253 -0.88 -2.97 104.91
C HIS F 253 -1.13 -3.75 106.19
N ASN F 254 -0.89 -5.07 106.20
CA ASN F 254 -1.03 -5.85 107.43
C ASN F 254 0.01 -5.45 108.47
N LYS F 255 1.12 -4.87 108.05
CA LYS F 255 2.23 -4.59 108.95
C LYS F 255 2.53 -3.11 109.13
N VAL F 256 2.71 -2.36 108.05
CA VAL F 256 3.21 -0.99 108.11
C VAL F 256 2.11 -0.02 107.67
N ASN F 257 2.01 1.09 108.38
CA ASN F 257 0.94 2.06 108.19
C ASN F 257 1.01 2.71 106.81
N ILE F 258 0.06 2.35 105.95
CA ILE F 258 0.05 2.76 104.55
C ILE F 258 -0.56 4.15 104.45
N VAL F 259 0.10 5.04 103.71
CA VAL F 259 -0.46 6.33 103.34
C VAL F 259 -0.25 6.52 101.84
N PRO F 260 -1.29 6.79 101.07
CA PRO F 260 -1.11 6.98 99.62
C PRO F 260 -0.90 8.44 99.23
N VAL F 261 0.04 8.70 98.34
CA VAL F 261 0.26 10.03 97.79
C VAL F 261 0.54 9.90 96.29
N LEU F 262 -0.08 10.77 95.50
CA LEU F 262 0.07 10.75 94.05
C LEU F 262 1.32 11.54 93.67
N SER F 263 2.26 10.88 93.03
CA SER F 263 3.49 11.54 92.60
C SER F 263 3.25 12.41 91.38
N LYS F 264 4.07 13.44 91.25
CA LYS F 264 4.05 14.33 90.08
C LYS F 264 2.65 14.87 89.82
N ALA F 265 2.08 15.52 90.83
CA ALA F 265 0.77 16.13 90.68
C ALA F 265 0.78 17.28 89.68
N ASP F 266 1.95 17.87 89.42
CA ASP F 266 2.04 18.95 88.44
C ASP F 266 1.90 18.45 87.02
N SER F 267 1.68 17.15 86.84
CA SER F 267 1.40 16.56 85.54
C SER F 267 -0.06 16.25 85.37
N LEU F 268 -0.94 16.77 86.22
CA LEU F 268 -2.31 16.32 86.22
C LEU F 268 -3.27 17.49 86.31
N THR F 269 -4.45 17.34 85.71
CA THR F 269 -5.52 18.33 85.79
C THR F 269 -6.42 18.05 86.99
N MET F 270 -7.10 19.09 87.45
CA MET F 270 -8.00 18.94 88.60
C MET F 270 -9.17 17.97 88.38
N PRO F 271 -9.91 17.97 87.27
CA PRO F 271 -10.95 16.94 87.13
C PRO F 271 -10.37 15.55 87.11
N GLU F 272 -9.18 15.38 86.53
CA GLU F 272 -8.61 14.05 86.48
C GLU F 272 -8.20 13.60 87.88
N VAL F 273 -7.61 14.50 88.68
CA VAL F 273 -7.17 14.06 90.00
C VAL F 273 -8.38 13.72 90.87
N LYS F 274 -9.48 14.45 90.69
CA LYS F 274 -10.72 14.03 91.34
C LYS F 274 -11.11 12.62 90.88
N ARG F 275 -11.05 12.37 89.57
CA ARG F 275 -11.39 11.06 89.04
C ARG F 275 -10.51 9.96 89.59
N LEU F 276 -9.19 10.21 89.64
CA LEU F 276 -8.25 9.21 90.11
C LEU F 276 -8.37 8.99 91.61
N LYS F 277 -8.71 10.03 92.36
CA LYS F 277 -8.98 9.84 93.78
C LYS F 277 -10.18 8.94 93.99
N ARG F 278 -11.26 9.16 93.23
CA ARG F 278 -12.42 8.31 93.40
C ARG F 278 -12.10 6.87 92.97
N ARG F 279 -11.35 6.71 91.89
CA ARG F 279 -11.03 5.35 91.44
C ARG F 279 -10.07 4.66 92.40
N ILE F 280 -9.14 5.41 93.00
CA ILE F 280 -8.23 4.85 93.98
C ILE F 280 -8.99 4.40 95.22
N LEU F 281 -9.98 5.19 95.66
CA LEU F 281 -10.77 4.80 96.81
C LEU F 281 -11.64 3.59 96.50
N GLU F 282 -12.19 3.55 95.28
CA GLU F 282 -12.98 2.39 94.88
C GLU F 282 -12.14 1.13 94.84
N GLU F 283 -10.92 1.23 94.31
CA GLU F 283 -10.05 0.06 94.24
C GLU F 283 -9.50 -0.34 95.60
N ILE F 284 -9.40 0.60 96.53
CA ILE F 284 -9.03 0.25 97.90
C ILE F 284 -10.18 -0.48 98.59
N ALA F 285 -11.39 0.04 98.46
CA ALA F 285 -12.53 -0.57 99.12
C ALA F 285 -12.86 -1.94 98.53
N ALA F 286 -12.75 -2.08 97.21
CA ALA F 286 -13.08 -3.35 96.57
C ALA F 286 -12.14 -4.45 97.02
N HIS F 287 -10.85 -4.15 97.14
CA HIS F 287 -9.87 -5.12 97.58
C HIS F 287 -9.63 -5.08 99.09
N GLU F 288 -10.61 -4.60 99.85
CA GLU F 288 -10.61 -4.59 101.33
C GLU F 288 -9.27 -4.12 101.90
N ILE F 289 -8.60 -3.20 101.21
CA ILE F 289 -7.35 -2.65 101.70
C ILE F 289 -7.64 -1.73 102.86
N GLN F 290 -6.96 -1.97 103.99
CA GLN F 290 -7.19 -1.17 105.21
C GLN F 290 -6.14 -0.06 105.28
N ILE F 291 -6.38 0.98 104.50
CA ILE F 291 -5.47 2.12 104.48
C ILE F 291 -5.69 2.99 105.71
N TYR F 292 -4.64 3.68 106.12
CA TYR F 292 -4.68 4.54 107.31
C TYR F 292 -5.77 5.60 107.22
N GLN F 293 -6.71 5.54 108.16
CA GLN F 293 -7.61 6.65 108.44
C GLN F 293 -7.07 7.39 109.66
N LEU F 294 -6.62 8.62 109.46
CA LEU F 294 -6.00 9.36 110.55
C LEU F 294 -7.03 9.70 111.62
N PRO F 295 -6.72 9.52 112.90
CA PRO F 295 -7.70 9.78 113.96
C PRO F 295 -7.73 11.25 114.35
N GLU F 304 -8.65 23.46 116.33
CA GLU F 304 -8.00 23.40 115.02
C GLU F 304 -7.59 21.97 114.68
N PHE F 305 -7.37 21.16 115.72
CA PHE F 305 -7.00 19.77 115.50
C PHE F 305 -8.11 18.99 114.82
N LYS F 306 -9.37 19.28 115.19
CA LYS F 306 -10.49 18.61 114.54
C LYS F 306 -10.59 19.00 113.07
N GLU F 307 -10.37 20.28 112.77
CA GLU F 307 -10.48 20.73 111.38
C GLU F 307 -9.44 20.08 110.49
N GLN F 308 -8.18 20.04 110.94
CA GLN F 308 -7.14 19.42 110.13
C GLN F 308 -7.36 17.92 110.01
N THR F 309 -7.90 17.29 111.05
CA THR F 309 -8.23 15.87 110.96
C THR F 309 -9.29 15.61 109.91
N ARG F 310 -10.32 16.45 109.85
CA ARG F 310 -11.39 16.25 108.89
C ARG F 310 -10.91 16.50 107.46
N CYS F 311 -10.11 17.55 107.25
CA CYS F 311 -9.63 17.84 105.90
C CYS F 311 -8.70 16.74 105.39
N LEU F 312 -7.84 16.22 106.26
CA LEU F 312 -6.94 15.15 105.86
C LEU F 312 -7.70 13.89 105.49
N LYS F 313 -8.78 13.59 106.24
CA LYS F 313 -9.61 12.44 105.91
C LYS F 313 -10.21 12.59 104.51
N GLU F 314 -10.69 13.79 104.17
CA GLU F 314 -11.28 14.01 102.86
C GLU F 314 -10.22 14.02 101.76
N SER F 315 -9.00 14.45 102.08
CA SER F 315 -7.98 14.67 101.06
C SER F 315 -7.20 13.41 100.72
N ILE F 316 -7.51 12.28 101.33
CA ILE F 316 -6.85 11.02 100.98
C ILE F 316 -7.28 10.58 99.59
N PRO F 317 -6.34 10.29 98.66
CA PRO F 317 -4.89 10.42 98.82
C PRO F 317 -4.38 11.80 98.42
N PHE F 318 -3.22 12.19 98.93
CA PHE F 318 -2.68 13.51 98.65
C PHE F 318 -1.99 13.54 97.30
N ALA F 319 -1.91 14.75 96.72
CA ALA F 319 -1.18 15.00 95.49
C ALA F 319 -0.14 16.07 95.78
N VAL F 320 1.13 15.74 95.58
CA VAL F 320 2.23 16.57 96.08
C VAL F 320 3.29 16.74 94.99
N VAL F 321 3.82 17.96 94.89
CA VAL F 321 4.92 18.27 93.99
C VAL F 321 6.16 18.57 94.84
N GLY F 322 7.33 18.42 94.21
CA GLY F 322 8.59 18.68 94.89
C GLY F 322 9.50 19.52 94.03
N SER F 323 10.51 20.11 94.67
CA SER F 323 11.45 20.98 94.00
C SER F 323 12.70 21.16 94.85
N THR F 324 13.86 21.09 94.20
CA THR F 324 15.15 21.24 94.88
C THR F 324 15.88 22.51 94.48
N GLN F 325 15.80 22.92 93.23
CA GLN F 325 16.51 24.10 92.77
C GLN F 325 15.80 25.38 93.21
N MET F 326 16.55 26.48 93.14
CA MET F 326 16.15 27.75 93.74
C MET F 326 15.76 28.70 92.60
N ILE F 327 14.62 29.39 92.76
CA ILE F 327 14.10 30.22 91.68
C ILE F 327 13.71 31.59 92.20
N GLU F 328 14.02 32.61 91.40
CA GLU F 328 13.56 33.99 91.62
C GLU F 328 12.23 34.19 90.90
N VAL F 329 11.16 33.62 91.46
CA VAL F 329 9.83 33.76 90.89
C VAL F 329 9.12 34.95 91.50
N LYS F 330 8.66 35.86 90.65
CA LYS F 330 7.77 36.96 91.06
C LYS F 330 8.40 37.81 92.17
N GLY F 331 9.72 37.67 92.35
CA GLY F 331 10.37 38.29 93.49
C GLY F 331 11.14 37.32 94.36
N LYS F 332 10.63 37.06 95.56
CA LYS F 332 11.35 36.34 96.59
C LYS F 332 11.91 35.01 96.10
N LYS F 333 13.13 34.70 96.54
CA LYS F 333 13.80 33.45 96.19
C LYS F 333 13.14 32.28 96.91
N VAL F 334 12.59 31.34 96.14
CA VAL F 334 11.85 30.21 96.73
C VAL F 334 12.21 28.89 96.05
N ARG F 335 11.67 27.80 96.59
CA ARG F 335 11.72 26.50 95.94
C ARG F 335 10.53 26.35 95.01
N GLY F 336 10.77 25.80 93.82
CA GLY F 336 9.69 25.65 92.85
C GLY F 336 10.23 25.04 91.58
N ARG F 337 9.44 25.18 90.53
CA ARG F 337 9.81 24.72 89.20
C ARG F 337 9.55 25.80 88.16
N LEU F 338 10.45 25.94 87.20
CA LEU F 338 10.30 26.91 86.13
C LEU F 338 9.85 26.17 84.88
N TYR F 339 8.75 26.63 84.28
CA TYR F 339 8.26 26.10 83.03
C TYR F 339 7.88 27.28 82.15
N PRO F 340 7.94 27.11 80.82
CA PRO F 340 7.54 28.20 79.93
C PRO F 340 6.09 28.61 80.11
N TRP F 341 5.26 27.77 80.71
CA TRP F 341 3.88 28.14 80.97
C TRP F 341 3.68 28.77 82.34
N GLY F 342 4.69 28.77 83.19
CA GLY F 342 4.54 29.34 84.51
C GLY F 342 5.45 28.67 85.52
N VAL F 343 5.28 29.08 86.77
CA VAL F 343 6.12 28.60 87.86
C VAL F 343 5.29 27.70 88.75
N VAL F 344 5.79 26.50 89.01
CA VAL F 344 5.18 25.55 89.92
C VAL F 344 5.65 25.95 91.31
N GLU F 345 4.73 26.43 92.14
CA GLU F 345 5.03 26.81 93.51
C GLU F 345 4.72 25.62 94.41
N VAL F 346 5.77 24.89 94.81
CA VAL F 346 5.58 23.74 95.67
C VAL F 346 5.02 24.15 97.02
N GLU F 347 5.44 25.32 97.51
CA GLU F 347 4.97 25.81 98.80
C GLU F 347 3.48 26.15 98.77
N ASN F 348 2.97 26.60 97.63
CA ASN F 348 1.63 27.17 97.58
C ASN F 348 0.60 26.05 97.78
N PRO F 349 -0.29 26.18 98.76
CA PRO F 349 -1.31 25.13 98.97
C PRO F 349 -2.23 24.94 97.78
N ASP F 350 -2.57 25.99 97.05
CA ASP F 350 -3.50 25.85 95.94
C ASP F 350 -2.91 25.08 94.77
N HIS F 351 -1.59 25.01 94.68
CA HIS F 351 -0.96 24.29 93.57
C HIS F 351 -0.95 22.78 93.83
N CYS F 352 -0.53 22.37 95.01
CA CYS F 352 -0.53 20.96 95.37
C CYS F 352 -0.61 20.84 96.88
N ASP F 353 -0.77 19.61 97.36
CA ASP F 353 -0.98 19.32 98.77
C ASP F 353 0.33 19.08 99.52
N PHE F 354 1.42 19.70 99.07
CA PHE F 354 2.69 19.61 99.77
C PHE F 354 2.54 20.05 101.23
N LEU F 355 1.93 21.21 101.44
CA LEU F 355 1.73 21.71 102.79
C LEU F 355 0.84 20.77 103.60
N LYS F 356 -0.21 20.24 102.98
CA LYS F 356 -1.11 19.33 103.69
C LYS F 356 -0.35 18.12 104.20
N LEU F 357 0.48 17.52 103.35
CA LEU F 357 1.28 16.37 103.73
C LEU F 357 2.25 16.71 104.87
N ARG F 358 3.00 17.80 104.69
CA ARG F 358 4.03 18.14 105.67
C ARG F 358 3.40 18.45 107.03
N THR F 359 2.32 19.23 107.03
CA THR F 359 1.63 19.53 108.28
C THR F 359 1.02 18.30 108.90
N MET F 360 0.47 17.38 108.09
CA MET F 360 -0.11 16.18 108.67
C MET F 360 0.95 15.37 109.39
N LEU F 361 2.11 15.18 108.75
CA LEU F 361 3.17 14.43 109.41
C LEU F 361 3.64 15.14 110.67
N ILE F 362 3.82 16.45 110.61
CA ILE F 362 4.31 17.20 111.76
C ILE F 362 3.34 17.07 112.93
N THR F 363 2.05 17.29 112.66
CA THR F 363 1.05 17.33 113.73
C THR F 363 0.70 15.95 114.26
N HIS F 364 0.79 14.91 113.45
CA HIS F 364 0.39 13.57 113.87
C HIS F 364 1.56 12.62 114.02
N MET F 365 2.79 13.13 114.15
CA MET F 365 3.92 12.26 114.40
C MET F 365 3.72 11.40 115.63
N GLN F 366 3.36 12.03 116.75
CA GLN F 366 3.18 11.28 118.00
C GLN F 366 2.01 10.31 117.92
N ASP F 367 0.89 10.73 117.32
CA ASP F 367 -0.24 9.82 117.15
C ASP F 367 0.16 8.64 116.28
N LEU F 368 0.98 8.89 115.27
CA LEU F 368 1.47 7.83 114.40
C LEU F 368 2.33 6.85 115.19
N GLN F 369 3.22 7.36 116.03
CA GLN F 369 4.05 6.48 116.84
C GLN F 369 3.20 5.61 117.76
N GLU F 370 2.28 6.25 118.50
CA GLU F 370 1.43 5.50 119.43
C GLU F 370 0.49 4.53 118.73
N VAL F 371 -0.06 4.89 117.57
CA VAL F 371 -0.96 4.00 116.87
C VAL F 371 -0.20 2.83 116.29
N THR F 372 0.99 3.09 115.74
CA THR F 372 1.85 2.02 115.26
C THR F 372 2.14 1.03 116.38
N HIS F 373 2.52 1.54 117.54
CA HIS F 373 2.75 0.66 118.69
C HIS F 373 1.48 -0.10 119.06
N ASP F 374 0.33 0.58 119.02
CA ASP F 374 -0.89 0.05 119.62
C ASP F 374 -1.78 -0.71 118.64
N LEU F 375 -1.79 -0.34 117.36
CA LEU F 375 -2.60 -1.07 116.39
C LEU F 375 -1.77 -1.97 115.48
N HIS F 376 -0.85 -1.40 114.71
CA HIS F 376 -0.11 -2.20 113.73
C HIS F 376 0.94 -3.08 114.39
N TYR F 377 1.66 -2.55 115.37
CA TYR F 377 2.61 -3.41 116.07
C TYR F 377 1.90 -4.38 116.99
N GLU F 378 0.82 -3.94 117.65
CA GLU F 378 0.16 -4.80 118.63
C GLU F 378 -0.58 -5.97 117.99
N ASN F 379 -1.30 -5.75 116.89
CA ASN F 379 -1.89 -6.91 116.22
C ASN F 379 -0.82 -7.80 115.62
N PHE F 380 0.35 -7.24 115.32
CA PHE F 380 1.47 -8.06 114.90
C PHE F 380 1.90 -8.99 116.03
N ARG F 381 1.91 -8.50 117.27
CA ARG F 381 2.12 -9.40 118.41
C ARG F 381 1.03 -10.46 118.47
N ALA F 382 -0.22 -10.07 118.21
CA ALA F 382 -1.30 -11.04 118.14
C ALA F 382 -1.05 -12.04 117.03
N ARG F 383 -0.62 -11.56 115.86
CA ARG F 383 -0.21 -12.45 114.79
C ARG F 383 1.04 -13.24 115.17
N ARG F 384 1.99 -12.61 115.85
CA ARG F 384 3.25 -13.27 116.22
C ARG F 384 3.01 -14.37 117.24
PB GDP G . -14.93 -10.07 -91.38
O1B GDP G . -16.18 -10.78 -91.82
O2B GDP G . -14.00 -11.03 -90.68
O3B GDP G . -14.24 -9.44 -92.57
O3A GDP G . -15.33 -8.90 -90.35
PA GDP G . -16.72 -8.13 -90.53
O1A GDP G . -16.88 -7.64 -91.96
O2A GDP G . -17.88 -9.02 -90.15
O5' GDP G . -16.59 -6.90 -89.52
C5' GDP G . -17.71 -6.48 -88.75
C4' GDP G . -17.36 -5.18 -88.05
O4' GDP G . -15.96 -4.93 -88.23
C3' GDP G . -18.12 -4.01 -88.64
O3' GDP G . -19.08 -3.52 -87.70
C2' GDP G . -17.07 -2.95 -88.93
O2' GDP G . -17.36 -1.76 -88.20
C1' GDP G . -15.75 -3.54 -88.49
N9 GDP G . -14.74 -3.39 -89.55
C8 GDP G . -14.70 -4.11 -90.69
N7 GDP G . -13.65 -3.73 -91.46
C5 GDP G . -13.00 -2.75 -90.81
C6 GDP G . -11.81 -1.91 -91.07
O6 GDP G . -11.15 -2.04 -92.11
N1 GDP G . -11.47 -1.00 -90.14
C2 GDP G . -12.17 -0.85 -89.00
N2 GDP G . -11.75 0.10 -88.13
N3 GDP G . -13.26 -1.58 -88.70
C4 GDP G . -13.72 -2.53 -89.56
PG GTP H . 5.68 -5.73 -76.56
O1G GTP H . 5.30 -4.90 -75.36
O2G GTP H . 6.73 -6.72 -76.13
O3G GTP H . 6.24 -4.84 -77.64
O3B GTP H . 4.36 -6.49 -77.09
PB GTP H . 2.87 -5.92 -76.94
O1B GTP H . 2.61 -5.54 -75.51
O2B GTP H . 1.85 -6.94 -77.38
O3A GTP H . 2.76 -4.61 -77.88
PA GTP H . 2.89 -3.13 -77.28
O1A GTP H . 4.34 -2.83 -76.99
O2A GTP H . 2.05 -2.95 -76.04
O5' GTP H . 2.41 -2.15 -78.45
C5' GTP H . 1.80 -2.63 -79.64
C4' GTP H . 1.88 -1.53 -80.67
O4' GTP H . 0.59 -0.99 -80.84
C3' GTP H . 2.77 -0.42 -80.16
O3' GTP H . 3.80 -0.18 -81.09
C2' GTP H . 1.90 0.81 -80.08
O2' GTP H . 2.49 1.87 -80.80
C1' GTP H . 0.59 0.42 -80.71
N9 GTP H . -0.53 0.82 -79.84
C8 GTP H . -0.48 1.00 -78.49
N7 GTP H . -1.70 1.36 -78.07
C5 GTP H . -2.54 1.41 -79.12
C6 GTP H . -3.88 1.72 -79.24
O6 GTP H . -4.53 2.03 -78.24
N1 GTP H . -4.48 1.69 -80.46
C2 GTP H . -3.75 1.36 -81.58
N2 GTP H . -4.33 1.32 -82.77
N3 GTP H . -2.42 1.04 -81.46
C4 GTP H . -1.81 1.08 -80.25
PB GDP I . -7.55 -1.62 -6.94
O1B GDP I . -6.15 -1.60 -7.47
O2B GDP I . -7.72 -2.85 -6.08
O3B GDP I . -8.54 -1.65 -8.08
O3A GDP I . -7.77 -0.31 -6.03
PA GDP I . -8.72 0.87 -6.51
O1A GDP I . -8.14 1.64 -7.67
O2A GDP I . -10.06 0.30 -6.88
O5' GDP I . -8.84 1.77 -5.18
C5' GDP I . -7.75 2.61 -4.80
C4' GDP I . -8.26 3.75 -3.94
O4' GDP I . -7.26 4.77 -3.94
C3' GDP I . -9.51 4.34 -4.54
O3' GDP I . -10.48 4.59 -3.53
C2' GDP I . -9.06 5.65 -5.18
O2' GDP I . -10.02 6.68 -4.92
C1' GDP I . -7.73 5.97 -4.54
N9 GDP I . -6.79 6.38 -5.60
C8 GDP I . -6.83 5.93 -6.87
N7 GDP I . -5.83 6.47 -7.60
C5 GDP I . -5.12 7.26 -6.79
C6 GDP I . -3.92 8.13 -6.93
O6 GDP I . -3.35 8.23 -8.03
N1 GDP I . -3.49 8.79 -5.86
C2 GDP I . -4.11 8.70 -4.67
N2 GDP I . -3.61 9.40 -3.63
N3 GDP I . -5.21 7.92 -4.46
C4 GDP I . -5.75 7.20 -5.47
PB GDP J . 9.68 3.85 7.21
O1B GDP J . 10.65 2.87 6.64
O2B GDP J . 8.33 3.19 7.30
O3B GDP J . 10.13 4.26 8.59
O3A GDP J . 9.56 5.15 6.27
PA GDP J . 10.50 6.44 6.48
O1A GDP J . 11.55 5.35 6.54
O2A GDP J . 11.54 7.11 5.62
O5' GDP J . 9.52 6.81 5.25
C5' GDP J . 10.00 6.90 3.90
C4' GDP J . 9.48 8.16 3.23
O4' GDP J . 8.07 8.26 3.41
C3' GDP J . 10.08 9.41 3.84
O3' GDP J . 11.06 9.97 2.97
C2' GDP J . 8.93 10.38 3.99
O2' GDP J . 9.13 11.51 3.13
C1' GDP J . 7.69 9.62 3.57
N9 GDP J . 6.67 9.74 4.63
C8 GDP J . 6.90 9.61 5.94
N7 GDP J . 5.75 9.77 6.64
C5 GDP J . 4.77 9.99 5.77
C6 GDP J . 3.31 10.22 5.83
O6 GDP J . 2.72 10.26 6.92
N1 GDP J . 2.65 10.40 4.67
C2 GDP J . 3.28 10.37 3.49
N2 GDP J . 2.56 10.55 2.37
N3 GDP J . 4.61 10.15 3.36
C4 GDP J . 5.39 9.96 4.44
PG GTP K . -6.08 3.86 74.73
O1G GTP K . -7.32 4.71 74.74
O2G GTP K . -5.26 4.12 73.49
O3G GTP K . -6.47 2.40 74.75
O3B GTP K . -5.21 4.18 76.05
PB GTP K . -4.47 5.59 76.27
O1B GTP K . -3.95 6.11 74.95
O2B GTP K . -3.34 5.40 77.24
O3A GTP K . -5.53 6.64 76.87
PA GTP K . -4.96 8.12 77.10
O1A GTP K . -4.75 8.75 75.76
O2A GTP K . -3.66 8.04 77.87
O5' GTP K . -6.03 8.99 77.93
C5' GTP K . -5.88 9.09 79.33
C4' GTP K . -5.90 10.53 79.83
O4' GTP K . -4.60 11.07 79.91
C3' GTP K . -6.68 11.46 78.94
O3' GTP K . -8.03 11.55 79.35
C2' GTP K . -5.99 12.80 79.12
O2' GTP K . -6.72 13.60 80.01
C1' GTP K . -4.63 12.46 79.73
N9 GTP K . -3.58 12.87 78.78
C8 GTP K . -3.38 12.31 77.55
N7 GTP K . -2.33 12.92 76.96
C5 GTP K . -1.86 13.86 77.80
C6 GTP K . -0.81 14.76 77.67
O6 GTP K . -0.13 14.78 76.65
N1 GTP K . -0.53 15.64 78.70
C2 GTP K . -1.31 15.62 79.84
N2 GTP K . -1.04 16.47 80.82
N3 GTP K . -2.35 14.72 79.95
C4 GTP K . -2.63 13.85 78.95
PB GDP L . 13.38 9.72 91.64
O1B GDP L . 14.82 9.26 91.70
O2B GDP L . 12.47 8.56 91.35
O3B GDP L . 12.99 10.35 92.95
O3A GDP L . 13.21 10.82 90.49
PA GDP L . 14.04 12.19 90.56
O1A GDP L . 13.74 12.93 91.82
O2A GDP L . 15.52 11.92 90.43
O5' GDP L . 13.51 12.99 89.27
C5' GDP L . 14.44 13.48 88.31
C4' GDP L . 13.79 14.64 87.59
O4' GDP L . 12.40 14.60 87.84
C3' GDP L . 14.31 15.96 88.12
O3' GDP L . 14.99 16.67 87.09
C2' GDP L . 13.08 16.73 88.56
O2' GDP L . 13.07 18.05 88.00
C1' GDP L . 11.91 15.93 88.04
N9 GDP L . 10.84 15.92 89.06
C8 GDP L . 10.94 15.51 90.32
N7 GDP L . 9.76 15.64 90.97
C5 GDP L . 8.88 16.14 90.10
C6 GDP L . 7.45 16.53 90.13
O6 GDP L . 6.76 16.40 91.16
N1 GDP L . 6.91 17.02 89.01
C2 GDP L . 7.62 17.16 87.87
N2 GDP L . 7.00 17.65 86.78
N3 GDP L . 8.92 16.83 87.77
C4 GDP L . 9.58 16.33 88.84
#